data_7TBR
# 
_entry.id   7TBR 
# 
_audit_conform.dict_name       mmcif_pdbx.dic 
_audit_conform.dict_version    5.380 
_audit_conform.dict_location   http://mmcif.pdb.org/dictionaries/ascii/mmcif_pdbx.dic 
# 
loop_
_database_2.database_id 
_database_2.database_code 
_database_2.pdbx_database_accession 
_database_2.pdbx_DOI 
PDB   7TBR         pdb_00007tbr 10.2210/pdb7tbr/pdb 
WWPDB D_1000261979 ?            ?                   
# 
loop_
_pdbx_database_related.db_name 
_pdbx_database_related.details 
_pdbx_database_related.db_id 
_pdbx_database_related.content_type 
PDB 'Related TPM domain' 5ANP unspecified 
PDB 'Related TPM domain' 4OA3 unspecified 
# 
_pdbx_database_status.status_code                     REL 
_pdbx_database_status.status_code_sf                  REL 
_pdbx_database_status.status_code_mr                  ? 
_pdbx_database_status.entry_id                        7TBR 
_pdbx_database_status.recvd_initial_deposition_date   2021-12-22 
_pdbx_database_status.SG_entry                        N 
_pdbx_database_status.deposit_site                    RCSB 
_pdbx_database_status.process_site                    RCSB 
_pdbx_database_status.status_code_cs                  ? 
_pdbx_database_status.status_code_nmr_data            ? 
_pdbx_database_status.methods_development_category    ? 
_pdbx_database_status.pdb_format_compatible           Y 
# 
loop_
_audit_author.name 
_audit_author.pdbx_ordinal 
_audit_author.identifier_ORCID 
'Pellizza, L.' 1 0000-0002-0950-6740 
'Klinke, S.'   2 0000-0002-8777-0870 
'Aran, M.'     3 0000-0002-4004-6295 
# 
_citation.abstract                  ? 
_citation.abstract_id_CAS           ? 
_citation.book_id_ISBN              ? 
_citation.book_publisher            ? 
_citation.book_publisher_city       ? 
_citation.book_title                ? 
_citation.coordinate_linkage        ? 
_citation.country                   ? 
_citation.database_id_Medline       ? 
_citation.details                   ? 
_citation.id                        primary 
_citation.journal_abbrev            'To be published' 
_citation.journal_id_ASTM           ? 
_citation.journal_id_CSD            0353 
_citation.journal_id_ISSN           ? 
_citation.journal_full              ? 
_citation.journal_issue             ? 
_citation.journal_volume            ? 
_citation.language                  ? 
_citation.page_first                ? 
_citation.page_last                 ? 
_citation.title                     'Crystal structure of the TPM domain from the Rhodothermus marinus protein Rhom172_1776' 
_citation.year                      ? 
_citation.database_id_CSD           ? 
_citation.pdbx_database_id_DOI      ? 
_citation.pdbx_database_id_PubMed   ? 
_citation.pdbx_database_id_patent   ? 
_citation.unpublished_flag          ? 
# 
loop_
_citation_author.citation_id 
_citation_author.name 
_citation_author.ordinal 
_citation_author.identifier_ORCID 
primary 'Pellizza, L.' 1 0000-0002-0950-6740 
primary 'Klinke, S.'   2 0000-0002-8777-0870 
primary 'Aran, M.'     3 0000-0002-4004-6295 
# 
_cell.angle_alpha                  90.00 
_cell.angle_alpha_esd              ? 
_cell.angle_beta                   118.15 
_cell.angle_beta_esd               ? 
_cell.angle_gamma                  90.00 
_cell.angle_gamma_esd              ? 
_cell.entry_id                     7TBR 
_cell.details                      ? 
_cell.formula_units_Z              ? 
_cell.length_a                     84.780 
_cell.length_a_esd                 ? 
_cell.length_b                     37.560 
_cell.length_b_esd                 ? 
_cell.length_c                     48.530 
_cell.length_c_esd                 ? 
_cell.volume                       ? 
_cell.volume_esd                   ? 
_cell.Z_PDB                        4 
_cell.reciprocal_angle_alpha       ? 
_cell.reciprocal_angle_beta        ? 
_cell.reciprocal_angle_gamma       ? 
_cell.reciprocal_angle_alpha_esd   ? 
_cell.reciprocal_angle_beta_esd    ? 
_cell.reciprocal_angle_gamma_esd   ? 
_cell.reciprocal_length_a          ? 
_cell.reciprocal_length_b          ? 
_cell.reciprocal_length_c          ? 
_cell.reciprocal_length_a_esd      ? 
_cell.reciprocal_length_b_esd      ? 
_cell.reciprocal_length_c_esd      ? 
_cell.pdbx_unique_axis             ? 
# 
_symmetry.entry_id                         7TBR 
_symmetry.cell_setting                     ? 
_symmetry.Int_Tables_number                5 
_symmetry.space_group_name_Hall            ? 
_symmetry.space_group_name_H-M             'C 1 2 1' 
_symmetry.pdbx_full_space_group_name_H-M   ? 
# 
loop_
_entity.id 
_entity.type 
_entity.src_method 
_entity.pdbx_description 
_entity.formula_weight 
_entity.pdbx_number_of_molecules 
_entity.pdbx_ec 
_entity.pdbx_mutation 
_entity.pdbx_fragment 
_entity.details 
1 polymer     man 'TPM_phosphatase domain-containing protein'                                                     15642.761 1   ? 
? ? ? 
2 non-polymer syn '2-[3-(2-HYDROXY-1,1-DIHYDROXYMETHYL-ETHYLAMINO)-PROPYLAMINO]-2-HYDROXYMETHYL-PROPANE-1,3-DIOL' 282.334   1   ? 
? ? ? 
3 non-polymer syn 'MAGNESIUM ION'                                                                                 24.305    1   ? 
? ? ? 
4 water       nat water                                                                                           18.015    147 ? 
? ? ? 
# 
_entity_poly.entity_id                      1 
_entity_poly.type                           'polypeptide(L)' 
_entity_poly.nstd_linkage                   no 
_entity_poly.nstd_monomer                   no 
_entity_poly.pdbx_seq_one_letter_code       
;GMQIEVIPPSGQWVTDLADLLTPAEERMLSRKLATYADTTSTQIVIVTLPTLNGVPAADYAVELGRRWGVGQKEYDNGVV
ILVAREEREVFIATGYGLEGAIPDALAGRIVRDIIVPRFRRGDFYGGLSAAVDAIIAAAQGEFQP
;
_entity_poly.pdbx_seq_one_letter_code_can   
;GMQIEVIPPSGQWVTDLADLLTPAEERMLSRKLATYADTTSTQIVIVTLPTLNGVPAADYAVELGRRWGVGQKEYDNGVV
ILVAREEREVFIATGYGLEGAIPDALAGRIVRDIIVPRFRRGDFYGGLSAAVDAIIAAAQGEFQP
;
_entity_poly.pdbx_strand_id                 A 
_entity_poly.pdbx_target_identifier         ? 
# 
loop_
_entity_poly_seq.entity_id 
_entity_poly_seq.num 
_entity_poly_seq.mon_id 
_entity_poly_seq.hetero 
1 1   GLY n 
1 2   MET n 
1 3   GLN n 
1 4   ILE n 
1 5   GLU n 
1 6   VAL n 
1 7   ILE n 
1 8   PRO n 
1 9   PRO n 
1 10  SER n 
1 11  GLY n 
1 12  GLN n 
1 13  TRP n 
1 14  VAL n 
1 15  THR n 
1 16  ASP n 
1 17  LEU n 
1 18  ALA n 
1 19  ASP n 
1 20  LEU n 
1 21  LEU n 
1 22  THR n 
1 23  PRO n 
1 24  ALA n 
1 25  GLU n 
1 26  GLU n 
1 27  ARG n 
1 28  MET n 
1 29  LEU n 
1 30  SER n 
1 31  ARG n 
1 32  LYS n 
1 33  LEU n 
1 34  ALA n 
1 35  THR n 
1 36  TYR n 
1 37  ALA n 
1 38  ASP n 
1 39  THR n 
1 40  THR n 
1 41  SER n 
1 42  THR n 
1 43  GLN n 
1 44  ILE n 
1 45  VAL n 
1 46  ILE n 
1 47  VAL n 
1 48  THR n 
1 49  LEU n 
1 50  PRO n 
1 51  THR n 
1 52  LEU n 
1 53  ASN n 
1 54  GLY n 
1 55  VAL n 
1 56  PRO n 
1 57  ALA n 
1 58  ALA n 
1 59  ASP n 
1 60  TYR n 
1 61  ALA n 
1 62  VAL n 
1 63  GLU n 
1 64  LEU n 
1 65  GLY n 
1 66  ARG n 
1 67  ARG n 
1 68  TRP n 
1 69  GLY n 
1 70  VAL n 
1 71  GLY n 
1 72  GLN n 
1 73  LYS n 
1 74  GLU n 
1 75  TYR n 
1 76  ASP n 
1 77  ASN n 
1 78  GLY n 
1 79  VAL n 
1 80  VAL n 
1 81  ILE n 
1 82  LEU n 
1 83  VAL n 
1 84  ALA n 
1 85  ARG n 
1 86  GLU n 
1 87  GLU n 
1 88  ARG n 
1 89  GLU n 
1 90  VAL n 
1 91  PHE n 
1 92  ILE n 
1 93  ALA n 
1 94  THR n 
1 95  GLY n 
1 96  TYR n 
1 97  GLY n 
1 98  LEU n 
1 99  GLU n 
1 100 GLY n 
1 101 ALA n 
1 102 ILE n 
1 103 PRO n 
1 104 ASP n 
1 105 ALA n 
1 106 LEU n 
1 107 ALA n 
1 108 GLY n 
1 109 ARG n 
1 110 ILE n 
1 111 VAL n 
1 112 ARG n 
1 113 ASP n 
1 114 ILE n 
1 115 ILE n 
1 116 VAL n 
1 117 PRO n 
1 118 ARG n 
1 119 PHE n 
1 120 ARG n 
1 121 ARG n 
1 122 GLY n 
1 123 ASP n 
1 124 PHE n 
1 125 TYR n 
1 126 GLY n 
1 127 GLY n 
1 128 LEU n 
1 129 SER n 
1 130 ALA n 
1 131 ALA n 
1 132 VAL n 
1 133 ASP n 
1 134 ALA n 
1 135 ILE n 
1 136 ILE n 
1 137 ALA n 
1 138 ALA n 
1 139 ALA n 
1 140 GLN n 
1 141 GLY n 
1 142 GLU n 
1 143 PHE n 
1 144 GLN n 
1 145 PRO n 
# 
_entity_src_gen.entity_id                          1 
_entity_src_gen.pdbx_src_id                        1 
_entity_src_gen.pdbx_alt_source_flag               sample 
_entity_src_gen.pdbx_seq_type                      'Biological sequence' 
_entity_src_gen.pdbx_beg_seq_num                   1 
_entity_src_gen.pdbx_end_seq_num                   145 
_entity_src_gen.gene_src_common_name               ? 
_entity_src_gen.gene_src_genus                     ? 
_entity_src_gen.pdbx_gene_src_gene                 Rhom172_1776 
_entity_src_gen.gene_src_species                   ? 
_entity_src_gen.gene_src_strain                    SG0.5JP17-172 
_entity_src_gen.gene_src_tissue                    ? 
_entity_src_gen.gene_src_tissue_fraction           ? 
_entity_src_gen.gene_src_details                   ? 
_entity_src_gen.pdbx_gene_src_fragment             ? 
_entity_src_gen.pdbx_gene_src_scientific_name      'Rhodothermus marinus SG0.5JP17-172' 
_entity_src_gen.pdbx_gene_src_ncbi_taxonomy_id     762570 
_entity_src_gen.pdbx_gene_src_variant              ? 
_entity_src_gen.pdbx_gene_src_cell_line            ? 
_entity_src_gen.pdbx_gene_src_atcc                 ? 
_entity_src_gen.pdbx_gene_src_organ                ? 
_entity_src_gen.pdbx_gene_src_organelle            ? 
_entity_src_gen.pdbx_gene_src_cell                 ? 
_entity_src_gen.pdbx_gene_src_cellular_location    ? 
_entity_src_gen.host_org_common_name               ? 
_entity_src_gen.pdbx_host_org_scientific_name      'Escherichia coli BL21(DE3)' 
_entity_src_gen.pdbx_host_org_ncbi_taxonomy_id     469008 
_entity_src_gen.host_org_genus                     ? 
_entity_src_gen.pdbx_host_org_gene                 ? 
_entity_src_gen.pdbx_host_org_organ                ? 
_entity_src_gen.host_org_species                   ? 
_entity_src_gen.pdbx_host_org_tissue               ? 
_entity_src_gen.pdbx_host_org_tissue_fraction      ? 
_entity_src_gen.pdbx_host_org_strain               ? 
_entity_src_gen.pdbx_host_org_variant              ? 
_entity_src_gen.pdbx_host_org_cell_line            ? 
_entity_src_gen.pdbx_host_org_atcc                 ? 
_entity_src_gen.pdbx_host_org_culture_collection   ? 
_entity_src_gen.pdbx_host_org_cell                 ? 
_entity_src_gen.pdbx_host_org_organelle            ? 
_entity_src_gen.pdbx_host_org_cellular_location    ? 
_entity_src_gen.pdbx_host_org_vector_type          PLASMID 
_entity_src_gen.pdbx_host_org_vector               ? 
_entity_src_gen.host_org_details                   ? 
_entity_src_gen.expression_system_id               ? 
_entity_src_gen.plasmid_name                       'pET-28b(+)' 
_entity_src_gen.plasmid_details                    ? 
_entity_src_gen.pdbx_description                   ? 
# 
_struct_ref.id                         1 
_struct_ref.db_name                    UNP 
_struct_ref.db_code                    G2SGJ4_RHOMG 
_struct_ref.pdbx_db_accession          G2SGJ4 
_struct_ref.pdbx_db_isoform            ? 
_struct_ref.entity_id                  1 
_struct_ref.pdbx_seq_one_letter_code   
;QIEVIPPSGQWVTDLADLLTPAEERMLSRKLATYADTTSTQIVIVTLPTLNGVPAADYAVELGRRWGVGQKEYDNGVVIL
VAREEREVFIATGYGLEGAIPDALAGRIVRDIIVPRFRRGDFYGGLSAAVDAIIAAAQGEFQP
;
_struct_ref.pdbx_align_begin           25 
# 
_struct_ref_seq.align_id                      1 
_struct_ref_seq.ref_id                        1 
_struct_ref_seq.pdbx_PDB_id_code              7TBR 
_struct_ref_seq.pdbx_strand_id                A 
_struct_ref_seq.seq_align_beg                 3 
_struct_ref_seq.pdbx_seq_align_beg_ins_code   ? 
_struct_ref_seq.seq_align_end                 145 
_struct_ref_seq.pdbx_seq_align_end_ins_code   ? 
_struct_ref_seq.pdbx_db_accession             G2SGJ4 
_struct_ref_seq.db_align_beg                  25 
_struct_ref_seq.pdbx_db_align_beg_ins_code    ? 
_struct_ref_seq.db_align_end                  167 
_struct_ref_seq.pdbx_db_align_end_ins_code    ? 
_struct_ref_seq.pdbx_auth_seq_align_beg       3 
_struct_ref_seq.pdbx_auth_seq_align_end       145 
# 
loop_
_struct_ref_seq_dif.align_id 
_struct_ref_seq_dif.pdbx_pdb_id_code 
_struct_ref_seq_dif.mon_id 
_struct_ref_seq_dif.pdbx_pdb_strand_id 
_struct_ref_seq_dif.seq_num 
_struct_ref_seq_dif.pdbx_pdb_ins_code 
_struct_ref_seq_dif.pdbx_seq_db_name 
_struct_ref_seq_dif.pdbx_seq_db_accession_code 
_struct_ref_seq_dif.db_mon_id 
_struct_ref_seq_dif.pdbx_seq_db_seq_num 
_struct_ref_seq_dif.details 
_struct_ref_seq_dif.pdbx_auth_seq_num 
_struct_ref_seq_dif.pdbx_ordinal 
1 7TBR GLY A 1 ? UNP G2SGJ4 ? ? 'expression tag' 1 1 
1 7TBR MET A 2 ? UNP G2SGJ4 ? ? 'expression tag' 2 2 
# 
loop_
_chem_comp.id 
_chem_comp.type 
_chem_comp.mon_nstd_flag 
_chem_comp.name 
_chem_comp.pdbx_synonyms 
_chem_comp.formula 
_chem_comp.formula_weight 
ALA 'L-peptide linking' y ALANINE                                                                                         ? 
'C3 H7 N O2'     89.093  
ARG 'L-peptide linking' y ARGININE                                                                                        ? 
'C6 H15 N4 O2 1' 175.209 
ASN 'L-peptide linking' y ASPARAGINE                                                                                      ? 
'C4 H8 N2 O3'    132.118 
ASP 'L-peptide linking' y 'ASPARTIC ACID'                                                                                 ? 
'C4 H7 N O4'     133.103 
B3P non-polymer         . '2-[3-(2-HYDROXY-1,1-DIHYDROXYMETHYL-ETHYLAMINO)-PROPYLAMINO]-2-HYDROXYMETHYL-PROPANE-1,3-DIOL' ? 
'C11 H26 N2 O6'  282.334 
GLN 'L-peptide linking' y GLUTAMINE                                                                                       ? 
'C5 H10 N2 O3'   146.144 
GLU 'L-peptide linking' y 'GLUTAMIC ACID'                                                                                 ? 
'C5 H9 N O4'     147.129 
GLY 'peptide linking'   y GLYCINE                                                                                         ? 
'C2 H5 N O2'     75.067  
HOH non-polymer         . WATER                                                                                           ? 'H2 O' 
18.015  
ILE 'L-peptide linking' y ISOLEUCINE                                                                                      ? 
'C6 H13 N O2'    131.173 
LEU 'L-peptide linking' y LEUCINE                                                                                         ? 
'C6 H13 N O2'    131.173 
LYS 'L-peptide linking' y LYSINE                                                                                          ? 
'C6 H15 N2 O2 1' 147.195 
MET 'L-peptide linking' y METHIONINE                                                                                      ? 
'C5 H11 N O2 S'  149.211 
MG  non-polymer         . 'MAGNESIUM ION'                                                                                 ? 'Mg 2' 
24.305  
PHE 'L-peptide linking' y PHENYLALANINE                                                                                   ? 
'C9 H11 N O2'    165.189 
PRO 'L-peptide linking' y PROLINE                                                                                         ? 
'C5 H9 N O2'     115.130 
SER 'L-peptide linking' y SERINE                                                                                          ? 
'C3 H7 N O3'     105.093 
THR 'L-peptide linking' y THREONINE                                                                                       ? 
'C4 H9 N O3'     119.119 
TRP 'L-peptide linking' y TRYPTOPHAN                                                                                      ? 
'C11 H12 N2 O2'  204.225 
TYR 'L-peptide linking' y TYROSINE                                                                                        ? 
'C9 H11 N O3'    181.189 
VAL 'L-peptide linking' y VALINE                                                                                          ? 
'C5 H11 N O2'    117.146 
# 
_exptl.absorpt_coefficient_mu     ? 
_exptl.absorpt_correction_T_max   ? 
_exptl.absorpt_correction_T_min   ? 
_exptl.absorpt_correction_type    ? 
_exptl.absorpt_process_details    ? 
_exptl.entry_id                   7TBR 
_exptl.crystals_number            1 
_exptl.details                    ? 
_exptl.method                     'X-RAY DIFFRACTION' 
_exptl.method_details             ? 
# 
_exptl_crystal.colour                      ? 
_exptl_crystal.density_diffrn              ? 
_exptl_crystal.density_Matthews            2.19 
_exptl_crystal.density_method              ? 
_exptl_crystal.density_percent_sol         43.8 
_exptl_crystal.description                 'long bars' 
_exptl_crystal.F_000                       ? 
_exptl_crystal.id                          1 
_exptl_crystal.preparation                 ? 
_exptl_crystal.size_max                    ? 
_exptl_crystal.size_mid                    ? 
_exptl_crystal.size_min                    ? 
_exptl_crystal.size_rad                    ? 
_exptl_crystal.colour_lustre               ? 
_exptl_crystal.colour_modifier             ? 
_exptl_crystal.colour_primary              ? 
_exptl_crystal.density_meas                ? 
_exptl_crystal.density_meas_esd            ? 
_exptl_crystal.density_meas_gt             ? 
_exptl_crystal.density_meas_lt             ? 
_exptl_crystal.density_meas_temp           ? 
_exptl_crystal.density_meas_temp_esd       ? 
_exptl_crystal.density_meas_temp_gt        ? 
_exptl_crystal.density_meas_temp_lt        ? 
_exptl_crystal.pdbx_crystal_image_url      ? 
_exptl_crystal.pdbx_crystal_image_format   ? 
_exptl_crystal.pdbx_mosaicity              ? 
_exptl_crystal.pdbx_mosaicity_esd          ? 
# 
_exptl_crystal_grow.apparatus       ? 
_exptl_crystal_grow.atmosphere      ? 
_exptl_crystal_grow.crystal_id      1 
_exptl_crystal_grow.details         ? 
_exptl_crystal_grow.method          'VAPOR DIFFUSION, HANGING DROP' 
_exptl_crystal_grow.method_ref      ? 
_exptl_crystal_grow.pH              8.4 
_exptl_crystal_grow.pressure        ? 
_exptl_crystal_grow.pressure_esd    ? 
_exptl_crystal_grow.seeding         ? 
_exptl_crystal_grow.seeding_ref     ? 
_exptl_crystal_grow.temp            293 
_exptl_crystal_grow.temp_details    ? 
_exptl_crystal_grow.temp_esd        ? 
_exptl_crystal_grow.time            ? 
_exptl_crystal_grow.pdbx_details    '12% PEG 6000, 5% isopropanol, 0.1 M Bis-tris-propane pH 8.4' 
_exptl_crystal_grow.pdbx_pH_range   ? 
# 
_diffrn.ambient_environment              ? 
_diffrn.ambient_temp                     100 
_diffrn.ambient_temp_details             ? 
_diffrn.ambient_temp_esd                 ? 
_diffrn.crystal_id                       1 
_diffrn.crystal_support                  ? 
_diffrn.crystal_treatment                ? 
_diffrn.details                          ? 
_diffrn.id                               1 
_diffrn.ambient_pressure                 ? 
_diffrn.ambient_pressure_esd             ? 
_diffrn.ambient_pressure_gt              ? 
_diffrn.ambient_pressure_lt              ? 
_diffrn.ambient_temp_gt                  ? 
_diffrn.ambient_temp_lt                  ? 
_diffrn.pdbx_serial_crystal_experiment   N 
# 
_diffrn_detector.details                      'convex prefocussing mirror and a Kirkpatrick-Baez pair of focussing mirrors' 
_diffrn_detector.detector                     PIXEL 
_diffrn_detector.diffrn_id                    1 
_diffrn_detector.type                         'DECTRIS EIGER X 9M' 
_diffrn_detector.area_resol_mean              ? 
_diffrn_detector.dtime                        ? 
_diffrn_detector.pdbx_frames_total            ? 
_diffrn_detector.pdbx_collection_time_total   ? 
_diffrn_detector.pdbx_collection_date         2021-10-16 
_diffrn_detector.pdbx_frequency               ? 
# 
_diffrn_radiation.collimation                      ? 
_diffrn_radiation.diffrn_id                        1 
_diffrn_radiation.filter_edge                      ? 
_diffrn_radiation.inhomogeneity                    ? 
_diffrn_radiation.monochromator                    'Cryogenically cooled channel cut crystal monochromator' 
_diffrn_radiation.polarisn_norm                    ? 
_diffrn_radiation.polarisn_ratio                   ? 
_diffrn_radiation.probe                            ? 
_diffrn_radiation.type                             ? 
_diffrn_radiation.xray_symbol                      ? 
_diffrn_radiation.wavelength_id                    1 
_diffrn_radiation.pdbx_monochromatic_or_laue_m_l   M 
_diffrn_radiation.pdbx_wavelength_list             ? 
_diffrn_radiation.pdbx_wavelength                  ? 
_diffrn_radiation.pdbx_diffrn_protocol             'SINGLE WAVELENGTH' 
_diffrn_radiation.pdbx_analyzer                    ? 
_diffrn_radiation.pdbx_scattering_type             x-ray 
# 
_diffrn_radiation_wavelength.id           1 
_diffrn_radiation_wavelength.wavelength   0.885601 
_diffrn_radiation_wavelength.wt           1.0 
# 
_diffrn_source.current                     ? 
_diffrn_source.details                     ? 
_diffrn_source.diffrn_id                   1 
_diffrn_source.power                       ? 
_diffrn_source.size                        ? 
_diffrn_source.source                      SYNCHROTRON 
_diffrn_source.target                      ? 
_diffrn_source.type                        'SOLEIL BEAMLINE PROXIMA 2' 
_diffrn_source.voltage                     ? 
_diffrn_source.take-off_angle              ? 
_diffrn_source.pdbx_wavelength_list        0.885601 
_diffrn_source.pdbx_wavelength             ? 
_diffrn_source.pdbx_synchrotron_beamline   'PROXIMA 2' 
_diffrn_source.pdbx_synchrotron_site       SOLEIL 
# 
_reflns.B_iso_Wilson_estimate                          18.6 
_reflns.entry_id                                       7TBR 
_reflns.data_reduction_details                         ? 
_reflns.data_reduction_method                          ? 
_reflns.d_resolution_high                              1.1 
_reflns.d_resolution_low                               42.79 
_reflns.details                                        ? 
_reflns.limit_h_max                                    ? 
_reflns.limit_h_min                                    ? 
_reflns.limit_k_max                                    ? 
_reflns.limit_k_min                                    ? 
_reflns.limit_l_max                                    ? 
_reflns.limit_l_min                                    ? 
_reflns.number_all                                     ? 
_reflns.number_obs                                     54711 
_reflns.observed_criterion                             ? 
_reflns.observed_criterion_F_max                       ? 
_reflns.observed_criterion_F_min                       ? 
_reflns.observed_criterion_I_max                       ? 
_reflns.observed_criterion_I_min                       ? 
_reflns.observed_criterion_sigma_F                     ? 
_reflns.observed_criterion_sigma_I                     ? 
_reflns.percent_possible_obs                           99 
_reflns.R_free_details                                 ? 
_reflns.Rmerge_F_all                                   ? 
_reflns.Rmerge_F_obs                                   ? 
_reflns.Friedel_coverage                               ? 
_reflns.number_gt                                      ? 
_reflns.threshold_expression                           ? 
_reflns.pdbx_redundancy                                6.6 
_reflns.pdbx_Rmerge_I_obs                              ? 
_reflns.pdbx_Rmerge_I_all                              ? 
_reflns.pdbx_Rsym_value                                ? 
_reflns.pdbx_netI_over_av_sigmaI                       ? 
_reflns.pdbx_netI_over_sigmaI                          18.5 
_reflns.pdbx_res_netI_over_av_sigmaI_2                 ? 
_reflns.pdbx_res_netI_over_sigmaI_2                    ? 
_reflns.pdbx_chi_squared                               ? 
_reflns.pdbx_scaling_rejects                           ? 
_reflns.pdbx_d_res_high_opt                            ? 
_reflns.pdbx_d_res_low_opt                             ? 
_reflns.pdbx_d_res_opt_method                          ? 
_reflns.phase_calculation_details                      ? 
_reflns.pdbx_Rrim_I_all                                0.039 
_reflns.pdbx_Rpim_I_all                                ? 
_reflns.pdbx_d_opt                                     ? 
_reflns.pdbx_number_measured_all                       ? 
_reflns.pdbx_diffrn_id                                 1 
_reflns.pdbx_ordinal                                   1 
_reflns.pdbx_CC_half                                   0.999 
_reflns.pdbx_CC_star                                   ? 
_reflns.pdbx_R_split                                   ? 
_reflns.pdbx_aniso_diffraction_limit_axis_1_ortho[1]   ? 
_reflns.pdbx_aniso_diffraction_limit_axis_1_ortho[2]   ? 
_reflns.pdbx_aniso_diffraction_limit_axis_1_ortho[3]   ? 
_reflns.pdbx_aniso_diffraction_limit_axis_2_ortho[1]   ? 
_reflns.pdbx_aniso_diffraction_limit_axis_2_ortho[2]   ? 
_reflns.pdbx_aniso_diffraction_limit_axis_2_ortho[3]   ? 
_reflns.pdbx_aniso_diffraction_limit_axis_3_ortho[1]   ? 
_reflns.pdbx_aniso_diffraction_limit_axis_3_ortho[2]   ? 
_reflns.pdbx_aniso_diffraction_limit_axis_3_ortho[3]   ? 
_reflns.pdbx_aniso_diffraction_limit_1                 ? 
_reflns.pdbx_aniso_diffraction_limit_2                 ? 
_reflns.pdbx_aniso_diffraction_limit_3                 ? 
_reflns.pdbx_aniso_B_tensor_eigenvector_1_ortho[1]     ? 
_reflns.pdbx_aniso_B_tensor_eigenvector_1_ortho[2]     ? 
_reflns.pdbx_aniso_B_tensor_eigenvector_1_ortho[3]     ? 
_reflns.pdbx_aniso_B_tensor_eigenvector_2_ortho[1]     ? 
_reflns.pdbx_aniso_B_tensor_eigenvector_2_ortho[2]     ? 
_reflns.pdbx_aniso_B_tensor_eigenvector_2_ortho[3]     ? 
_reflns.pdbx_aniso_B_tensor_eigenvector_3_ortho[1]     ? 
_reflns.pdbx_aniso_B_tensor_eigenvector_3_ortho[2]     ? 
_reflns.pdbx_aniso_B_tensor_eigenvector_3_ortho[3]     ? 
_reflns.pdbx_aniso_B_tensor_eigenvalue_1               ? 
_reflns.pdbx_aniso_B_tensor_eigenvalue_2               ? 
_reflns.pdbx_aniso_B_tensor_eigenvalue_3               ? 
_reflns.pdbx_orthogonalization_convention              ? 
_reflns.pdbx_percent_possible_ellipsoidal              ? 
_reflns.pdbx_percent_possible_spherical                ? 
_reflns.pdbx_percent_possible_ellipsoidal_anomalous    ? 
_reflns.pdbx_percent_possible_spherical_anomalous      ? 
_reflns.pdbx_redundancy_anomalous                      ? 
_reflns.pdbx_CC_half_anomalous                         ? 
_reflns.pdbx_absDiff_over_sigma_anomalous              ? 
_reflns.pdbx_percent_possible_anomalous                ? 
_reflns.pdbx_observed_signal_threshold                 ? 
_reflns.pdbx_signal_type                               ? 
_reflns.pdbx_signal_details                            ? 
_reflns.pdbx_signal_software_id                        ? 
# 
_reflns_shell.d_res_high                                    1.10 
_reflns_shell.d_res_low                                     1.16 
_reflns_shell.meanI_over_sigI_all                           ? 
_reflns_shell.meanI_over_sigI_obs                           1.5 
_reflns_shell.number_measured_all                           ? 
_reflns_shell.number_measured_obs                           ? 
_reflns_shell.number_possible                               ? 
_reflns_shell.number_unique_all                             ? 
_reflns_shell.number_unique_obs                             8430 
_reflns_shell.percent_possible_all                          95.4 
_reflns_shell.percent_possible_obs                          ? 
_reflns_shell.Rmerge_F_all                                  ? 
_reflns_shell.Rmerge_F_obs                                  ? 
_reflns_shell.Rmerge_I_all                                  ? 
_reflns_shell.Rmerge_I_obs                                  ? 
_reflns_shell.meanI_over_sigI_gt                            ? 
_reflns_shell.meanI_over_uI_all                             ? 
_reflns_shell.meanI_over_uI_gt                              ? 
_reflns_shell.number_measured_gt                            ? 
_reflns_shell.number_unique_gt                              ? 
_reflns_shell.percent_possible_gt                           ? 
_reflns_shell.Rmerge_F_gt                                   ? 
_reflns_shell.Rmerge_I_gt                                   ? 
_reflns_shell.pdbx_redundancy                               5.6 
_reflns_shell.pdbx_Rsym_value                               ? 
_reflns_shell.pdbx_chi_squared                              ? 
_reflns_shell.pdbx_netI_over_sigmaI_all                     ? 
_reflns_shell.pdbx_netI_over_sigmaI_obs                     ? 
_reflns_shell.pdbx_Rrim_I_all                               1.021 
_reflns_shell.pdbx_Rpim_I_all                               ? 
_reflns_shell.pdbx_rejects                                  ? 
_reflns_shell.pdbx_ordinal                                  1 
_reflns_shell.pdbx_diffrn_id                                1 
_reflns_shell.pdbx_CC_half                                  0.679 
_reflns_shell.pdbx_CC_star                                  ? 
_reflns_shell.pdbx_R_split                                  ? 
_reflns_shell.pdbx_percent_possible_ellipsoidal             ? 
_reflns_shell.pdbx_percent_possible_spherical               ? 
_reflns_shell.pdbx_percent_possible_ellipsoidal_anomalous   ? 
_reflns_shell.pdbx_percent_possible_spherical_anomalous     ? 
_reflns_shell.pdbx_redundancy_anomalous                     ? 
_reflns_shell.pdbx_CC_half_anomalous                        ? 
_reflns_shell.pdbx_absDiff_over_sigma_anomalous             ? 
_reflns_shell.pdbx_percent_possible_anomalous               ? 
# 
_refine.aniso_B[1][1]                            0.53 
_refine.aniso_B[1][2]                            0.00 
_refine.aniso_B[1][3]                            -0.34 
_refine.aniso_B[2][2]                            0.30 
_refine.aniso_B[2][3]                            0.00 
_refine.aniso_B[3][3]                            -0.30 
_refine.B_iso_max                                ? 
_refine.B_iso_mean                               17.477 
_refine.B_iso_min                                ? 
_refine.correlation_coeff_Fo_to_Fc               0.970 
_refine.correlation_coeff_Fo_to_Fc_free          0.961 
_refine.details                                  ? 
_refine.diff_density_max                         ? 
_refine.diff_density_max_esd                     ? 
_refine.diff_density_min                         ? 
_refine.diff_density_min_esd                     ? 
_refine.diff_density_rms                         ? 
_refine.diff_density_rms_esd                     ? 
_refine.entry_id                                 7TBR 
_refine.pdbx_refine_id                           'X-RAY DIFFRACTION' 
_refine.ls_abs_structure_details                 ? 
_refine.ls_abs_structure_Flack                   ? 
_refine.ls_abs_structure_Flack_esd               ? 
_refine.ls_abs_structure_Rogers                  ? 
_refine.ls_abs_structure_Rogers_esd              ? 
_refine.ls_d_res_high                            1.10 
_refine.ls_d_res_low                             42.79 
_refine.ls_extinction_coef                       ? 
_refine.ls_extinction_coef_esd                   ? 
_refine.ls_extinction_expression                 ? 
_refine.ls_extinction_method                     ? 
_refine.ls_goodness_of_fit_all                   ? 
_refine.ls_goodness_of_fit_all_esd               ? 
_refine.ls_goodness_of_fit_obs                   ? 
_refine.ls_goodness_of_fit_obs_esd               ? 
_refine.ls_hydrogen_treatment                    ? 
_refine.ls_matrix_type                           ? 
_refine.ls_number_constraints                    ? 
_refine.ls_number_parameters                     ? 
_refine.ls_number_reflns_all                     ? 
_refine.ls_number_reflns_obs                     51975 
_refine.ls_number_reflns_R_free                  2736 
_refine.ls_number_reflns_R_work                  ? 
_refine.ls_number_restraints                     ? 
_refine.ls_percent_reflns_obs                    99.20 
_refine.ls_percent_reflns_R_free                 5.0 
_refine.ls_R_factor_all                          ? 
_refine.ls_R_factor_obs                          0.19216 
_refine.ls_R_factor_R_free                       0.22060 
_refine.ls_R_factor_R_free_error                 ? 
_refine.ls_R_factor_R_free_error_details         ? 
_refine.ls_R_factor_R_work                       0.19070 
_refine.ls_R_Fsqd_factor_obs                     ? 
_refine.ls_R_I_factor_obs                        ? 
_refine.ls_redundancy_reflns_all                 ? 
_refine.ls_redundancy_reflns_obs                 ? 
_refine.ls_restrained_S_all                      ? 
_refine.ls_restrained_S_obs                      ? 
_refine.ls_shift_over_esd_max                    ? 
_refine.ls_shift_over_esd_mean                   ? 
_refine.ls_structure_factor_coef                 ? 
_refine.ls_weighting_details                     ? 
_refine.ls_weighting_scheme                      ? 
_refine.ls_wR_factor_all                         ? 
_refine.ls_wR_factor_obs                         ? 
_refine.ls_wR_factor_R_free                      ? 
_refine.ls_wR_factor_R_work                      ? 
_refine.occupancy_max                            ? 
_refine.occupancy_min                            ? 
_refine.solvent_model_details                    MASK 
_refine.solvent_model_param_bsol                 ? 
_refine.solvent_model_param_ksol                 ? 
_refine.pdbx_R_complete                          ? 
_refine.ls_R_factor_gt                           ? 
_refine.ls_goodness_of_fit_gt                    ? 
_refine.ls_goodness_of_fit_ref                   ? 
_refine.ls_shift_over_su_max                     ? 
_refine.ls_shift_over_su_max_lt                  ? 
_refine.ls_shift_over_su_mean                    ? 
_refine.ls_shift_over_su_mean_lt                 ? 
_refine.pdbx_ls_sigma_I                          ? 
_refine.pdbx_ls_sigma_F                          ? 
_refine.pdbx_ls_sigma_Fsqd                       ? 
_refine.pdbx_data_cutoff_high_absF               ? 
_refine.pdbx_data_cutoff_high_rms_absF           ? 
_refine.pdbx_data_cutoff_low_absF                ? 
_refine.pdbx_isotropic_thermal_model             ? 
_refine.pdbx_ls_cross_valid_method               THROUGHOUT 
_refine.pdbx_method_to_determine_struct          'MOLECULAR REPLACEMENT' 
_refine.pdbx_starting_model                      5ANP 
_refine.pdbx_stereochemistry_target_values       'MAXIMUM LIKELIHOOD' 
_refine.pdbx_R_Free_selection_details            RANDOM 
_refine.pdbx_stereochem_target_val_spec_case     ? 
_refine.pdbx_overall_ESU_R                       0.035 
_refine.pdbx_overall_ESU_R_Free                  0.038 
_refine.pdbx_solvent_vdw_probe_radii             1.20 
_refine.pdbx_solvent_ion_probe_radii             0.80 
_refine.pdbx_solvent_shrinkage_radii             0.80 
_refine.pdbx_real_space_R                        ? 
_refine.pdbx_density_correlation                 ? 
_refine.pdbx_pd_number_of_powder_patterns        ? 
_refine.pdbx_pd_number_of_points                 ? 
_refine.pdbx_pd_meas_number_of_points            ? 
_refine.pdbx_pd_proc_ls_prof_R_factor            ? 
_refine.pdbx_pd_proc_ls_prof_wR_factor           ? 
_refine.pdbx_pd_Marquardt_correlation_coeff      ? 
_refine.pdbx_pd_Fsqrd_R_factor                   ? 
_refine.pdbx_pd_ls_matrix_band_width             ? 
_refine.pdbx_overall_phase_error                 ? 
_refine.pdbx_overall_SU_R_free_Cruickshank_DPI   ? 
_refine.pdbx_overall_SU_R_free_Blow_DPI          ? 
_refine.pdbx_overall_SU_R_Blow_DPI               ? 
_refine.pdbx_TLS_residual_ADP_flag               ? 
_refine.pdbx_diffrn_id                           1 
_refine.overall_SU_B                             0.654 
_refine.overall_SU_ML                            0.031 
_refine.overall_SU_R_Cruickshank_DPI             ? 
_refine.overall_SU_R_free                        ? 
_refine.overall_FOM_free_R_set                   ? 
_refine.overall_FOM_work_R_set                   ? 
_refine.pdbx_average_fsc_overall                 ? 
_refine.pdbx_average_fsc_work                    ? 
_refine.pdbx_average_fsc_free                    ? 
# 
_refine_hist.pdbx_refine_id                   'X-RAY DIFFRACTION' 
_refine_hist.cycle_id                         1 
_refine_hist.details                          ? 
_refine_hist.d_res_high                       1.10 
_refine_hist.d_res_low                        42.79 
_refine_hist.number_atoms_solvent             147 
_refine_hist.number_atoms_total               1249 
_refine_hist.number_reflns_all                ? 
_refine_hist.number_reflns_obs                ? 
_refine_hist.number_reflns_R_free             ? 
_refine_hist.number_reflns_R_work             ? 
_refine_hist.R_factor_all                     ? 
_refine_hist.R_factor_obs                     ? 
_refine_hist.R_factor_R_free                  ? 
_refine_hist.R_factor_R_work                  ? 
_refine_hist.pdbx_number_residues_total       ? 
_refine_hist.pdbx_B_iso_mean_ligand           ? 
_refine_hist.pdbx_B_iso_mean_solvent          ? 
_refine_hist.pdbx_number_atoms_protein        1082 
_refine_hist.pdbx_number_atoms_nucleic_acid   0 
_refine_hist.pdbx_number_atoms_ligand         20 
_refine_hist.pdbx_number_atoms_lipid          ? 
_refine_hist.pdbx_number_atoms_carb           ? 
_refine_hist.pdbx_pseudo_atom_details         ? 
# 
loop_
_refine_ls_restr.pdbx_refine_id 
_refine_ls_restr.criterion 
_refine_ls_restr.dev_ideal 
_refine_ls_restr.dev_ideal_target 
_refine_ls_restr.number 
_refine_ls_restr.rejects 
_refine_ls_restr.type 
_refine_ls_restr.weight 
_refine_ls_restr.pdbx_restraint_function 
'X-RAY DIFFRACTION' ? 0.015  0.013  1133 ? r_bond_refined_d             ? ? 
'X-RAY DIFFRACTION' ? 0.002  0.017  1092 ? r_bond_other_d               ? ? 
'X-RAY DIFFRACTION' ? 1.846  1.652  1547 ? r_angle_refined_deg          ? ? 
'X-RAY DIFFRACTION' ? 1.564  1.572  2514 ? r_angle_other_deg            ? ? 
'X-RAY DIFFRACTION' ? 6.001  5.000  145  ? r_dihedral_angle_1_deg       ? ? 
'X-RAY DIFFRACTION' ? 28.523 20.833 60   ? r_dihedral_angle_2_deg       ? ? 
'X-RAY DIFFRACTION' ? 12.000 15.000 176  ? r_dihedral_angle_3_deg       ? ? 
'X-RAY DIFFRACTION' ? 14.800 15.000 11   ? r_dihedral_angle_4_deg       ? ? 
'X-RAY DIFFRACTION' ? 0.092  0.200  151  ? r_chiral_restr               ? ? 
'X-RAY DIFFRACTION' ? 0.012  0.020  1279 ? r_gen_planes_refined         ? ? 
'X-RAY DIFFRACTION' ? 0.001  0.020  242  ? r_gen_planes_other           ? ? 
'X-RAY DIFFRACTION' ? ?      ?      ?    ? r_nbd_refined                ? ? 
'X-RAY DIFFRACTION' ? ?      ?      ?    ? r_nbd_other                  ? ? 
'X-RAY DIFFRACTION' ? ?      ?      ?    ? r_nbtor_refined              ? ? 
'X-RAY DIFFRACTION' ? ?      ?      ?    ? r_nbtor_other                ? ? 
'X-RAY DIFFRACTION' ? ?      ?      ?    ? r_xyhbond_nbd_refined        ? ? 
'X-RAY DIFFRACTION' ? ?      ?      ?    ? r_xyhbond_nbd_other          ? ? 
'X-RAY DIFFRACTION' ? ?      ?      ?    ? r_metal_ion_refined          ? ? 
'X-RAY DIFFRACTION' ? ?      ?      ?    ? r_metal_ion_other            ? ? 
'X-RAY DIFFRACTION' ? ?      ?      ?    ? r_symmetry_vdw_refined       ? ? 
'X-RAY DIFFRACTION' ? ?      ?      ?    ? r_symmetry_vdw_other         ? ? 
'X-RAY DIFFRACTION' ? ?      ?      ?    ? r_symmetry_hbond_refined     ? ? 
'X-RAY DIFFRACTION' ? ?      ?      ?    ? r_symmetry_hbond_other       ? ? 
'X-RAY DIFFRACTION' ? ?      ?      ?    ? r_symmetry_metal_ion_refined ? ? 
'X-RAY DIFFRACTION' ? ?      ?      ?    ? r_symmetry_metal_ion_other   ? ? 
'X-RAY DIFFRACTION' ? 1.524  1.592  571  ? r_mcbond_it                  ? ? 
'X-RAY DIFFRACTION' ? 1.520  1.586  570  ? r_mcbond_other               ? ? 
'X-RAY DIFFRACTION' ? 2.166  2.390  713  ? r_mcangle_it                 ? ? 
'X-RAY DIFFRACTION' ? 2.166  2.397  714  ? r_mcangle_other              ? ? 
'X-RAY DIFFRACTION' ? 2.634  1.953  562  ? r_scbond_it                  ? ? 
'X-RAY DIFFRACTION' ? 2.631  1.953  563  ? r_scbond_other               ? ? 
'X-RAY DIFFRACTION' ? ?      ?      ?    ? r_scangle_it                 ? ? 
'X-RAY DIFFRACTION' ? 3.829  2.814  833  ? r_scangle_other              ? ? 
'X-RAY DIFFRACTION' ? 5.282  21.143 1312 ? r_long_range_B_refined       ? ? 
'X-RAY DIFFRACTION' ? 5.209  20.463 1275 ? r_long_range_B_other         ? ? 
'X-RAY DIFFRACTION' ? ?      ?      ?    ? r_rigid_bond_restr           ? ? 
'X-RAY DIFFRACTION' ? ?      ?      ?    ? r_sphericity_free            ? ? 
'X-RAY DIFFRACTION' ? ?      ?      ?    ? r_sphericity_bonded          ? ? 
# 
_refine_ls_shell.pdbx_refine_id                   'X-RAY DIFFRACTION' 
_refine_ls_shell.d_res_high                       1.10 
_refine_ls_shell.d_res_low                        1.126 
_refine_ls_shell.number_reflns_all                ? 
_refine_ls_shell.number_reflns_obs                ? 
_refine_ls_shell.number_reflns_R_free             182 
_refine_ls_shell.number_reflns_R_work             3458 
_refine_ls_shell.percent_reflns_obs               90.21 
_refine_ls_shell.percent_reflns_R_free            ? 
_refine_ls_shell.R_factor_all                     ? 
_refine_ls_shell.R_factor_obs                     ? 
_refine_ls_shell.R_factor_R_free                  0.454 
_refine_ls_shell.R_factor_R_free_error            ? 
_refine_ls_shell.R_factor_R_work                  0.436 
_refine_ls_shell.redundancy_reflns_all            ? 
_refine_ls_shell.redundancy_reflns_obs            ? 
_refine_ls_shell.wR_factor_all                    ? 
_refine_ls_shell.wR_factor_obs                    ? 
_refine_ls_shell.wR_factor_R_free                 ? 
_refine_ls_shell.wR_factor_R_work                 ? 
_refine_ls_shell.pdbx_R_complete                  ? 
_refine_ls_shell.pdbx_total_number_of_bins_used   ? 
_refine_ls_shell.pdbx_phase_error                 ? 
_refine_ls_shell.pdbx_fsc_work                    ? 
_refine_ls_shell.pdbx_fsc_free                    ? 
# 
_struct.entry_id                     7TBR 
_struct.title                        'Crystal structure of the TPM domain from the Rhodothermus marinus protein Rhom172_1776' 
_struct.pdbx_model_details           ? 
_struct.pdbx_formula_weight          ? 
_struct.pdbx_formula_weight_method   ? 
_struct.pdbx_model_type_details      ? 
_struct.pdbx_CASP_flag               N 
# 
_struct_keywords.entry_id        7TBR 
_struct_keywords.text            'TPM domain, UNKNOWN FUNCTION' 
_struct_keywords.pdbx_keywords   'UNKNOWN FUNCTION' 
# 
loop_
_struct_asym.id 
_struct_asym.pdbx_blank_PDB_chainid_flag 
_struct_asym.pdbx_modified 
_struct_asym.entity_id 
_struct_asym.details 
A N N 1 ? 
B N N 2 ? 
C N N 3 ? 
D N N 4 ? 
# 
loop_
_struct_conf.conf_type_id 
_struct_conf.id 
_struct_conf.pdbx_PDB_helix_id 
_struct_conf.beg_label_comp_id 
_struct_conf.beg_label_asym_id 
_struct_conf.beg_label_seq_id 
_struct_conf.pdbx_beg_PDB_ins_code 
_struct_conf.end_label_comp_id 
_struct_conf.end_label_asym_id 
_struct_conf.end_label_seq_id 
_struct_conf.pdbx_end_PDB_ins_code 
_struct_conf.beg_auth_comp_id 
_struct_conf.beg_auth_asym_id 
_struct_conf.beg_auth_seq_id 
_struct_conf.end_auth_comp_id 
_struct_conf.end_auth_asym_id 
_struct_conf.end_auth_seq_id 
_struct_conf.pdbx_PDB_helix_class 
_struct_conf.details 
_struct_conf.pdbx_PDB_helix_length 
HELX_P HELX_P1 AA1 THR A 22  ? SER A 41  ? THR A 22  SER A 41  1 ? 20 
HELX_P HELX_P2 AA2 PRO A 56  ? GLY A 69  ? PRO A 56  GLY A 69  1 ? 14 
HELX_P HELX_P3 AA3 TYR A 96  ? GLU A 99  ? TYR A 96  GLU A 99  5 ? 4  
HELX_P HELX_P4 AA4 PRO A 103 ? ILE A 114 ? PRO A 103 ILE A 114 1 ? 12 
HELX_P HELX_P5 AA5 ILE A 114 ? ARG A 121 ? ILE A 114 ARG A 121 1 ? 8  
HELX_P HELX_P6 AA6 ASP A 123 ? GLN A 140 ? ASP A 123 GLN A 140 1 ? 18 
# 
_struct_conf_type.id          HELX_P 
_struct_conf_type.criteria    ? 
_struct_conf_type.reference   ? 
# 
loop_
_struct_conn.id 
_struct_conn.conn_type_id 
_struct_conn.pdbx_leaving_atom_flag 
_struct_conn.pdbx_PDB_id 
_struct_conn.ptnr1_label_asym_id 
_struct_conn.ptnr1_label_comp_id 
_struct_conn.ptnr1_label_seq_id 
_struct_conn.ptnr1_label_atom_id 
_struct_conn.pdbx_ptnr1_label_alt_id 
_struct_conn.pdbx_ptnr1_PDB_ins_code 
_struct_conn.pdbx_ptnr1_standard_comp_id 
_struct_conn.ptnr1_symmetry 
_struct_conn.ptnr2_label_asym_id 
_struct_conn.ptnr2_label_comp_id 
_struct_conn.ptnr2_label_seq_id 
_struct_conn.ptnr2_label_atom_id 
_struct_conn.pdbx_ptnr2_label_alt_id 
_struct_conn.pdbx_ptnr2_PDB_ins_code 
_struct_conn.ptnr1_auth_asym_id 
_struct_conn.ptnr1_auth_comp_id 
_struct_conn.ptnr1_auth_seq_id 
_struct_conn.ptnr2_auth_asym_id 
_struct_conn.ptnr2_auth_comp_id 
_struct_conn.ptnr2_auth_seq_id 
_struct_conn.ptnr2_symmetry 
_struct_conn.pdbx_ptnr3_label_atom_id 
_struct_conn.pdbx_ptnr3_label_seq_id 
_struct_conn.pdbx_ptnr3_label_comp_id 
_struct_conn.pdbx_ptnr3_label_asym_id 
_struct_conn.pdbx_ptnr3_label_alt_id 
_struct_conn.pdbx_ptnr3_PDB_ins_code 
_struct_conn.details 
_struct_conn.pdbx_dist_value 
_struct_conn.pdbx_value_order 
_struct_conn.pdbx_role 
metalc1 metalc ? ? A ASP 16 OD2 ? ? ? 1_555 C MG  . MG ? ? A ASP 16  A MG  202 1_555 ? ? ? ? ? ? ? 2.501 ? ? 
metalc2 metalc ? ? A ASP 19 OD1 ? ? ? 1_555 C MG  . MG ? ? A ASP 19  A MG  202 1_555 ? ? ? ? ? ? ? 2.366 ? ? 
metalc3 metalc ? ? A LEU 21 O   ? ? ? 1_555 C MG  . MG ? ? A LEU 21  A MG  202 1_555 ? ? ? ? ? ? ? 2.449 ? ? 
metalc4 metalc ? ? A GLU 26 OE2 ? ? ? 1_555 C MG  . MG ? ? A GLU 26  A MG  202 1_555 ? ? ? ? ? ? ? 2.227 ? ? 
metalc5 metalc ? ? C MG  .  MG  ? ? ? 1_555 D HOH . O  ? ? A MG  202 A HOH 355 1_555 ? ? ? ? ? ? ? 2.350 ? ? 
metalc6 metalc ? ? C MG  .  MG  ? ? ? 1_555 D HOH . O  ? ? A MG  202 A HOH 396 1_555 ? ? ? ? ? ? ? 2.395 ? ? 
# 
_struct_conn_type.id          metalc 
_struct_conn_type.criteria    ? 
_struct_conn_type.reference   ? 
# 
_struct_sheet.id               AA1 
_struct_sheet.type             ? 
_struct_sheet.number_strands   4 
_struct_sheet.details          ? 
# 
loop_
_struct_sheet_order.sheet_id 
_struct_sheet_order.range_id_1 
_struct_sheet_order.range_id_2 
_struct_sheet_order.offset 
_struct_sheet_order.sense 
AA1 1 2 ? parallel      
AA1 2 3 ? parallel      
AA1 3 4 ? anti-parallel 
# 
loop_
_struct_sheet_range.sheet_id 
_struct_sheet_range.id 
_struct_sheet_range.beg_label_comp_id 
_struct_sheet_range.beg_label_asym_id 
_struct_sheet_range.beg_label_seq_id 
_struct_sheet_range.pdbx_beg_PDB_ins_code 
_struct_sheet_range.end_label_comp_id 
_struct_sheet_range.end_label_asym_id 
_struct_sheet_range.end_label_seq_id 
_struct_sheet_range.pdbx_end_PDB_ins_code 
_struct_sheet_range.beg_auth_comp_id 
_struct_sheet_range.beg_auth_asym_id 
_struct_sheet_range.beg_auth_seq_id 
_struct_sheet_range.end_auth_comp_id 
_struct_sheet_range.end_auth_asym_id 
_struct_sheet_range.end_auth_seq_id 
AA1 1 VAL A 14 ? ASP A 16 ? VAL A 14 ASP A 16 
AA1 2 THR A 42 ? LEU A 49 ? THR A 42 LEU A 49 
AA1 3 ASN A 77 ? ALA A 84 ? ASN A 77 ALA A 84 
AA1 4 GLU A 89 ? THR A 94 ? GLU A 89 THR A 94 
# 
loop_
_pdbx_struct_sheet_hbond.sheet_id 
_pdbx_struct_sheet_hbond.range_id_1 
_pdbx_struct_sheet_hbond.range_id_2 
_pdbx_struct_sheet_hbond.range_1_label_atom_id 
_pdbx_struct_sheet_hbond.range_1_label_comp_id 
_pdbx_struct_sheet_hbond.range_1_label_asym_id 
_pdbx_struct_sheet_hbond.range_1_label_seq_id 
_pdbx_struct_sheet_hbond.range_1_PDB_ins_code 
_pdbx_struct_sheet_hbond.range_1_auth_atom_id 
_pdbx_struct_sheet_hbond.range_1_auth_comp_id 
_pdbx_struct_sheet_hbond.range_1_auth_asym_id 
_pdbx_struct_sheet_hbond.range_1_auth_seq_id 
_pdbx_struct_sheet_hbond.range_2_label_atom_id 
_pdbx_struct_sheet_hbond.range_2_label_comp_id 
_pdbx_struct_sheet_hbond.range_2_label_asym_id 
_pdbx_struct_sheet_hbond.range_2_label_seq_id 
_pdbx_struct_sheet_hbond.range_2_PDB_ins_code 
_pdbx_struct_sheet_hbond.range_2_auth_atom_id 
_pdbx_struct_sheet_hbond.range_2_auth_comp_id 
_pdbx_struct_sheet_hbond.range_2_auth_asym_id 
_pdbx_struct_sheet_hbond.range_2_auth_seq_id 
AA1 1 2 N THR A 15 ? N THR A 15 O THR A 48 ? O THR A 48 
AA1 2 3 N GLN A 43 ? N GLN A 43 O ASN A 77 ? O ASN A 77 
AA1 3 4 N ALA A 84 ? N ALA A 84 O GLU A 89 ? O GLU A 89 
# 
_atom_sites.entry_id                    7TBR 
_atom_sites.Cartn_transf_matrix[1][1]   ? 
_atom_sites.Cartn_transf_matrix[1][2]   ? 
_atom_sites.Cartn_transf_matrix[1][3]   ? 
_atom_sites.Cartn_transf_matrix[2][1]   ? 
_atom_sites.Cartn_transf_matrix[2][2]   ? 
_atom_sites.Cartn_transf_matrix[2][3]   ? 
_atom_sites.Cartn_transf_matrix[3][1]   ? 
_atom_sites.Cartn_transf_matrix[3][2]   ? 
_atom_sites.Cartn_transf_matrix[3][3]   ? 
_atom_sites.Cartn_transf_vector[1]      ? 
_atom_sites.Cartn_transf_vector[2]      ? 
_atom_sites.Cartn_transf_vector[3]      ? 
_atom_sites.fract_transf_matrix[1][1]   -0.00736351 
_atom_sites.fract_transf_matrix[1][2]   0.00946724 
_atom_sites.fract_transf_matrix[1][3]   0.00592461 
_atom_sites.fract_transf_matrix[2][1]   0.00089085 
_atom_sites.fract_transf_matrix[2][2]   -0.01361444 
_atom_sites.fract_transf_matrix[2][3]   0.02286243 
_atom_sites.fract_transf_matrix[3][1]   0.01112045 
_atom_sites.fract_transf_matrix[3][2]   0.01784805 
_atom_sites.fract_transf_matrix[3][3]   0.01019509 
_atom_sites.fract_transf_vector[1]      -0.180298 
_atom_sites.fract_transf_vector[2]      -0.020197 
_atom_sites.fract_transf_vector[3]      0.317016 
_atom_sites.solution_primary            ? 
_atom_sites.solution_secondary          ? 
_atom_sites.solution_hydrogens          ? 
_atom_sites.special_details             ? 
# 
loop_
_atom_type.symbol 
C  
MG 
N  
O  
S  
# 
loop_
_atom_site.group_PDB 
_atom_site.id 
_atom_site.type_symbol 
_atom_site.label_atom_id 
_atom_site.label_alt_id 
_atom_site.label_comp_id 
_atom_site.label_asym_id 
_atom_site.label_entity_id 
_atom_site.label_seq_id 
_atom_site.pdbx_PDB_ins_code 
_atom_site.Cartn_x 
_atom_site.Cartn_y 
_atom_site.Cartn_z 
_atom_site.occupancy 
_atom_site.B_iso_or_equiv 
_atom_site.pdbx_formal_charge 
_atom_site.auth_seq_id 
_atom_site.auth_comp_id 
_atom_site.auth_asym_id 
_atom_site.auth_atom_id 
_atom_site.pdbx_PDB_model_num 
ATOM   1    N  N   . ILE A 1 4   ? 6.974   -16.562 -9.969  1.00 41.63 ? 4   ILE A N   1 
ATOM   2    C  CA  . ILE A 1 4   ? 6.100   -16.146 -8.826  1.00 39.40 ? 4   ILE A CA  1 
ATOM   3    C  C   . ILE A 1 4   ? 4.695   -15.910 -9.368  1.00 33.30 ? 4   ILE A C   1 
ATOM   4    O  O   . ILE A 1 4   ? 4.595   -15.227 -10.398 1.00 39.10 ? 4   ILE A O   1 
ATOM   5    C  CB  . ILE A 1 4   ? 6.662   -14.879 -8.148  1.00 40.35 ? 4   ILE A CB  1 
ATOM   6    C  CG1 . ILE A 1 4   ? 7.990   -15.180 -7.450  1.00 42.61 ? 4   ILE A CG1 1 
ATOM   7    C  CG2 . ILE A 1 4   ? 5.663   -14.251 -7.193  1.00 42.10 ? 4   ILE A CG2 1 
ATOM   8    C  CD1 . ILE A 1 4   ? 8.663   -13.950 -6.895  1.00 45.64 ? 4   ILE A CD1 1 
ATOM   9    N  N   . GLU A 1 5   ? 3.666   -16.434 -8.703  1.00 28.60 ? 5   GLU A N   1 
ATOM   10   C  CA  . GLU A 1 5   ? 2.261   -16.140 -9.065  1.00 26.32 ? 5   GLU A CA  1 
ATOM   11   C  C   . GLU A 1 5   ? 1.638   -15.309 -7.947  1.00 22.34 ? 5   GLU A C   1 
ATOM   12   O  O   . GLU A 1 5   ? 1.753   -15.634 -6.777  1.00 24.46 ? 5   GLU A O   1 
ATOM   13   C  CB  . GLU A 1 5   ? 1.478   -17.413 -9.364  1.00 31.01 ? 5   GLU A CB  1 
ATOM   14   C  CG  . GLU A 1 5   ? 0.196   -17.131 -10.134 1.00 36.48 ? 5   GLU A CG  1 
ATOM   15   C  CD  . GLU A 1 5   ? -0.690  -18.335 -10.404 1.00 41.10 ? 5   GLU A CD  1 
ATOM   16   O  OE1 . GLU A 1 5   ? -0.191  -19.477 -10.307 1.00 41.07 ? 5   GLU A OE1 1 
ATOM   17   O  OE2 . GLU A 1 5   ? -1.889  -18.125 -10.701 1.00 48.72 ? 5   GLU A OE2 1 
ATOM   18   N  N   . VAL A 1 6   ? 1.158   -14.160 -8.331  1.00 16.50 ? 6   VAL A N   1 
ATOM   19   C  CA  . VAL A 1 6   ? 0.421   -13.276 -7.402  1.00 13.66 ? 6   VAL A CA  1 
ATOM   20   C  C   . VAL A 1 6   ? -1.056  -13.352 -7.718  1.00 11.99 ? 6   VAL A C   1 
ATOM   21   O  O   . VAL A 1 6   ? -1.472  -13.787 -8.823  1.00 13.81 ? 6   VAL A O   1 
ATOM   22   C  CB  . VAL A 1 6   ? 0.947   -11.854 -7.457  1.00 13.56 ? 6   VAL A CB  1 
ATOM   23   C  CG1 . VAL A 1 6   ? 2.412   -11.873 -7.129  1.00 14.75 ? 6   VAL A CG1 1 
ATOM   24   C  CG2 . VAL A 1 6   ? 0.701   -11.169 -8.769  1.00 15.00 ? 6   VAL A CG2 1 
ATOM   25   N  N   . ILE A 1 7   ? -1.859  -12.760 -6.864  1.00 12.43 ? 7   ILE A N   1 
ATOM   26   C  CA  . ILE A 1 7   ? -3.308  -12.674 -7.101  1.00 12.18 ? 7   ILE A CA  1 
ATOM   27   C  C   . ILE A 1 7   ? -3.575  -11.861 -8.367  1.00 11.55 ? 7   ILE A C   1 
ATOM   28   O  O   . ILE A 1 7   ? -2.852  -10.943 -8.722  1.00 12.12 ? 7   ILE A O   1 
ATOM   29   C  CB  . ILE A 1 7   ? -4.072  -12.080 -5.904  1.00 12.10 ? 7   ILE A CB  1 
ATOM   30   C  CG1 . ILE A 1 7   ? -3.537  -10.703 -5.491  1.00 11.87 ? 7   ILE A CG1 1 
ATOM   31   C  CG2 . ILE A 1 7   ? -4.110  -13.068 -4.741  1.00 13.60 ? 7   ILE A CG2 1 
ATOM   32   C  CD1 . ILE A 1 7   ? -4.424  -9.959  -4.515  1.00 12.85 ? 7   ILE A CD1 1 
ATOM   33   N  N   . PRO A 1 8   ? -4.654  -12.186 -9.095  1.00 13.38 ? 8   PRO A N   1 
ATOM   34   C  CA  . PRO A 1 8   ? -4.978  -11.426 -10.293 1.00 13.36 ? 8   PRO A CA  1 
ATOM   35   C  C   . PRO A 1 8   ? -5.456  -10.016 -9.979  1.00 12.41 ? 8   PRO A C   1 
ATOM   36   O  O   . PRO A 1 8   ? -5.887  -9.746  -8.848  1.00 12.62 ? 8   PRO A O   1 
ATOM   37   C  CB  . PRO A 1 8   ? -6.104  -12.266 -10.932 1.00 15.52 ? 8   PRO A CB  1 
ATOM   38   C  CG  . PRO A 1 8   ? -6.741  -12.929 -9.778  1.00 16.94 ? 8   PRO A CG  1 
ATOM   39   C  CD  . PRO A 1 8   ? -5.591  -13.289 -8.858  1.00 14.89 ? 8   PRO A CD  1 
ATOM   40   N  N   . PRO A 1 9   ? -5.451  -9.124  -10.958 1.00 12.41 ? 9   PRO A N   1 
ATOM   41   C  CA  . PRO A 1 9   ? -5.954  -7.771  -10.742 1.00 12.70 ? 9   PRO A CA  1 
ATOM   42   C  C   . PRO A 1 9   ? -7.343  -7.797  -10.144 1.00 12.80 ? 9   PRO A C   1 
ATOM   43   O  O   . PRO A 1 9   ? -8.244  -8.506  -10.603 1.00 14.05 ? 9   PRO A O   1 
ATOM   44   C  CB  . PRO A 1 9   ? -5.966  -7.203  -12.149 1.00 13.44 ? 9   PRO A CB  1 
ATOM   45   C  CG  . PRO A 1 9   ? -4.840  -7.943  -12.879 1.00 12.94 ? 9   PRO A CG  1 
ATOM   46   C  CD  . PRO A 1 9   ? -4.953  -9.336  -12.323 1.00 13.24 ? 9   PRO A CD  1 
ATOM   47   N  N   . SER A 1 10  ? -7.568  -7.022  -9.064  1.00 12.08 ? 10  SER A N   1 
ATOM   48   C  CA  . SER A 1 10  ? -8.881  -6.970  -8.404  1.00 11.95 ? 10  SER A CA  1 
ATOM   49   C  C   . SER A 1 10  ? -9.758  -5.829  -8.924  1.00 10.47 ? 10  SER A C   1 
ATOM   50   O  O   . SER A 1 10  ? -10.949 -5.826  -8.664  1.00 11.98 ? 10  SER A O   1 
ATOM   51   C  CB  . SER A 1 10  ? -8.670  -6.830  -6.912  1.00 12.04 ? 10  SER A CB  1 
ATOM   52   O  OG  . SER A 1 10  ? -8.200  -5.526  -6.682  1.00 12.18 ? 10  SER A OG  1 
ATOM   53   N  N   . GLY A 1 11  ? -9.172  -4.819  -9.507  1.00 10.81 ? 11  GLY A N   1 
ATOM   54   C  CA  . GLY A 1 11  ? -9.926  -3.624  -9.864  1.00 12.35 ? 11  GLY A CA  1 
ATOM   55   C  C   . GLY A 1 11  ? -10.211 -2.763  -8.661  1.00 12.84 ? 11  GLY A C   1 
ATOM   56   O  O   . GLY A 1 11  ? -11.010 -1.802  -8.809  1.00 15.43 ? 11  GLY A O   1 
ATOM   57   N  N   . GLN A 1 12  ? -9.653  -3.048  -7.485  1.00 11.40 ? 12  GLN A N   1 
ATOM   58   C  CA  A GLN A 1 12  ? -10.029 -2.399  -6.191  0.50 11.49 ? 12  GLN A CA  1 
ATOM   59   C  CA  B GLN A 1 12  ? -10.046 -2.284  -6.287  0.50 12.02 ? 12  GLN A CA  1 
ATOM   60   C  C   . GLN A 1 12  ? -8.863  -1.526  -5.708  1.00 10.76 ? 12  GLN A C   1 
ATOM   61   O  O   . GLN A 1 12  ? -7.747  -1.970  -5.798  1.00 11.21 ? 12  GLN A O   1 
ATOM   62   C  CB  A GLN A 1 12  ? -10.354 -3.424  -5.107  0.50 12.31 ? 12  GLN A CB  1 
ATOM   63   C  CB  B GLN A 1 12  ? -10.625 -3.205  -5.243  0.50 12.85 ? 12  GLN A CB  1 
ATOM   64   C  CG  A GLN A 1 12  ? -11.615 -4.249  -5.405  0.50 14.48 ? 12  GLN A CG  1 
ATOM   65   C  CG  B GLN A 1 12  ? -11.811 -4.040  -5.753  0.50 15.21 ? 12  GLN A CG  1 
ATOM   66   C  CD  A GLN A 1 12  ? -11.969 -5.343  -4.429  0.50 16.76 ? 12  GLN A CD  1 
ATOM   67   C  CD  B GLN A 1 12  ? -13.091 -3.280  -5.966  0.50 19.56 ? 12  GLN A CD  1 
ATOM   68   O  OE1 A GLN A 1 12  ? -11.473 -5.465  -3.300  0.50 16.74 ? 12  GLN A OE1 1 
ATOM   69   O  OE1 B GLN A 1 12  ? -13.198 -2.083  -5.753  0.50 23.66 ? 12  GLN A OE1 1 
ATOM   70   N  NE2 A GLN A 1 12  ? -12.898 -6.159  -4.888  0.50 21.13 ? 12  GLN A NE2 1 
ATOM   71   N  NE2 B GLN A 1 12  ? -14.100 -3.993  -6.438  0.50 20.57 ? 12  GLN A NE2 1 
ATOM   72   N  N   . TRP A 1 13  ? -9.160  -0.376  -5.129  1.00 11.08 ? 13  TRP A N   1 
ATOM   73   C  CA  . TRP A 1 13  ? -8.125  0.386   -4.392  1.00 9.91  ? 13  TRP A CA  1 
ATOM   74   C  C   . TRP A 1 13  ? -7.656  -0.359  -3.156  1.00 9.10  ? 13  TRP A C   1 
ATOM   75   O  O   . TRP A 1 13  ? -6.448  -0.279  -2.837  1.00 9.58  ? 13  TRP A O   1 
ATOM   76   C  CB  . TRP A 1 13  ? -8.700  1.735   -3.987  1.00 10.58 ? 13  TRP A CB  1 
ATOM   77   C  CG  . TRP A 1 13  ? -9.036  2.582   -5.179  1.00 11.64 ? 13  TRP A CG  1 
ATOM   78   C  CD1 . TRP A 1 13  ? -10.280 2.734   -5.754  1.00 12.87 ? 13  TRP A CD1 1 
ATOM   79   C  CD2 . TRP A 1 13  ? -8.095  3.214   -6.035  1.00 11.82 ? 13  TRP A CD2 1 
ATOM   80   N  NE1 . TRP A 1 13  ? -10.126 3.475   -6.919  1.00 14.81 ? 13  TRP A NE1 1 
ATOM   81   C  CE2 . TRP A 1 13  ? -8.821  3.808   -7.093  1.00 12.69 ? 13  TRP A CE2 1 
ATOM   82   C  CE3 . TRP A 1 13  ? -6.724  3.417   -5.981  1.00 12.24 ? 13  TRP A CE3 1 
ATOM   83   C  CZ2 . TRP A 1 13  ? -8.226  4.534   -8.116  1.00 15.00 ? 13  TRP A CZ2 1 
ATOM   84   C  CZ3 . TRP A 1 13  ? -6.135  4.159   -6.978  1.00 14.05 ? 13  TRP A CZ3 1 
ATOM   85   C  CH2 . TRP A 1 13  ? -6.881  4.687   -8.037  1.00 15.02 ? 13  TRP A CH2 1 
ATOM   86   N  N   . VAL A 1 14  ? -8.551  -1.063  -2.501  1.00 9.61  ? 14  VAL A N   1 
ATOM   87   C  CA  . VAL A 1 14  ? -8.231  -1.855  -1.298  1.00 9.90  ? 14  VAL A CA  1 
ATOM   88   C  C   . VAL A 1 14  ? -8.659  -3.293  -1.561  1.00 8.89  ? 14  VAL A C   1 
ATOM   89   O  O   . VAL A 1 14  ? -9.876  -3.505  -1.816  1.00 10.79 ? 14  VAL A O   1 
ATOM   90   C  CB  . VAL A 1 14  ? -8.923  -1.286  -0.067  1.00 10.39 ? 14  VAL A CB  1 
ATOM   91   C  CG1 . VAL A 1 14  ? -8.624  -2.107  1.161   1.00 11.42 ? 14  VAL A CG1 1 
ATOM   92   C  CG2 . VAL A 1 14  ? -8.512  0.175   0.156   1.00 11.28 ? 14  VAL A CG2 1 
ATOM   93   N  N   . THR A 1 15  ? -7.726  -4.216  -1.550  1.00 8.93  ? 15  THR A N   1 
ATOM   94   C  CA  . THR A 1 15  ? -7.994  -5.650  -1.766  1.00 9.39  ? 15  THR A CA  1 
ATOM   95   C  C   . THR A 1 15  ? -7.669  -6.355  -0.456  1.00 9.13  ? 15  THR A C   1 
ATOM   96   O  O   . THR A 1 15  ? -6.500  -6.660  -0.240  1.00 10.78 ? 15  THR A O   1 
ATOM   97   C  CB  . THR A 1 15  ? -7.192  -6.168  -2.955  1.00 9.35  ? 15  THR A CB  1 
ATOM   98   O  OG1 . THR A 1 15  ? -7.469  -5.320  -4.081  1.00 10.35 ? 15  THR A OG1 1 
ATOM   99   C  CG2 . THR A 1 15  ? -7.603  -7.602  -3.273  1.00 10.26 ? 15  THR A CG2 1 
ATOM   100  N  N   . ASP A 1 16  ? -8.653  -6.538  0.389   1.00 9.95  ? 16  ASP A N   1 
ATOM   101  C  CA  . ASP A 1 16  ? -8.427  -6.898  1.808   1.00 10.42 ? 16  ASP A CA  1 
ATOM   102  C  C   . ASP A 1 16  ? -8.670  -8.404  1.950   1.00 10.14 ? 16  ASP A C   1 
ATOM   103  O  O   . ASP A 1 16  ? -9.659  -8.818  2.591   1.00 11.05 ? 16  ASP A O   1 
ATOM   104  C  CB  . ASP A 1 16  ? -9.323  -6.071  2.681   1.00 10.75 ? 16  ASP A CB  1 
ATOM   105  C  CG  . ASP A 1 16  ? -9.153  -6.315  4.183   1.00 11.35 ? 16  ASP A CG  1 
ATOM   106  O  OD1 . ASP A 1 16  ? -8.071  -6.708  4.609   1.00 10.42 ? 16  ASP A OD1 1 
ATOM   107  O  OD2 . ASP A 1 16  ? -10.157 -6.082  4.867   1.00 12.73 ? 16  ASP A OD2 1 
ATOM   108  N  N   . LEU A 1 17  ? -7.787  -9.203  1.423   1.00 10.09 ? 17  LEU A N   1 
ATOM   109  C  CA  . LEU A 1 17  ? -8.002  -10.654 1.458   1.00 10.07 ? 17  LEU A CA  1 
ATOM   110  C  C   . LEU A 1 17  ? -7.709  -11.215 2.833   1.00 10.34 ? 17  LEU A C   1 
ATOM   111  O  O   . LEU A 1 17  ? -8.165  -12.371 3.139   1.00 11.67 ? 17  LEU A O   1 
ATOM   112  C  CB  . LEU A 1 17  ? -7.181  -11.382 0.405   1.00 11.15 ? 17  LEU A CB  1 
ATOM   113  C  CG  . LEU A 1 17  ? -7.388  -10.897 -1.025  1.00 12.95 ? 17  LEU A CG  1 
ATOM   114  C  CD1 . LEU A 1 17  ? -6.634  -11.761 -1.998  1.00 14.38 ? 17  LEU A CD1 1 
ATOM   115  C  CD2 . LEU A 1 17  ? -8.844  -10.739 -1.405  1.00 15.24 ? 17  LEU A CD2 1 
ATOM   116  N  N   . ALA A 1 18  ? -7.010  -10.530 3.723   1.00 10.70 ? 18  ALA A N   1 
ATOM   117  C  CA  . ALA A 1 18  ? -6.848  -10.947 5.126   1.00 11.03 ? 18  ALA A CA  1 
ATOM   118  C  C   . ALA A 1 18  ? -8.036  -10.508 5.945   1.00 10.91 ? 18  ALA A C   1 
ATOM   119  O  O   . ALA A 1 18  ? -8.102  -10.875 7.116   1.00 11.38 ? 18  ALA A O   1 
ATOM   120  C  CB  . ALA A 1 18  ? -5.566  -10.390 5.691   1.00 12.18 ? 18  ALA A CB  1 
ATOM   121  N  N   . ASP A 1 19  ? -8.971  -9.742  5.399   1.00 11.04 ? 19  ASP A N   1 
ATOM   122  C  CA  . ASP A 1 19  ? -10.154 -9.209  6.101   1.00 10.62 ? 19  ASP A CA  1 
ATOM   123  C  C   . ASP A 1 19  ? -9.751  -8.524  7.413   1.00 11.03 ? 19  ASP A C   1 
ATOM   124  O  O   . ASP A 1 19  ? -10.340 -8.786  8.481   1.00 12.35 ? 19  ASP A O   1 
ATOM   125  C  CB  . ASP A 1 19  ? -11.271 -10.223 6.337   1.00 12.06 ? 19  ASP A CB  1 
ATOM   126  C  CG  . ASP A 1 19  ? -12.566 -9.515  6.683   1.00 15.00 ? 19  ASP A CG  1 
ATOM   127  O  OD1 . ASP A 1 19  ? -12.802 -8.362  6.166   1.00 20.14 ? 19  ASP A OD1 1 
ATOM   128  O  OD2 . ASP A 1 19  ? -13.338 -10.048 7.465   1.00 15.92 ? 19  ASP A OD2 1 
ATOM   129  N  N   . LEU A 1 20  ? -8.829  -7.574  7.297   1.00 10.70 ? 20  LEU A N   1 
ATOM   130  C  CA  . LEU A 1 20  ? -8.408  -6.709  8.427   1.00 11.45 ? 20  LEU A CA  1 
ATOM   131  C  C   . LEU A 1 20  ? -9.381  -5.552  8.637   1.00 11.46 ? 20  LEU A C   1 
ATOM   132  O  O   . LEU A 1 20  ? -9.323  -4.982  9.733   1.00 13.90 ? 20  LEU A O   1 
ATOM   133  C  CB  . LEU A 1 20  ? -7.032  -6.135  8.163   1.00 12.19 ? 20  LEU A CB  1 
ATOM   134  C  CG  . LEU A 1 20  ? -5.947  -7.166  7.934   1.00 14.78 ? 20  LEU A CG  1 
ATOM   135  C  CD1 . LEU A 1 20  ? -4.567  -6.576  7.700   1.00 15.56 ? 20  LEU A CD1 1 
ATOM   136  C  CD2 . LEU A 1 20  ? -5.883  -8.112  9.071   1.00 16.51 ? 20  LEU A CD2 1 
ATOM   137  N  N   . LEU A 1 21  ? -10.114 -5.165  7.620   1.00 11.70 ? 21  LEU A N   1 
ATOM   138  C  CA  . LEU A 1 21  ? -10.892 -3.909  7.611   1.00 12.27 ? 21  LEU A CA  1 
ATOM   139  C  C   . LEU A 1 21  ? -12.376 -4.206  7.481   1.00 14.30 ? 21  LEU A C   1 
ATOM   140  O  O   . LEU A 1 21  ? -12.753 -5.117  6.713   1.00 17.24 ? 21  LEU A O   1 
ATOM   141  C  CB  . LEU A 1 21  ? -10.448 -3.105  6.386   1.00 12.10 ? 21  LEU A CB  1 
ATOM   142  C  CG  . LEU A 1 21  ? -8.986  -2.693  6.367   1.00 11.27 ? 21  LEU A CG  1 
ATOM   143  C  CD1 . LEU A 1 21  ? -8.572  -2.208  4.974   1.00 13.96 ? 21  LEU A CD1 1 
ATOM   144  C  CD2 . LEU A 1 21  ? -8.651  -1.665  7.443   1.00 13.17 ? 21  LEU A CD2 1 
ATOM   145  N  N   . THR A 1 22  ? -13.197 -3.383  8.127   1.00 14.81 ? 22  THR A N   1 
ATOM   146  C  CA  . THR A 1 22  ? -14.663 -3.434  7.900   1.00 16.79 ? 22  THR A CA  1 
ATOM   147  C  C   . THR A 1 22  ? -14.976 -2.878  6.526   1.00 17.67 ? 22  THR A C   1 
ATOM   148  O  O   . THR A 1 22  ? -14.167 -2.089  5.981   1.00 16.87 ? 22  THR A O   1 
ATOM   149  C  CB  . THR A 1 22  ? -15.440 -2.656  8.961   1.00 19.35 ? 22  THR A CB  1 
ATOM   150  O  OG1 . THR A 1 22  ? -15.108 -1.284  8.689   1.00 18.40 ? 22  THR A OG1 1 
ATOM   151  C  CG2 . THR A 1 22  ? -15.080 -3.026  10.372  1.00 20.79 ? 22  THR A CG2 1 
ATOM   152  N  N   . PRO A 1 23  ? -16.133 -3.207  5.868   1.00 18.67 ? 23  PRO A N   1 
ATOM   153  C  CA  . PRO A 1 23  ? -16.459 -2.546  4.608   1.00 19.45 ? 23  PRO A CA  1 
ATOM   154  C  C   . PRO A 1 23  ? -16.392 -1.008  4.661   1.00 18.16 ? 23  PRO A C   1 
ATOM   155  O  O   . PRO A 1 23  ? -15.993 -0.416  3.665   1.00 19.62 ? 23  PRO A O   1 
ATOM   156  C  CB  . PRO A 1 23  ? -17.903 -3.050  4.344   1.00 19.98 ? 23  PRO A CB  1 
ATOM   157  C  CG  . PRO A 1 23  ? -17.869 -4.456  4.903   1.00 23.46 ? 23  PRO A CG  1 
ATOM   158  C  CD  . PRO A 1 23  ? -17.093 -4.311  6.192   1.00 20.47 ? 23  PRO A CD  1 
ATOM   159  N  N   . ALA A 1 24  ? -16.869 -0.423  5.729   1.00 19.35 ? 24  ALA A N   1 
ATOM   160  C  CA  . ALA A 1 24  ? -16.858 1.061   5.895   1.00 18.97 ? 24  ALA A CA  1 
ATOM   161  C  C   . ALA A 1 24  ? -15.415 1.572   5.937   1.00 18.73 ? 24  ALA A C   1 
ATOM   162  O  O   . ALA A 1 24  ? -15.152 2.599   5.258   1.00 18.09 ? 24  ALA A O   1 
ATOM   163  C  CB  . ALA A 1 24  ? -17.623 1.467   7.117   1.00 19.82 ? 24  ALA A CB  1 
ATOM   164  N  N   . GLU A 1 25  ? -14.511 0.868   6.630   1.00 16.35 ? 25  GLU A N   1 
ATOM   165  C  CA  . GLU A 1 25  ? -13.077 1.241   6.654   1.00 15.03 ? 25  GLU A CA  1 
ATOM   166  C  C   . GLU A 1 25  ? -12.480 1.085   5.254   1.00 14.99 ? 25  GLU A C   1 
ATOM   167  O  O   . GLU A 1 25  ? -11.734 1.996   4.794   1.00 13.82 ? 25  GLU A O   1 
ATOM   168  C  CB  . GLU A 1 25  ? -12.345 0.348   7.636   1.00 15.96 ? 25  GLU A CB  1 
ATOM   169  C  CG  . GLU A 1 25  ? -12.647 0.738   9.073   1.00 15.72 ? 25  GLU A CG  1 
ATOM   170  C  CD  . GLU A 1 25  ? -12.106 -0.225  10.112  1.00 17.92 ? 25  GLU A CD  1 
ATOM   171  O  OE1 . GLU A 1 25  ? -11.797 -1.389  9.777   1.00 16.92 ? 25  GLU A OE1 1 
ATOM   172  O  OE2 . GLU A 1 25  ? -12.003 0.140   11.296  1.00 20.04 ? 25  GLU A OE2 1 
ATOM   173  N  N   . GLU A 1 26  ? -12.787 0.017   4.508   1.00 14.20 ? 26  GLU A N   1 
ATOM   174  C  CA  . GLU A 1 26  ? -12.299 -0.141  3.122   1.00 14.44 ? 26  GLU A CA  1 
ATOM   175  C  C   . GLU A 1 26  ? -12.753 1.033   2.261   1.00 14.16 ? 26  GLU A C   1 
ATOM   176  O  O   . GLU A 1 26  ? -12.010 1.494   1.429   1.00 14.23 ? 26  GLU A O   1 
ATOM   177  C  CB  . GLU A 1 26  ? -12.748 -1.474  2.483   1.00 15.68 ? 26  GLU A CB  1 
ATOM   178  C  CG  . GLU A 1 26  ? -12.140 -2.723  3.065   1.00 18.03 ? 26  GLU A CG  1 
ATOM   179  C  CD  . GLU A 1 26  ? -12.490 -4.024  2.358   1.00 20.78 ? 26  GLU A CD  1 
ATOM   180  O  OE1 . GLU A 1 26  ? -12.434 -4.054  1.112   1.00 23.13 ? 26  GLU A OE1 1 
ATOM   181  O  OE2 . GLU A 1 26  ? -12.816 -5.015  3.066   1.00 21.56 ? 26  GLU A OE2 1 
ATOM   182  N  N   . ARG A 1 27  ? -14.057 1.356   2.347   1.00 16.39 ? 27  ARG A N   1 
ATOM   183  C  CA  . ARG A 1 27  ? -14.624 2.458   1.538   1.00 15.65 ? 27  ARG A CA  1 
ATOM   184  C  C   . ARG A 1 27  ? -13.958 3.796   1.886   1.00 14.14 ? 27  ARG A C   1 
ATOM   185  O  O   . ARG A 1 27  ? -13.657 4.535   0.981   1.00 14.81 ? 27  ARG A O   1 
ATOM   186  C  CB  . ARG A 1 27  ? -16.143 2.549   1.726   1.00 17.75 ? 27  ARG A CB  1 
ATOM   187  C  CG  . ARG A 1 27  ? -16.975 1.329   1.359   1.00 20.31 ? 27  ARG A CG  1 
ATOM   188  C  CD  . ARG A 1 27  ? -18.493 1.591   1.310   1.00 25.38 ? 27  ARG A CD  1 
ATOM   189  N  NE  . ARG A 1 27  ? -19.071 1.800   2.640   1.00 26.79 ? 27  ARG A NE  1 
ATOM   190  C  CZ  . ARG A 1 27  ? -19.568 0.858   3.448   1.00 27.52 ? 27  ARG A CZ  1 
ATOM   191  N  NH1 . ARG A 1 27  ? -19.503 -0.413  3.108   1.00 27.06 ? 27  ARG A NH1 1 
ATOM   192  N  NH2 . ARG A 1 27  ? -20.081 1.202   4.617   1.00 31.99 ? 27  ARG A NH2 1 
ATOM   193  N  N   . MET A 1 28  ? -13.697 4.043   3.141   1.00 13.42 ? 28  MET A N   1 
ATOM   194  C  CA  A MET A 1 28  ? -13.033 5.319   3.485   0.50 13.47 ? 28  MET A CA  1 
ATOM   195  C  CA  B MET A 1 28  ? -13.015 5.302   3.549   0.50 14.01 ? 28  MET A CA  1 
ATOM   196  C  C   . MET A 1 28  ? -11.619 5.356   2.910   1.00 13.05 ? 28  MET A C   1 
ATOM   197  O  O   . MET A 1 28  ? -11.236 6.361   2.307   1.00 13.13 ? 28  MET A O   1 
ATOM   198  C  CB  A MET A 1 28  ? -12.942 5.460   4.986   0.50 14.11 ? 28  MET A CB  1 
ATOM   199  C  CB  B MET A 1 28  ? -12.873 5.377   5.066   0.50 15.39 ? 28  MET A CB  1 
ATOM   200  C  CG  A MET A 1 28  ? -12.485 6.852   5.454   0.50 16.47 ? 28  MET A CG  1 
ATOM   201  C  CG  B MET A 1 28  ? -14.131 5.914   5.805   0.50 17.82 ? 28  MET A CG  1 
ATOM   202  S  SD  A MET A 1 28  ? -13.569 8.275   5.032   0.50 21.75 ? 28  MET A SD  1 
ATOM   203  S  SD  B MET A 1 28  ? -13.852 6.529   7.523   0.50 28.01 ? 28  MET A SD  1 
ATOM   204  C  CE  A MET A 1 28  ? -15.045 7.728   5.873   0.50 22.69 ? 28  MET A CE  1 
ATOM   205  C  CE  B MET A 1 28  ? -13.715 4.931   8.316   0.50 23.84 ? 28  MET A CE  1 
ATOM   206  N  N   . LEU A 1 29  ? -10.842 4.288   3.053   1.00 11.70 ? 29  LEU A N   1 
ATOM   207  C  CA  . LEU A 1 29  ? -9.479  4.262   2.471   1.00 11.62 ? 29  LEU A CA  1 
ATOM   208  C  C   . LEU A 1 29  ? -9.581  4.413   0.966   1.00 11.51 ? 29  LEU A C   1 
ATOM   209  O  O   . LEU A 1 29  ? -8.823  5.121   0.346   1.00 11.80 ? 29  LEU A O   1 
ATOM   210  C  CB  . LEU A 1 29  ? -8.772  2.971   2.840   1.00 11.92 ? 29  LEU A CB  1 
ATOM   211  C  CG  . LEU A 1 29  ? -8.330  2.866   4.283   1.00 11.67 ? 29  LEU A CG  1 
ATOM   212  C  CD1 . LEU A 1 29  ? -7.881  1.455   4.552   1.00 13.68 ? 29  LEU A CD1 1 
ATOM   213  C  CD2 . LEU A 1 29  ? -7.216  3.854   4.582   1.00 14.15 ? 29  LEU A CD2 1 
ATOM   214  N  N   . SER A 1 30  ? -10.514 3.688   0.342   1.00 11.96 ? 30  SER A N   1 
ATOM   215  C  CA  . SER A 1 30  ? -10.655 3.700   -1.121  1.00 13.31 ? 30  SER A CA  1 
ATOM   216  C  C   . SER A 1 30  ? -10.955 5.104   -1.635  1.00 12.41 ? 30  SER A C   1 
ATOM   217  O  O   . SER A 1 30  ? -10.419 5.503   -2.676  1.00 13.86 ? 30  SER A O   1 
ATOM   218  C  CB  . SER A 1 30  ? -11.788 2.766   -1.527  1.00 14.84 ? 30  SER A CB  1 
ATOM   219  O  OG  . SER A 1 30  ? -11.434 1.425   -1.279  1.00 15.71 ? 30  SER A OG  1 
ATOM   220  N  N   . ARG A 1 31  ? -11.791 5.856   -0.914  1.00 12.89 ? 31  ARG A N   1 
ATOM   221  C  CA  . ARG A 1 31  ? -12.127 7.224   -1.368  1.00 14.30 ? 31  ARG A CA  1 
ATOM   222  C  C   . ARG A 1 31  ? -10.865 8.075   -1.391  1.00 13.99 ? 31  ARG A C   1 
ATOM   223  O  O   . ARG A 1 31  ? -10.654 8.862   -2.330  1.00 15.05 ? 31  ARG A O   1 
ATOM   224  C  CB  . ARG A 1 31  ? -13.173 7.823   -0.440  1.00 17.35 ? 31  ARG A CB  1 
ATOM   225  C  CG  . ARG A 1 31  ? -13.618 9.224   -0.807  1.00 24.38 ? 31  ARG A CG  1 
ATOM   226  C  CD  . ARG A 1 31  ? -14.867 9.519   -0.031  1.00 32.86 ? 31  ARG A CD  1 
ATOM   227  N  NE  . ARG A 1 31  ? -15.851 8.450   -0.177  1.00 41.86 ? 31  ARG A NE  1 
ATOM   228  C  CZ  . ARG A 1 31  ? -16.081 7.480   0.708   1.00 47.04 ? 31  ARG A CZ  1 
ATOM   229  N  NH1 . ARG A 1 31  ? -15.407 7.440   1.847   1.00 51.96 ? 31  ARG A NH1 1 
ATOM   230  N  NH2 . ARG A 1 31  ? -17.000 6.565   0.451   1.00 45.43 ? 31  ARG A NH2 1 
ATOM   231  N  N   . LYS A 1 32  ? -10.049 7.970   -0.343  1.00 13.01 ? 32  LYS A N   1 
ATOM   232  C  CA  . LYS A 1 32  ? -8.815  8.741   -0.239  1.00 13.71 ? 32  LYS A CA  1 
ATOM   233  C  C   . LYS A 1 32  ? -7.847  8.406   -1.360  1.00 12.21 ? 32  LYS A C   1 
ATOM   234  O  O   . LYS A 1 32  ? -7.261  9.272   -1.993  1.00 13.30 ? 32  LYS A O   1 
ATOM   235  C  CB  . LYS A 1 32  ? -8.187  8.547   1.142   1.00 14.75 ? 32  LYS A CB  1 
ATOM   236  C  CG  . LYS A 1 32  ? -6.917  9.326   1.381   1.00 15.51 ? 32  LYS A CG  1 
ATOM   237  C  CD  . LYS A 1 32  ? -6.735  9.582   2.883   1.00 16.86 ? 32  LYS A CD  1 
ATOM   238  C  CE  . LYS A 1 32  ? -6.378  8.372   3.707   1.00 14.56 ? 32  LYS A CE  1 
ATOM   239  N  NZ  . LYS A 1 32  ? -6.080  8.868   5.063   1.00 11.83 ? 32  LYS A NZ  1 
ATOM   240  N  N   . LEU A 1 33  ? -7.690  7.104   -1.614  1.00 12.47 ? 33  LEU A N   1 
ATOM   241  C  CA  . LEU A 1 33  ? -6.774  6.625   -2.666  1.00 12.22 ? 33  LEU A CA  1 
ATOM   242  C  C   . LEU A 1 33  ? -7.259  7.053   -4.057  1.00 12.53 ? 33  LEU A C   1 
ATOM   243  O  O   . LEU A 1 33  ? -6.470  7.549   -4.864  1.00 13.48 ? 33  LEU A O   1 
ATOM   244  C  CB  . LEU A 1 33  ? -6.644  5.111   -2.549  1.00 11.39 ? 33  LEU A CB  1 
ATOM   245  C  CG  . LEU A 1 33  ? -6.029  4.612   -1.236  1.00 10.89 ? 33  LEU A CG  1 
ATOM   246  C  CD1 . LEU A 1 33  ? -6.210  3.105   -1.147  1.00 11.51 ? 33  LEU A CD1 1 
ATOM   247  C  CD2 . LEU A 1 33  ? -4.572  4.950   -1.153  1.00 11.89 ? 33  LEU A CD2 1 
ATOM   248  N  N   . ALA A 1 34  ? -8.548  6.899   -4.319  1.00 12.70 ? 34  ALA A N   1 
ATOM   249  C  CA  . ALA A 1 34  ? -9.103  7.249   -5.652  1.00 14.33 ? 34  ALA A CA  1 
ATOM   250  C  C   . ALA A 1 34  ? -8.930  8.744   -5.876  1.00 16.58 ? 34  ALA A C   1 
ATOM   251  O  O   . ALA A 1 34  ? -8.614  9.180   -7.002  1.00 17.19 ? 34  ALA A O   1 
ATOM   252  C  CB  . ALA A 1 34  ? -10.531 6.835   -5.713  1.00 16.41 ? 34  ALA A CB  1 
ATOM   253  N  N   . THR A 1 35  ? -9.203  9.544   -4.857  1.00 16.30 ? 35  THR A N   1 
ATOM   254  C  CA  . THR A 1 35  ? -9.140  11.017  -5.006  1.00 18.13 ? 35  THR A CA  1 
ATOM   255  C  C   . THR A 1 35  ? -7.709  11.414  -5.306  1.00 16.92 ? 35  THR A C   1 
ATOM   256  O  O   . THR A 1 35  ? -7.435  12.293  -6.129  1.00 17.83 ? 35  THR A O   1 
ATOM   257  C  CB  . THR A 1 35  ? -9.653  11.742  -3.753  1.00 20.07 ? 35  THR A CB  1 
ATOM   258  O  OG1 . THR A 1 35  ? -11.003 11.386  -3.509  1.00 21.70 ? 35  THR A OG1 1 
ATOM   259  C  CG2 . THR A 1 35  ? -9.609  13.244  -3.933  1.00 20.64 ? 35  THR A CG2 1 
ATOM   260  N  N   . TYR A 1 36  ? -6.734  10.815  -4.654  1.00 14.89 ? 36  TYR A N   1 
ATOM   261  C  CA  . TYR A 1 36  ? -5.344  11.158  -4.893  1.00 14.45 ? 36  TYR A CA  1 
ATOM   262  C  C   . TYR A 1 36  ? -4.980  10.831  -6.343  1.00 15.07 ? 36  TYR A C   1 
ATOM   263  O  O   . TYR A 1 36  ? -4.238  11.589  -6.960  1.00 15.06 ? 36  TYR A O   1 
ATOM   264  C  CB  . TYR A 1 36  ? -4.435  10.472  -3.865  1.00 15.92 ? 36  TYR A CB  1 
ATOM   265  C  CG  . TYR A 1 36  ? -3.026  10.924  -3.996  1.00 16.04 ? 36  TYR A CG  1 
ATOM   266  C  CD1 . TYR A 1 36  ? -2.676  12.244  -3.749  1.00 16.48 ? 36  TYR A CD1 1 
ATOM   267  C  CD2 . TYR A 1 36  ? -2.015  10.062  -4.348  1.00 15.77 ? 36  TYR A CD2 1 
ATOM   268  C  CE1 . TYR A 1 36  ? -1.369  12.667  -3.866  1.00 17.79 ? 36  TYR A CE1 1 
ATOM   269  C  CE2 . TYR A 1 36  ? -0.717  10.481  -4.469  1.00 18.15 ? 36  TYR A CE2 1 
ATOM   270  C  CZ  . TYR A 1 36  ? -0.383  11.786  -4.234  1.00 19.19 ? 36  TYR A CZ  1 
ATOM   271  O  OH  . TYR A 1 36  ? 0.921   12.195  -4.344  1.00 24.89 ? 36  TYR A OH  1 
ATOM   272  N  N   . ALA A 1 37  ? -5.412  9.669   -6.804  1.00 14.36 ? 37  ALA A N   1 
ATOM   273  C  CA  . ALA A 1 37  ? -5.120  9.233   -8.196  1.00 14.35 ? 37  ALA A CA  1 
ATOM   274  C  C   . ALA A 1 37  ? -5.767  10.237  -9.171  1.00 15.46 ? 37  ALA A C   1 
ATOM   275  O  O   . ALA A 1 37  ? -5.108  10.578  -10.202 1.00 17.00 ? 37  ALA A O   1 
ATOM   276  C  CB  . ALA A 1 37  ? -5.670  7.815   -8.378  1.00 15.54 ? 37  ALA A CB  1 
ATOM   277  N  N   . ASP A 1 38  ? -6.992  10.632  -8.897  1.00 16.49 ? 38  ASP A N   1 
ATOM   278  C  CA  . ASP A 1 38  ? -7.686  11.608  -9.791  1.00 17.58 ? 38  ASP A CA  1 
ATOM   279  C  C   . ASP A 1 38  ? -6.936  12.921  -9.863  1.00 17.75 ? 38  ASP A C   1 
ATOM   280  O  O   . ASP A 1 38  ? -6.963  13.590  -10.940 1.00 21.11 ? 38  ASP A O   1 
ATOM   281  C  CB  . ASP A 1 38  ? -9.079  11.914  -9.276  1.00 21.37 ? 38  ASP A CB  1 
ATOM   282  C  CG  . ASP A 1 38  ? -10.080 10.792  -9.409  1.00 26.91 ? 38  ASP A CG  1 
ATOM   283  O  OD1 . ASP A 1 38  ? -9.757  9.794   -10.089 1.00 31.67 ? 38  ASP A OD1 1 
ATOM   284  O  OD2 . ASP A 1 38  ? -11.166 10.908  -8.798  1.00 35.00 ? 38  ASP A OD2 1 
ATOM   285  N  N   . THR A 1 39  ? -6.380  13.409  -8.779  1.00 17.98 ? 39  THR A N   1 
ATOM   286  C  CA  . THR A 1 39  ? -5.779  14.759  -8.756  1.00 18.41 ? 39  THR A CA  1 
ATOM   287  C  C   . THR A 1 39  ? -4.352  14.715  -9.271  1.00 19.04 ? 39  THR A C   1 
ATOM   288  O  O   . THR A 1 39  ? -3.862  15.776  -9.704  1.00 19.70 ? 39  THR A O   1 
ATOM   289  C  CB  . THR A 1 39  ? -5.914  15.357  -7.351  1.00 23.92 ? 39  THR A CB  1 
ATOM   290  O  OG1 . THR A 1 39  ? -5.049  14.622  -6.501  1.00 25.36 ? 39  THR A OG1 1 
ATOM   291  C  CG2 . THR A 1 39  ? -7.326  15.283  -6.821  1.00 25.00 ? 39  THR A CG2 1 
ATOM   292  N  N   . THR A 1 40  ? -3.611  13.606  -9.125  1.00 15.66 ? 40  THR A N   1 
ATOM   293  C  CA  . THR A 1 40  ? -2.166  13.590  -9.377  1.00 16.72 ? 40  THR A CA  1 
ATOM   294  C  C   . THR A 1 40  ? -1.737  12.593  -10.460 1.00 14.79 ? 40  THR A C   1 
ATOM   295  O  O   . THR A 1 40  ? -0.597  12.608  -10.816 1.00 17.12 ? 40  THR A O   1 
ATOM   296  C  CB  . THR A 1 40  ? -1.396  13.300  -8.079  1.00 16.74 ? 40  THR A CB  1 
ATOM   297  O  OG1 . THR A 1 40  ? -1.592  11.924  -7.686  1.00 16.09 ? 40  THR A OG1 1 
ATOM   298  C  CG2 . THR A 1 40  ? -1.812  14.227  -6.951  1.00 17.10 ? 40  THR A CG2 1 
ATOM   299  N  N   . SER A 1 41  ? -2.579  11.602  -10.702 1.00 14.80 ? 41  SER A N   1 
ATOM   300  C  CA  . SER A 1 41  ? -2.251  10.432  -11.563 1.00 14.84 ? 41  SER A CA  1 
ATOM   301  C  C   . SER A 1 41  ? -1.332  9.429   -10.841 1.00 14.94 ? 41  SER A C   1 
ATOM   302  O  O   . SER A 1 41  ? -0.794  8.536   -11.477 1.00 16.14 ? 41  SER A O   1 
ATOM   303  C  CB  . SER A 1 41  ? -1.684  10.840  -12.893 1.00 16.50 ? 41  SER A CB  1 
ATOM   304  O  OG  . SER A 1 41  ? -2.064  9.833   -13.833 1.00 22.18 ? 41  SER A OG  1 
ATOM   305  N  N   . THR A 1 42  ? -1.189  9.554   -9.545  1.00 14.03 ? 42  THR A N   1 
ATOM   306  C  CA  . THR A 1 42  ? -0.460  8.550   -8.730  1.00 13.77 ? 42  THR A CA  1 
ATOM   307  C  C   . THR A 1 42  ? -1.450  7.540   -8.130  1.00 12.89 ? 42  THR A C   1 
ATOM   308  O  O   . THR A 1 42  ? -2.381  7.952   -7.414  1.00 14.32 ? 42  THR A O   1 
ATOM   309  C  CB  . THR A 1 42  ? 0.370   9.199   -7.634  1.00 14.48 ? 42  THR A CB  1 
ATOM   310  O  OG1 . THR A 1 42  ? 1.354   9.994   -8.305  1.00 17.30 ? 42  THR A OG1 1 
ATOM   311  C  CG2 . THR A 1 42  ? 1.065   8.185   -6.754  1.00 14.49 ? 42  THR A CG2 1 
ATOM   312  N  N   . GLN A 1 43  ? -1.262  6.268   -8.489  1.00 11.76 ? 43  GLN A N   1 
ATOM   313  C  CA  . GLN A 1 43  ? -2.136  5.158   -8.083  1.00 11.84 ? 43  GLN A CA  1 
ATOM   314  C  C   . GLN A 1 43  ? -1.492  4.410   -6.909  1.00 10.19 ? 43  GLN A C   1 
ATOM   315  O  O   . GLN A 1 43  ? -0.490  3.755   -7.129  1.00 10.84 ? 43  GLN A O   1 
ATOM   316  C  CB  . GLN A 1 43  ? -2.306  4.218   -9.259  1.00 12.29 ? 43  GLN A CB  1 
ATOM   317  C  CG  . GLN A 1 43  ? -3.211  3.047   -8.956  1.00 13.34 ? 43  GLN A CG  1 
ATOM   318  C  CD  . GLN A 1 43  ? -3.348  2.124   -10.134 1.00 15.56 ? 43  GLN A CD  1 
ATOM   319  O  OE1 . GLN A 1 43  ? -2.484  2.053   -11.009 1.00 15.80 ? 43  GLN A OE1 1 
ATOM   320  N  NE2 . GLN A 1 43  ? -4.410  1.326   -10.100 1.00 16.66 ? 43  GLN A NE2 1 
ATOM   321  N  N   . ILE A 1 44  ? -2.098  4.601   -5.732  1.00 10.37 ? 44  ILE A N   1 
ATOM   322  C  CA  . ILE A 1 44  ? -1.673  3.878   -4.499  1.00 9.80  ? 44  ILE A CA  1 
ATOM   323  C  C   . ILE A 1 44  ? -2.740  2.821   -4.240  1.00 8.88  ? 44  ILE A C   1 
ATOM   324  O  O   . ILE A 1 44  ? -3.916  3.154   -4.113  1.00 10.35 ? 44  ILE A O   1 
ATOM   325  C  CB  . ILE A 1 44  ? -1.543  4.824   -3.320  1.00 9.77  ? 44  ILE A CB  1 
ATOM   326  C  CG1 . ILE A 1 44  ? -0.598  5.995   -3.606  1.00 11.06 ? 44  ILE A CG1 1 
ATOM   327  C  CG2 . ILE A 1 44  ? -1.162  4.081   -2.063  1.00 10.80 ? 44  ILE A CG2 1 
ATOM   328  C  CD1 . ILE A 1 44  ? -0.663  7.090   -2.571  1.00 12.75 ? 44  ILE A CD1 1 
ATOM   329  N  N   . VAL A 1 45  ? -2.323  1.568   -4.134  1.00 9.15  ? 45  VAL A N   1 
ATOM   330  C  CA  . VAL A 1 45  ? -3.230  0.461   -3.775  1.00 9.44  ? 45  VAL A CA  1 
ATOM   331  C  C   . VAL A 1 45  ? -2.760  -0.227  -2.494  1.00 9.04  ? 45  VAL A C   1 
ATOM   332  O  O   . VAL A 1 45  ? -1.543  -0.308  -2.209  1.00 9.87  ? 45  VAL A O   1 
ATOM   333  C  CB  . VAL A 1 45  ? -3.376  -0.546  -4.937  1.00 10.38 ? 45  VAL A CB  1 
ATOM   334  C  CG1 . VAL A 1 45  ? -3.887  0.153   -6.194  1.00 12.09 ? 45  VAL A CG1 1 
ATOM   335  C  CG2 . VAL A 1 45  ? -2.129  -1.311  -5.232  1.00 10.97 ? 45  VAL A CG2 1 
ATOM   336  N  N   . ILE A 1 46  ? -3.741  -0.718  -1.767  1.00 8.40  ? 46  ILE A N   1 
ATOM   337  C  CA  . ILE A 1 46  ? -3.501  -1.552  -0.579  1.00 8.90  ? 46  ILE A CA  1 
ATOM   338  C  C   . ILE A 1 46  ? -3.915  -2.981  -0.896  1.00 8.68  ? 46  ILE A C   1 
ATOM   339  O  O   . ILE A 1 46  ? -5.062  -3.166  -1.358  1.00 8.60  ? 46  ILE A O   1 
ATOM   340  C  CB  . ILE A 1 46  ? -4.272  -1.016  0.623   1.00 9.19  ? 46  ILE A CB  1 
ATOM   341  C  CG1 . ILE A 1 46  ? -3.769  0.361   1.023   1.00 10.27 ? 46  ILE A CG1 1 
ATOM   342  C  CG2 . ILE A 1 46  ? -4.206  -2.010  1.791   1.00 10.08 ? 46  ILE A CG2 1 
ATOM   343  C  CD1 . ILE A 1 46  ? -4.638  1.091   2.034   1.00 10.56 ? 46  ILE A CD1 1 
ATOM   344  N  N   . VAL A 1 47  ? -3.076  -3.912  -0.590  1.00 8.53  ? 47  VAL A N   1 
ATOM   345  C  CA  . VAL A 1 47  ? -3.387  -5.359  -0.707  1.00 8.70  ? 47  VAL A CA  1 
ATOM   346  C  C   . VAL A 1 47  ? -3.078  -6.010  0.614   1.00 9.22  ? 47  VAL A C   1 
ATOM   347  O  O   . VAL A 1 47  ? -1.908  -5.863  1.094   1.00 10.11 ? 47  VAL A O   1 
ATOM   348  C  CB  . VAL A 1 47  ? -2.585  -5.991  -1.844  1.00 9.82  ? 47  VAL A CB  1 
ATOM   349  C  CG1 . VAL A 1 47  ? -2.883  -7.490  -1.938  1.00 10.12 ? 47  VAL A CG1 1 
ATOM   350  C  CG2 . VAL A 1 47  ? -2.893  -5.288  -3.158  1.00 10.56 ? 47  VAL A CG2 1 
ATOM   351  N  N   . THR A 1 48  ? -4.002  -6.733  1.184   1.00 9.22  ? 48  THR A N   1 
ATOM   352  C  CA  . THR A 1 48  ? -3.743  -7.524  2.395   1.00 9.62  ? 48  THR A CA  1 
ATOM   353  C  C   . THR A 1 48  ? -3.920  -8.996  2.040   1.00 9.45  ? 48  THR A C   1 
ATOM   354  O  O   . THR A 1 48  ? -4.837  -9.369  1.278   1.00 10.02 ? 48  THR A O   1 
ATOM   355  C  CB  . THR A 1 48  ? -4.610  -7.156  3.591   1.00 10.05 ? 48  THR A CB  1 
ATOM   356  O  OG1 . THR A 1 48  ? -5.884  -7.738  3.455   1.00 9.88  ? 48  THR A OG1 1 
ATOM   357  C  CG2 . THR A 1 48  ? -4.700  -5.668  3.812   1.00 9.78  ? 48  THR A CG2 1 
ATOM   358  N  N   . LEU A 1 49  ? -2.994  -9.805  2.517   1.00 9.82  ? 49  LEU A N   1 
ATOM   359  C  CA  . LEU A 1 49  ? -2.972  -11.256 2.252   1.00 10.39 ? 49  LEU A CA  1 
ATOM   360  C  C   . LEU A 1 49  ? -2.868  -11.989 3.543   1.00 10.88 ? 49  LEU A C   1 
ATOM   361  O  O   . LEU A 1 49  ? -2.076  -11.615 4.410   1.00 12.75 ? 49  LEU A O   1 
ATOM   362  C  CB  . LEU A 1 49  ? -1.747  -11.688 1.488   1.00 12.92 ? 49  LEU A CB  1 
ATOM   363  C  CG  . LEU A 1 49  ? -1.478  -11.052 0.169   1.00 14.82 ? 49  LEU A CG  1 
ATOM   364  C  CD1 . LEU A 1 49  ? -0.136  -11.502 -0.373  1.00 16.98 ? 49  LEU A CD1 1 
ATOM   365  C  CD2 . LEU A 1 49  ? -2.592  -11.347 -0.755  1.00 16.45 ? 49  LEU A CD2 1 
ATOM   366  N  N   . PRO A 1 50  ? -3.547  -13.151 3.698   1.00 11.76 ? 50  PRO A N   1 
ATOM   367  C  CA  . PRO A 1 50  ? -3.316  -13.988 4.882   1.00 12.65 ? 50  PRO A CA  1 
ATOM   368  C  C   . PRO A 1 50  ? -1.863  -14.446 4.974   1.00 12.60 ? 50  PRO A C   1 
ATOM   369  O  O   . PRO A 1 50  ? -1.270  -14.454 6.070   1.00 14.98 ? 50  PRO A O   1 
ATOM   370  C  CB  . PRO A 1 50  ? -4.288  -15.147 4.707   1.00 13.39 ? 50  PRO A CB  1 
ATOM   371  C  CG  . PRO A 1 50  ? -5.390  -14.594 3.852   1.00 14.07 ? 50  PRO A CG  1 
ATOM   372  C  CD  . PRO A 1 50  ? -4.698  -13.611 2.919   1.00 11.91 ? 50  PRO A CD  1 
ATOM   373  N  N   . THR A 1 51  ? -1.263  -14.800 3.893   1.00 12.92 ? 51  THR A N   1 
ATOM   374  C  CA  . THR A 1 51  ? 0.103   -15.389 3.855   1.00 14.93 ? 51  THR A CA  1 
ATOM   375  C  C   . THR A 1 51  ? 0.681   -15.186 2.483   1.00 14.50 ? 51  THR A C   1 
ATOM   376  O  O   . THR A 1 51  ? -0.048  -15.182 1.501   1.00 15.42 ? 51  THR A O   1 
ATOM   377  C  CB  . THR A 1 51  ? 0.048   -16.875 4.260   1.00 17.60 ? 51  THR A CB  1 
ATOM   378  O  OG1 . THR A 1 51  ? 1.380   -17.401 4.199   1.00 20.20 ? 51  THR A OG1 1 
ATOM   379  C  CG2 . THR A 1 51  ? -0.817  -17.719 3.361   1.00 18.68 ? 51  THR A CG2 1 
ATOM   380  N  N   . LEU A 1 52  ? 2.036   -15.163 2.474   1.00 15.83 ? 52  LEU A N   1 
ATOM   381  C  CA  . LEU A 1 52  ? 2.857   -15.173 1.256   1.00 18.31 ? 52  LEU A CA  1 
ATOM   382  C  C   . LEU A 1 52  ? 3.315   -16.589 0.873   1.00 19.21 ? 52  LEU A C   1 
ATOM   383  O  O   . LEU A 1 52  ? 3.928   -16.745 -0.158  1.00 20.90 ? 52  LEU A O   1 
ATOM   384  C  CB  . LEU A 1 52  ? 4.106   -14.310 1.447   1.00 18.13 ? 52  LEU A CB  1 
ATOM   385  C  CG  . LEU A 1 52  ? 3.830   -12.808 1.532   1.00 17.85 ? 52  LEU A CG  1 
ATOM   386  C  CD1 . LEU A 1 52  ? 4.980   -12.102 2.233   1.00 20.72 ? 52  LEU A CD1 1 
ATOM   387  C  CD2 . LEU A 1 52  ? 3.675   -12.257 0.151   1.00 20.12 ? 52  LEU A CD2 1 
ATOM   388  N  N   . ASN A 1 53  ? 2.987   -17.614 1.661   1.00 22.01 ? 53  ASN A N   1 
ATOM   389  C  CA  . ASN A 1 53  ? 3.337   -19.023 1.273   1.00 23.08 ? 53  ASN A CA  1 
ATOM   390  C  C   . ASN A 1 53  ? 4.842   -19.141 0.930   1.00 24.05 ? 53  ASN A C   1 
ATOM   391  O  O   . ASN A 1 53  ? 5.182   -19.808 -0.053  1.00 25.60 ? 53  ASN A O   1 
ATOM   392  C  CB  . ASN A 1 53  ? 2.457   -19.481 0.100   1.00 25.15 ? 53  ASN A CB  1 
ATOM   393  C  CG  . ASN A 1 53  ? 0.979   -19.525 0.450   1.00 25.65 ? 53  ASN A CG  1 
ATOM   394  O  OD1 . ASN A 1 53  ? 0.143   -18.851 -0.167  1.00 28.63 ? 53  ASN A OD1 1 
ATOM   395  N  ND2 . ASN A 1 53  ? 0.664   -20.268 1.498   1.00 27.28 ? 53  ASN A ND2 1 
ATOM   396  N  N   . GLY A 1 54  ? 5.706   -18.436 1.653   1.00 22.82 ? 54  GLY A N   1 
ATOM   397  C  CA  . GLY A 1 54  ? 7.184   -18.531 1.499   1.00 23.09 ? 54  GLY A CA  1 
ATOM   398  C  C   . GLY A 1 54  ? 7.756   -17.626 0.424   1.00 24.33 ? 54  GLY A C   1 
ATOM   399  O  O   . GLY A 1 54  ? 8.994   -17.662 0.222   1.00 25.62 ? 54  GLY A O   1 
ATOM   400  N  N   . VAL A 1 55  ? 6.944   -16.869 -0.306  1.00 20.80 ? 55  VAL A N   1 
ATOM   401  C  CA  . VAL A 1 55  ? 7.461   -15.912 -1.317  1.00 20.38 ? 55  VAL A CA  1 
ATOM   402  C  C   . VAL A 1 55  ? 7.921   -14.652 -0.589  1.00 20.19 ? 55  VAL A C   1 
ATOM   403  O  O   . VAL A 1 55  ? 7.192   -14.114 0.250   1.00 18.94 ? 55  VAL A O   1 
ATOM   404  C  CB  . VAL A 1 55  ? 6.401   -15.599 -2.382  1.00 21.60 ? 55  VAL A CB  1 
ATOM   405  C  CG1 . VAL A 1 55  ? 6.840   -14.555 -3.399  1.00 22.40 ? 55  VAL A CG1 1 
ATOM   406  C  CG2 . VAL A 1 55  ? 5.944   -16.877 -3.082  1.00 23.75 ? 55  VAL A CG2 1 
ATOM   407  N  N   . PRO A 1 56  ? 9.120   -14.100 -0.870  1.00 19.23 ? 56  PRO A N   1 
ATOM   408  C  CA  . PRO A 1 56  ? 9.491   -12.834 -0.231  1.00 18.49 ? 56  PRO A CA  1 
ATOM   409  C  C   . PRO A 1 56  ? 8.470   -11.731 -0.568  1.00 16.61 ? 56  PRO A C   1 
ATOM   410  O  O   . PRO A 1 56  ? 8.056   -11.617 -1.679  1.00 16.41 ? 56  PRO A O   1 
ATOM   411  C  CB  . PRO A 1 56  ? 10.913  -12.566 -0.736  1.00 19.59 ? 56  PRO A CB  1 
ATOM   412  C  CG  . PRO A 1 56  ? 11.424  -13.927 -1.161  1.00 21.86 ? 56  PRO A CG  1 
ATOM   413  C  CD  . PRO A 1 56  ? 10.208  -14.685 -1.675  1.00 20.46 ? 56  PRO A CD  1 
ATOM   414  N  N   . ALA A 1 57  ? 8.227   -10.914 0.422   1.00 15.82 ? 57  ALA A N   1 
ATOM   415  C  CA  . ALA A 1 57  ? 7.266   -9.784  0.287   1.00 14.59 ? 57  ALA A CA  1 
ATOM   416  C  C   . ALA A 1 57  ? 7.728   -8.856  -0.818  1.00 16.04 ? 57  ALA A C   1 
ATOM   417  O  O   . ALA A 1 57  ? 6.909   -8.394  -1.633  1.00 15.21 ? 57  ALA A O   1 
ATOM   418  C  CB  . ALA A 1 57  ? 7.169   -9.056  1.573   1.00 15.75 ? 57  ALA A CB  1 
ATOM   419  N  N   . ALA A 1 58  ? 9.039   -8.589  -0.930  1.00 15.67 ? 58  ALA A N   1 
ATOM   420  C  CA  . ALA A 1 58  ? 9.533   -7.648  -1.948  1.00 15.72 ? 58  ALA A CA  1 
ATOM   421  C  C   . ALA A 1 58  ? 9.136   -8.192  -3.322  1.00 16.75 ? 58  ALA A C   1 
ATOM   422  O  O   . ALA A 1 58  ? 8.663   -7.455  -4.197  1.00 18.53 ? 58  ALA A O   1 
ATOM   423  C  CB  . ALA A 1 58  ? 11.029  -7.481  -1.834  1.00 18.17 ? 58  ALA A CB  1 
ATOM   424  N  N   . ASP A 1 59  ? 9.411   -9.468  -3.552  1.00 15.75 ? 59  ASP A N   1 
ATOM   425  C  CA  . ASP A 1 59  ? 9.214   -10.100 -4.869  1.00 16.60 ? 59  ASP A CA  1 
ATOM   426  C  C   . ASP A 1 59  ? 7.718   -10.068 -5.177  1.00 15.64 ? 59  ASP A C   1 
ATOM   427  O  O   . ASP A 1 59  ? 7.324   -9.828  -6.330  1.00 16.00 ? 59  ASP A O   1 
ATOM   428  C  CB  . ASP A 1 59  ? 9.757   -11.528 -4.886  1.00 20.22 ? 59  ASP A CB  1 
ATOM   429  C  CG  . ASP A 1 59  ? 11.248  -11.685 -4.597  1.00 23.05 ? 59  ASP A CG  1 
ATOM   430  O  OD1 . ASP A 1 59  ? 11.918  -10.678 -4.388  1.00 29.56 ? 59  ASP A OD1 1 
ATOM   431  O  OD2 . ASP A 1 59  ? 11.698  -12.837 -4.508  1.00 28.41 ? 59  ASP A OD2 1 
ATOM   432  N  N   . TYR A 1 60  ? 6.907   -10.381 -4.171  1.00 15.35 ? 60  TYR A N   1 
ATOM   433  C  CA  . TYR A 1 60  ? 5.433   -10.409 -4.361  1.00 13.71 ? 60  TYR A CA  1 
ATOM   434  C  C   . TYR A 1 60  ? 4.950   -9.002  -4.734  1.00 13.42 ? 60  TYR A C   1 
ATOM   435  O  O   . TYR A 1 60  ? 4.203   -8.848  -5.672  1.00 13.76 ? 60  TYR A O   1 
ATOM   436  C  CB  . TYR A 1 60  ? 4.743   -10.935 -3.108  1.00 12.82 ? 60  TYR A CB  1 
ATOM   437  C  CG  . TYR A 1 60  ? 3.307   -11.353 -3.337  1.00 12.48 ? 60  TYR A CG  1 
ATOM   438  C  CD1 . TYR A 1 60  ? 2.298   -10.434 -3.581  1.00 12.20 ? 60  TYR A CD1 1 
ATOM   439  C  CD2 . TYR A 1 60  ? 2.962   -12.697 -3.333  1.00 13.10 ? 60  TYR A CD2 1 
ATOM   440  C  CE1 . TYR A 1 60  ? 0.994   -10.837 -3.794  1.00 12.35 ? 60  TYR A CE1 1 
ATOM   441  C  CE2 . TYR A 1 60  ? 1.676   -13.117 -3.648  1.00 12.87 ? 60  TYR A CE2 1 
ATOM   442  C  CZ  . TYR A 1 60  ? 0.688   -12.178 -3.835  1.00 12.42 ? 60  TYR A CZ  1 
ATOM   443  O  OH  . TYR A 1 60  ? -0.624  -12.513 -4.106  1.00 13.17 ? 60  TYR A OH  1 
ATOM   444  N  N   . ALA A 1 61  ? 5.353   -7.987  -3.969  1.00 13.71 ? 61  ALA A N   1 
ATOM   445  C  CA  . ALA A 1 61  ? 4.887   -6.609  -4.227  1.00 14.15 ? 61  ALA A CA  1 
ATOM   446  C  C   . ALA A 1 61  ? 5.269   -6.141  -5.624  1.00 15.21 ? 61  ALA A C   1 
ATOM   447  O  O   . ALA A 1 61  ? 4.452   -5.519  -6.324  1.00 15.53 ? 61  ALA A O   1 
ATOM   448  C  CB  . ALA A 1 61  ? 5.391   -5.722  -3.124  1.00 15.11 ? 61  ALA A CB  1 
ATOM   449  N  N   . VAL A 1 62  ? 6.506   -6.422  -6.025  1.00 16.05 ? 62  VAL A N   1 
ATOM   450  C  CA  . VAL A 1 62  ? 7.007   -6.015  -7.377  1.00 16.85 ? 62  VAL A CA  1 
ATOM   451  C  C   . VAL A 1 62  ? 6.224   -6.746  -8.470  1.00 15.41 ? 62  VAL A C   1 
ATOM   452  O  O   . VAL A 1 62  ? 5.788   -6.101  -9.446  1.00 16.65 ? 62  VAL A O   1 
ATOM   453  C  CB  . VAL A 1 62  ? 8.528   -6.256  -7.529  1.00 19.90 ? 62  VAL A CB  1 
ATOM   454  C  CG1 . VAL A 1 62  ? 9.013   -6.152  -8.976  1.00 20.56 ? 62  VAL A CG1 1 
ATOM   455  C  CG2 . VAL A 1 62  ? 9.342   -5.327  -6.627  1.00 21.09 ? 62  VAL A CG2 1 
ATOM   456  N  N   . GLU A 1 63  ? 5.949   -8.053  -8.283  1.00 15.36 ? 63  GLU A N   1 
ATOM   457  C  CA  . GLU A 1 63  ? 5.223   -8.823  -9.321  1.00 15.77 ? 63  GLU A CA  1 
ATOM   458  C  C   . GLU A 1 63  ? 3.772   -8.351  -9.363  1.00 14.07 ? 63  GLU A C   1 
ATOM   459  O  O   . GLU A 1 63  ? 3.183   -8.310  -10.445 1.00 15.91 ? 63  GLU A O   1 
ATOM   460  C  CB  . GLU A 1 63  ? 5.374   -10.323 -9.074  1.00 16.19 ? 63  GLU A CB  1 
ATOM   461  C  CG  . GLU A 1 63  ? 4.538   -11.203 -9.982  1.00 18.15 ? 63  GLU A CG  1 
ATOM   462  C  CD  . GLU A 1 63  ? 4.761   -11.075 -11.478 1.00 20.88 ? 63  GLU A CD  1 
ATOM   463  O  OE1 . GLU A 1 63  ? 5.722   -10.408 -11.895 1.00 20.57 ? 63  GLU A OE1 1 
ATOM   464  O  OE2 . GLU A 1 63  ? 3.888   -11.578 -12.253 1.00 23.61 ? 63  GLU A OE2 1 
ATOM   465  N  N   . LEU A 1 64  ? 3.179   -8.026  -8.213  1.00 14.38 ? 64  LEU A N   1 
ATOM   466  C  CA  . LEU A 1 64  ? 1.791   -7.545  -8.212  1.00 13.92 ? 64  LEU A CA  1 
ATOM   467  C  C   . LEU A 1 64  ? 1.725   -6.170  -8.896  1.00 14.31 ? 64  LEU A C   1 
ATOM   468  O  O   . LEU A 1 64  ? 0.866   -5.965  -9.732  1.00 15.36 ? 64  LEU A O   1 
ATOM   469  C  CB  . LEU A 1 64  ? 1.237   -7.567  -6.791  1.00 14.14 ? 64  LEU A CB  1 
ATOM   470  C  CG  . LEU A 1 64  ? -0.240  -7.148  -6.708  1.00 13.58 ? 64  LEU A CG  1 
ATOM   471  C  CD1 . LEU A 1 64  ? -0.935  -7.891  -5.615  1.00 14.55 ? 64  LEU A CD1 1 
ATOM   472  C  CD2 . LEU A 1 64  ? -0.352  -5.641  -6.545  1.00 13.93 ? 64  LEU A CD2 1 
ATOM   473  N  N   . GLY A 1 65  ? 2.660   -5.284  -8.615  1.00 14.47 ? 65  GLY A N   1 
ATOM   474  C  CA  . GLY A 1 65  ? 2.711   -4.011  -9.341  1.00 16.26 ? 65  GLY A CA  1 
ATOM   475  C  C   . GLY A 1 65  ? 2.831   -4.201  -10.855 1.00 15.71 ? 65  GLY A C   1 
ATOM   476  O  O   . GLY A 1 65  ? 2.133   -3.508  -11.601 1.00 17.81 ? 65  GLY A O   1 
ATOM   477  N  N   . ARG A 1 66  ? 3.647   -5.159  -11.281 1.00 16.90 ? 66  ARG A N   1 
ATOM   478  C  CA  . ARG A 1 66  ? 3.785   -5.517  -12.731 1.00 18.51 ? 66  ARG A CA  1 
ATOM   479  C  C   . ARG A 1 66  ? 2.483   -6.102  -13.241 1.00 16.98 ? 66  ARG A C   1 
ATOM   480  O  O   . ARG A 1 66  ? 1.921   -5.594  -14.241 1.00 18.29 ? 66  ARG A O   1 
ATOM   481  C  CB  . ARG A 1 66  ? 4.967   -6.469  -12.947 1.00 19.62 ? 66  ARG A CB  1 
ATOM   482  C  CG  . ARG A 1 66  ? 5.214   -6.731  -14.434 1.00 21.62 ? 66  ARG A CG  1 
ATOM   483  C  CD  . ARG A 1 66  ? 5.798   -8.098  -14.731 1.00 23.53 ? 66  ARG A CD  1 
ATOM   484  N  NE  . ARG A 1 66  ? 4.896   -9.185  -14.387 1.00 23.02 ? 66  ARG A NE  1 
ATOM   485  C  CZ  . ARG A 1 66  ? 3.796   -9.545  -15.057 1.00 24.81 ? 66  ARG A CZ  1 
ATOM   486  N  NH1 . ARG A 1 66  ? 3.432   -8.924  -16.166 1.00 26.41 ? 66  ARG A NH1 1 
ATOM   487  N  NH2 . ARG A 1 66  ? 3.054   -10.527 -14.583 1.00 24.98 ? 66  ARG A NH2 1 
ATOM   488  N  N   . ARG A 1 67  ? 2.019   -7.185  -12.622 1.00 15.50 ? 67  ARG A N   1 
ATOM   489  C  CA  . ARG A 1 67  ? 0.851   -7.897  -13.157 1.00 15.91 ? 67  ARG A CA  1 
ATOM   490  C  C   . ARG A 1 67  ? -0.334  -6.945  -13.241 1.00 15.08 ? 67  ARG A C   1 
ATOM   491  O  O   . ARG A 1 67  ? -1.120  -7.019  -14.206 1.00 16.76 ? 67  ARG A O   1 
ATOM   492  C  CB  . ARG A 1 67  ? 0.481   -9.106  -12.306 1.00 14.94 ? 67  ARG A CB  1 
ATOM   493  C  CG  . ARG A 1 67  ? -0.638  -9.924  -12.915 1.00 15.49 ? 67  ARG A CG  1 
ATOM   494  C  CD  . ARG A 1 67  ? -1.026  -11.167 -12.167 1.00 14.93 ? 67  ARG A CD  1 
ATOM   495  N  NE  . ARG A 1 67  ? -1.980  -11.888 -12.985 1.00 14.64 ? 67  ARG A NE  1 
ATOM   496  C  CZ  . ARG A 1 67  ? -2.617  -12.951 -12.652 1.00 14.15 ? 67  ARG A CZ  1 
ATOM   497  N  NH1 . ARG A 1 67  ? -2.427  -13.535 -11.474 1.00 15.38 ? 67  ARG A NH1 1 
ATOM   498  N  NH2 . ARG A 1 67  ? -3.435  -13.502 -13.526 1.00 15.17 ? 67  ARG A NH2 1 
ATOM   499  N  N   . TRP A 1 68  ? -0.523  -6.092  -12.201 1.00 14.02 ? 68  TRP A N   1 
ATOM   500  C  CA  . TRP A 1 68  ? -1.697  -5.211  -12.135 1.00 14.60 ? 68  TRP A CA  1 
ATOM   501  C  C   . TRP A 1 68  ? -1.464  -3.929  -12.937 1.00 14.26 ? 68  TRP A C   1 
ATOM   502  O  O   . TRP A 1 68  ? -2.411  -3.180  -13.024 1.00 15.15 ? 68  TRP A O   1 
ATOM   503  C  CB  . TRP A 1 68  ? -1.986  -4.914  -10.667 1.00 13.21 ? 68  TRP A CB  1 
ATOM   504  C  CG  . TRP A 1 68  ? -2.538  -6.024  -9.856  1.00 12.03 ? 68  TRP A CG  1 
ATOM   505  C  CD1 . TRP A 1 68  ? -2.402  -7.373  -9.995  1.00 12.22 ? 68  TRP A CD1 1 
ATOM   506  C  CD2 . TRP A 1 68  ? -3.288  -5.847  -8.656  1.00 11.59 ? 68  TRP A CD2 1 
ATOM   507  N  NE1 . TRP A 1 68  ? -3.051  -8.026  -8.983  1.00 11.29 ? 68  TRP A NE1 1 
ATOM   508  C  CE2 . TRP A 1 68  ? -3.612  -7.100  -8.161  1.00 10.62 ? 68  TRP A CE2 1 
ATOM   509  C  CE3 . TRP A 1 68  ? -3.772  -4.716  -7.977  1.00 12.33 ? 68  TRP A CE3 1 
ATOM   510  C  CZ2 . TRP A 1 68  ? -4.387  -7.280  -7.020  1.00 11.86 ? 68  TRP A CZ2 1 
ATOM   511  C  CZ3 . TRP A 1 68  ? -4.513  -4.891  -6.818  1.00 12.26 ? 68  TRP A CZ3 1 
ATOM   512  C  CH2 . TRP A 1 68  ? -4.822  -6.152  -6.356  1.00 11.59 ? 68  TRP A CH2 1 
ATOM   513  N  N   . GLY A 1 69  ? -0.255  -3.670  -13.367 1.00 15.27 ? 69  GLY A N   1 
ATOM   514  C  CA  . GLY A 1 69  ? 0.045   -2.407  -14.064 1.00 15.69 ? 69  GLY A CA  1 
ATOM   515  C  C   . GLY A 1 69  ? -0.170  -1.220  -13.145 1.00 15.16 ? 69  GLY A C   1 
ATOM   516  O  O   . GLY A 1 69  ? -0.629  -0.153  -13.629 1.00 16.39 ? 69  GLY A O   1 
ATOM   517  N  N   . VAL A 1 70  ? 0.253   -1.319  -11.872 1.00 13.84 ? 70  VAL A N   1 
ATOM   518  C  CA  . VAL A 1 70  ? 0.036   -0.187  -10.937 1.00 14.20 ? 70  VAL A CA  1 
ATOM   519  C  C   . VAL A 1 70  ? 0.938   0.967   -11.357 1.00 14.84 ? 70  VAL A C   1 
ATOM   520  O  O   . VAL A 1 70  ? 2.135   0.760   -11.535 1.00 17.32 ? 70  VAL A O   1 
ATOM   521  C  CB  . VAL A 1 70  ? 0.276   -0.632  -9.492  1.00 12.60 ? 70  VAL A CB  1 
ATOM   522  C  CG1 . VAL A 1 70  ? 0.202   0.516   -8.515  1.00 13.36 ? 70  VAL A CG1 1 
ATOM   523  C  CG2 . VAL A 1 70  ? -0.664  -1.715  -9.058  1.00 13.55 ? 70  VAL A CG2 1 
ATOM   524  N  N   . GLY A 1 71  ? 0.336   2.138   -11.527 1.00 14.63 ? 71  GLY A N   1 
ATOM   525  C  CA  . GLY A 1 71  ? 1.094   3.299   -12.013 1.00 15.87 ? 71  GLY A CA  1 
ATOM   526  C  C   . GLY A 1 71  ? 1.286   3.314   -13.502 1.00 19.25 ? 71  GLY A C   1 
ATOM   527  O  O   . GLY A 1 71  ? 2.032   4.197   -13.961 1.00 22.11 ? 71  GLY A O   1 
ATOM   528  N  N   . GLN A 1 72  ? 0.609   2.470   -14.249 1.00 21.00 ? 72  GLN A N   1 
ATOM   529  C  CA  . GLN A 1 72  ? 0.572   2.472   -15.736 1.00 25.02 ? 72  GLN A CA  1 
ATOM   530  C  C   . GLN A 1 72  ? -0.881  2.638   -16.188 1.00 21.67 ? 72  GLN A C   1 
ATOM   531  O  O   . GLN A 1 72  ? -1.786  2.907   -15.379 1.00 21.29 ? 72  GLN A O   1 
ATOM   532  C  CB  . GLN A 1 72  ? 1.291   1.205   -16.200 1.00 29.97 ? 72  GLN A CB  1 
ATOM   533  C  CG  . GLN A 1 72  ? 2.774   1.255   -15.892 1.00 36.07 ? 72  GLN A CG  1 
ATOM   534  C  CD  . GLN A 1 72  ? 3.300   -0.002  -15.252 1.00 41.36 ? 72  GLN A CD  1 
ATOM   535  O  OE1 . GLN A 1 72  ? 3.021   -0.299  -14.091 1.00 50.82 ? 72  GLN A OE1 1 
ATOM   536  N  NE2 . GLN A 1 72  ? 4.102   -0.738  -16.001 1.00 47.60 ? 72  GLN A NE2 1 
ATOM   537  N  N   . LYS A 1 73  ? -1.141  2.490   -17.495 1.00 28.10 ? 73  LYS A N   1 
ATOM   538  C  CA  . LYS A 1 73  ? -2.531  2.547   -18.029 1.00 29.96 ? 73  LYS A CA  1 
ATOM   539  C  C   . LYS A 1 73  ? -3.103  3.951   -17.759 1.00 24.51 ? 73  LYS A C   1 
ATOM   540  O  O   . LYS A 1 73  ? -2.504  4.930   -18.265 1.00 26.43 ? 73  LYS A O   1 
ATOM   541  C  CB  . LYS A 1 73  ? -3.357  1.384   -17.457 1.00 35.76 ? 73  LYS A CB  1 
ATOM   542  C  CG  . LYS A 1 73  ? -3.155  0.037   -18.146 1.00 44.09 ? 73  LYS A CG  1 
ATOM   543  C  CD  . LYS A 1 73  ? -2.254  -0.948  -17.425 1.00 52.14 ? 73  LYS A CD  1 
ATOM   544  C  CE  . LYS A 1 73  ? -2.533  -2.382  -17.846 1.00 56.23 ? 73  LYS A CE  1 
ATOM   545  N  NZ  . LYS A 1 73  ? -1.774  -3.372  -17.044 1.00 60.33 ? 73  LYS A NZ  1 
ATOM   546  N  N   . GLU A 1 74  ? -4.188  4.106   -16.994 1.00 24.74 ? 74  GLU A N   1 
ATOM   547  C  CA  . GLU A 1 74  ? -4.840  5.412   -16.753 1.00 24.04 ? 74  GLU A CA  1 
ATOM   548  C  C   . GLU A 1 74  ? -3.944  6.263   -15.843 1.00 20.42 ? 74  GLU A C   1 
ATOM   549  O  O   . GLU A 1 74  ? -4.222  7.440   -15.736 1.00 23.57 ? 74  GLU A O   1 
ATOM   550  C  CB  . GLU A 1 74  ? -6.236  5.268   -16.128 1.00 28.73 ? 74  GLU A CB  1 
ATOM   551  C  CG  . GLU A 1 74  ? -7.235  4.577   -17.060 1.00 32.44 ? 74  GLU A CG  1 
ATOM   552  C  CD  . GLU A 1 74  ? -8.722  4.858   -16.883 1.00 39.90 ? 74  GLU A CD  1 
ATOM   553  O  OE1 . GLU A 1 74  ? -9.483  3.873   -16.675 1.00 47.09 ? 74  GLU A OE1 1 
ATOM   554  O  OE2 . GLU A 1 74  ? -9.133  6.040   -17.020 1.00 46.70 ? 74  GLU A OE2 1 
ATOM   555  N  N   . TYR A 1 75  ? -2.945  5.675   -15.183 1.00 19.38 ? 75  TYR A N   1 
ATOM   556  C  CA  . TYR A 1 75  ? -2.165  6.433   -14.159 1.00 16.69 ? 75  TYR A CA  1 
ATOM   557  C  C   . TYR A 1 75  ? -0.728  6.491   -14.591 1.00 17.73 ? 75  TYR A C   1 
ATOM   558  O  O   . TYR A 1 75  ? -0.332  5.763   -15.525 1.00 21.77 ? 75  TYR A O   1 
ATOM   559  C  CB  . TYR A 1 75  ? -2.385  5.754   -12.787 1.00 16.47 ? 75  TYR A CB  1 
ATOM   560  C  CG  . TYR A 1 75  ? -3.813  5.837   -12.337 1.00 18.07 ? 75  TYR A CG  1 
ATOM   561  C  CD1 . TYR A 1 75  ? -4.425  7.050   -12.138 1.00 18.66 ? 75  TYR A CD1 1 
ATOM   562  C  CD2 . TYR A 1 75  ? -4.593  4.697   -12.245 1.00 18.44 ? 75  TYR A CD2 1 
ATOM   563  C  CE1 . TYR A 1 75  ? -5.745  7.159   -11.768 1.00 20.32 ? 75  TYR A CE1 1 
ATOM   564  C  CE2 . TYR A 1 75  ? -5.919  4.787   -11.865 1.00 18.51 ? 75  TYR A CE2 1 
ATOM   565  C  CZ  . TYR A 1 75  ? -6.506  6.008   -11.624 1.00 18.06 ? 75  TYR A CZ  1 
ATOM   566  O  OH  . TYR A 1 75  ? -7.819  6.081   -11.281 1.00 24.15 ? 75  TYR A OH  1 
ATOM   567  N  N   . ASP A 1 76  ? 0.066   7.297   -13.891 1.00 17.32 ? 76  ASP A N   1 
ATOM   568  C  CA  . ASP A 1 76  ? 1.426   7.692   -14.271 1.00 17.55 ? 76  ASP A CA  1 
ATOM   569  C  C   . ASP A 1 76  ? 2.483   7.246   -13.268 1.00 18.91 ? 76  ASP A C   1 
ATOM   570  O  O   . ASP A 1 76  ? 3.621   7.078   -13.609 1.00 19.86 ? 76  ASP A O   1 
ATOM   571  C  CB  . ASP A 1 76  ? 1.485   9.209   -14.443 1.00 19.43 ? 76  ASP A CB  1 
ATOM   572  C  CG  . ASP A 1 76  ? 0.867   9.656   -15.743 1.00 22.83 ? 76  ASP A CG  1 
ATOM   573  O  OD1 . ASP A 1 76  ? -0.383  9.692   -15.848 1.00 23.84 ? 76  ASP A OD1 1 
ATOM   574  O  OD2 . ASP A 1 76  ? 1.642   9.886   -16.669 1.00 24.20 ? 76  ASP A OD2 1 
ATOM   575  N  N   . ASN A 1 77  ? 2.113   7.124   -12.002 1.00 17.18 ? 77  ASN A N   1 
ATOM   576  C  CA  . ASN A 1 77  ? 3.028   6.685   -10.930 1.00 16.37 ? 77  ASN A CA  1 
ATOM   577  C  C   . ASN A 1 77  ? 2.268   5.713   -10.021 1.00 14.17 ? 77  ASN A C   1 
ATOM   578  O  O   . ASN A 1 77  ? 1.026   5.793   -10.021 1.00 14.49 ? 77  ASN A O   1 
ATOM   579  C  CB  . ASN A 1 77  ? 3.548   7.861   -10.116 1.00 17.26 ? 77  ASN A CB  1 
ATOM   580  C  CG  . ASN A 1 77  ? 4.617   8.614   -10.851 1.00 17.79 ? 77  ASN A CG  1 
ATOM   581  O  OD1 . ASN A 1 77  ? 4.361   9.761   -11.257 1.00 23.49 ? 77  ASN A OD1 1 
ATOM   582  N  ND2 . ASN A 1 77  ? 5.751   7.982   -11.039 1.00 19.41 ? 77  ASN A ND2 1 
ATOM   583  N  N   . GLY A 1 78  ? 2.994   4.864   -9.318  1.00 14.80 ? 78  GLY A N   1 
ATOM   584  C  CA  . GLY A 1 78  ? 2.300   3.801   -8.538  1.00 14.04 ? 78  GLY A CA  1 
ATOM   585  C  C   . GLY A 1 78  ? 2.986   3.505   -7.240  1.00 12.48 ? 78  GLY A C   1 
ATOM   586  O  O   . GLY A 1 78  ? 4.195   3.598   -7.128  1.00 13.27 ? 78  GLY A O   1 
ATOM   587  N  N   . VAL A 1 79  ? 2.151   3.063   -6.286  1.00 11.46 ? 79  VAL A N   1 
ATOM   588  C  CA  . VAL A 1 79  ? 2.624   2.528   -5.008  1.00 11.28 ? 79  VAL A CA  1 
ATOM   589  C  C   . VAL A 1 79  ? 1.781   1.305   -4.672  1.00 9.55  ? 79  VAL A C   1 
ATOM   590  O  O   . VAL A 1 79  ? 0.552   1.400   -4.774  1.00 10.29 ? 79  VAL A O   1 
ATOM   591  C  CB  . VAL A 1 79  ? 2.547   3.576   -3.890  1.00 10.97 ? 79  VAL A CB  1 
ATOM   592  C  CG1 . VAL A 1 79  ? 3.123   3.029   -2.591  1.00 11.74 ? 79  VAL A CG1 1 
ATOM   593  C  CG2 . VAL A 1 79  ? 3.220   4.894   -4.264  1.00 11.28 ? 79  VAL A CG2 1 
ATOM   594  N  N   . VAL A 1 80  ? 2.420   0.237   -4.219  1.00 10.52 ? 80  VAL A N   1 
ATOM   595  C  CA  . VAL A 1 80  ? 1.731   -0.924  -3.647  1.00 10.77 ? 80  VAL A CA  1 
ATOM   596  C  C   . VAL A 1 80  ? 2.067   -0.966  -2.170  1.00 11.04 ? 80  VAL A C   1 
ATOM   597  O  O   . VAL A 1 80  ? 3.291   -0.953  -1.827  1.00 12.06 ? 80  VAL A O   1 
ATOM   598  C  CB  . VAL A 1 80  ? 2.170   -2.228  -4.337  1.00 11.11 ? 80  VAL A CB  1 
ATOM   599  C  CG1 . VAL A 1 80  ? 1.639   -3.448  -3.586  1.00 11.33 ? 80  VAL A CG1 1 
ATOM   600  C  CG2 . VAL A 1 80  ? 1.719   -2.282  -5.766  1.00 11.71 ? 80  VAL A CG2 1 
ATOM   601  N  N   . ILE A 1 81  ? 1.061   -0.974  -1.318  1.00 10.02 ? 81  ILE A N   1 
ATOM   602  C  CA  . ILE A 1 81  ? 1.223   -1.254  0.119   1.00 9.91  ? 81  ILE A CA  1 
ATOM   603  C  C   . ILE A 1 81  ? 0.735   -2.685  0.361   1.00 9.13  ? 81  ILE A C   1 
ATOM   604  O  O   . ILE A 1 81  ? -0.490  -2.944  0.250   1.00 9.81  ? 81  ILE A O   1 
ATOM   605  C  CB  . ILE A 1 81  ? 0.402   -0.267  0.931   1.00 10.37 ? 81  ILE A CB  1 
ATOM   606  C  CG1 . ILE A 1 81  ? 0.766   1.187   0.626   1.00 10.44 ? 81  ILE A CG1 1 
ATOM   607  C  CG2 . ILE A 1 81  ? 0.562   -0.551  2.413   1.00 11.50 ? 81  ILE A CG2 1 
ATOM   608  C  CD1 . ILE A 1 81  ? -0.220  2.198   1.141   1.00 12.12 ? 81  ILE A CD1 1 
ATOM   609  N  N   . LEU A 1 82  ? 1.669   -3.590  0.594   1.00 9.79  ? 82  LEU A N   1 
ATOM   610  C  CA  . LEU A 1 82  ? 1.358   -5.028  0.712   1.00 10.47 ? 82  LEU A CA  1 
ATOM   611  C  C   . LEU A 1 82  ? 1.455   -5.419  2.167   1.00 11.15 ? 82  LEU A C   1 
ATOM   612  O  O   . LEU A 1 82  ? 2.562   -5.261  2.775   1.00 12.60 ? 82  LEU A O   1 
ATOM   613  C  CB  . LEU A 1 82  ? 2.340   -5.832  -0.121  1.00 11.51 ? 82  LEU A CB  1 
ATOM   614  C  CG  . LEU A 1 82  ? 2.150   -7.352  -0.010  1.00 11.58 ? 82  LEU A CG  1 
ATOM   615  C  CD1 . LEU A 1 82  ? 0.802   -7.787  -0.575  1.00 13.13 ? 82  LEU A CD1 1 
ATOM   616  C  CD2 . LEU A 1 82  ? 3.298   -8.066  -0.729  1.00 13.31 ? 82  LEU A CD2 1 
ATOM   617  N  N   . VAL A 1 83  ? 0.399   -5.927  2.737   1.00 9.70  ? 83  VAL A N   1 
ATOM   618  C  CA  . VAL A 1 83  ? 0.350   -6.435  4.119   1.00 11.47 ? 83  VAL A CA  1 
ATOM   619  C  C   . VAL A 1 83  ? 0.275   -7.954  4.043   1.00 10.82 ? 83  VAL A C   1 
ATOM   620  O  O   . VAL A 1 83  ? -0.697  -8.469  3.470   1.00 11.83 ? 83  VAL A O   1 
ATOM   621  C  CB  . VAL A 1 83  ? -0.839  -5.873  4.881   1.00 11.62 ? 83  VAL A CB  1 
ATOM   622  C  CG1 . VAL A 1 83  ? -0.916  -6.475  6.262   1.00 13.23 ? 83  VAL A CG1 1 
ATOM   623  C  CG2 . VAL A 1 83  ? -0.745  -4.367  4.948   1.00 12.80 ? 83  VAL A CG2 1 
ATOM   624  N  N   . ALA A 1 84  ? 1.282   -8.646  4.587   1.00 12.76 ? 84  ALA A N   1 
ATOM   625  C  CA  . ALA A 1 84  ? 1.347   -10.115 4.607   1.00 14.07 ? 84  ALA A CA  1 
ATOM   626  C  C   . ALA A 1 84  ? 1.123   -10.441 6.067   1.00 14.85 ? 84  ALA A C   1 
ATOM   627  O  O   . ALA A 1 84  ? 2.056   -10.197 6.909   1.00 15.46 ? 84  ALA A O   1 
ATOM   628  C  CB  . ALA A 1 84  ? 2.682   -10.619 4.123   1.00 16.42 ? 84  ALA A CB  1 
ATOM   629  N  N   . ARG A 1 85  ? -0.046  -10.902 6.441   1.00 16.27 ? 85  ARG A N   1 
ATOM   630  C  CA  . ARG A 1 85  ? -0.435  -11.015 7.852   1.00 18.10 ? 85  ARG A CA  1 
ATOM   631  C  C   . ARG A 1 85  ? 0.368   -12.123 8.530   1.00 17.71 ? 85  ARG A C   1 
ATOM   632  O  O   . ARG A 1 85  ? 0.958   -11.812 9.629   1.00 20.15 ? 85  ARG A O   1 
ATOM   633  C  CB  . ARG A 1 85  ? -1.944  -11.205 7.889   1.00 20.11 ? 85  ARG A CB  1 
ATOM   634  C  CG  . ARG A 1 85  ? -2.607  -11.150 9.250   1.00 22.32 ? 85  ARG A CG  1 
ATOM   635  C  CD  . ARG A 1 85  ? -2.318  -9.825  9.941   1.00 22.08 ? 85  ARG A CD  1 
ATOM   636  N  NE  . ARG A 1 85  ? -2.854  -9.824  11.263  1.00 24.86 ? 85  ARG A NE  1 
ATOM   637  C  CZ  . ARG A 1 85  ? -2.332  -9.154  12.282  1.00 21.89 ? 85  ARG A CZ  1 
ATOM   638  N  NH1 . ARG A 1 85  ? -1.287  -8.366  12.115  1.00 25.11 ? 85  ARG A NH1 1 
ATOM   639  N  NH2 . ARG A 1 85  ? -2.902  -9.293  13.457  1.00 28.65 ? 85  ARG A NH2 1 
ATOM   640  N  N   . GLU A 1 86  ? 0.427   -13.338 8.030   1.00 18.39 ? 86  GLU A N   1 
ATOM   641  C  CA  . GLU A 1 86  ? 1.096   -14.422 8.802   1.00 20.52 ? 86  GLU A CA  1 
ATOM   642  C  C   . GLU A 1 86  ? 2.566   -14.017 9.029   1.00 19.61 ? 86  GLU A C   1 
ATOM   643  O  O   . GLU A 1 86  ? 3.105   -14.275 10.160  1.00 22.58 ? 86  GLU A O   1 
ATOM   644  C  CB  . GLU A 1 86  ? 0.941   -15.775 8.101   1.00 23.18 ? 86  GLU A CB  1 
ATOM   645  C  CG  . GLU A 1 86  ? 1.686   -16.898 8.825   1.00 29.30 ? 86  GLU A CG  1 
ATOM   646  C  CD  . GLU A 1 86  ? 1.634   -18.279 8.184   1.00 33.06 ? 86  GLU A CD  1 
ATOM   647  O  OE1 . GLU A 1 86  ? 1.022   -18.453 7.100   1.00 37.95 ? 86  GLU A OE1 1 
ATOM   648  O  OE2 . GLU A 1 86  ? 2.223   -19.194 8.775   1.00 42.69 ? 86  GLU A OE2 1 
ATOM   649  N  N   . GLU A 1 87  ? 3.224   -13.448 8.040   1.00 19.28 ? 87  GLU A N   1 
ATOM   650  C  CA  . GLU A 1 87  ? 4.669   -13.137 8.103   1.00 18.09 ? 87  GLU A CA  1 
ATOM   651  C  C   . GLU A 1 87  ? 4.884   -11.830 8.859   1.00 17.64 ? 87  GLU A C   1 
ATOM   652  O  O   . GLU A 1 87  ? 6.081   -11.497 9.152   1.00 18.54 ? 87  GLU A O   1 
ATOM   653  C  CB  . GLU A 1 87  ? 5.216   -13.015 6.684   1.00 21.51 ? 87  GLU A CB  1 
ATOM   654  C  CG  . GLU A 1 87  ? 5.114   -14.322 5.916   1.00 23.23 ? 87  GLU A CG  1 
ATOM   655  C  CD  . GLU A 1 87  ? 3.748   -14.678 5.317   1.00 21.19 ? 87  GLU A CD  1 
ATOM   656  O  OE1 . GLU A 1 87  ? 2.851   -13.846 5.310   1.00 20.45 ? 87  GLU A OE1 1 
ATOM   657  O  OE2 . GLU A 1 87  ? 3.610   -15.787 4.823   1.00 27.11 ? 87  GLU A OE2 1 
ATOM   658  N  N   . ARG A 1 88  ? 3.833   -11.112 9.227   1.00 17.20 ? 88  ARG A N   1 
ATOM   659  C  CA  . ARG A 1 88  ? 3.897   -9.790  9.866   1.00 17.18 ? 88  ARG A CA  1 
ATOM   660  C  C   . ARG A 1 88  ? 4.846   -8.899  9.081   1.00 17.46 ? 88  ARG A C   1 
ATOM   661  O  O   . ARG A 1 88  ? 5.758   -8.259  9.692   1.00 19.61 ? 88  ARG A O   1 
ATOM   662  C  CB  . ARG A 1 88  ? 4.306   -9.939  11.337  1.00 17.89 ? 88  ARG A CB  1 
ATOM   663  C  CG  . ARG A 1 88  ? 3.252   -10.671 12.140  1.00 17.40 ? 88  ARG A CG  1 
ATOM   664  C  CD  . ARG A 1 88  ? 1.959   -9.909  12.167  1.00 17.95 ? 88  ARG A CD  1 
ATOM   665  N  NE  . ARG A 1 88  ? 1.129   -10.324 13.286  1.00 17.67 ? 88  ARG A NE  1 
ATOM   666  C  CZ  . ARG A 1 88  ? 0.223   -11.294 13.282  1.00 17.50 ? 88  ARG A CZ  1 
ATOM   667  N  NH1 . ARG A 1 88  ? -0.037  -12.018 12.214  1.00 18.23 ? 88  ARG A NH1 1 
ATOM   668  N  NH2 . ARG A 1 88  ? -0.403  -11.570 14.422  1.00 20.43 ? 88  ARG A NH2 1 
ATOM   669  N  N   . GLU A 1 89  ? 4.638   -8.817  7.775   1.00 16.60 ? 89  GLU A N   1 
ATOM   670  C  CA  . GLU A 1 89  ? 5.433   -7.936  6.913   1.00 17.80 ? 89  GLU A CA  1 
ATOM   671  C  C   . GLU A 1 89  ? 4.537   -6.883  6.300   1.00 15.95 ? 89  GLU A C   1 
ATOM   672  O  O   . GLU A 1 89  ? 3.340   -7.193  5.937   1.00 15.73 ? 89  GLU A O   1 
ATOM   673  C  CB  . GLU A 1 89  ? 6.163   -8.802  5.924   1.00 20.83 ? 89  GLU A CB  1 
ATOM   674  C  CG  . GLU A 1 89  ? 7.387   -9.368  6.593   1.00 21.96 ? 89  GLU A CG  1 
ATOM   675  C  CD  . GLU A 1 89  ? 8.161   -10.322 5.744   1.00 28.25 ? 89  GLU A CD  1 
ATOM   676  O  OE1 . GLU A 1 89  ? 8.083   -10.211 4.516   1.00 35.21 ? 89  GLU A OE1 1 
ATOM   677  O  OE2 . GLU A 1 89  ? 8.887   -11.143 6.328   1.00 31.84 ? 89  GLU A OE2 1 
ATOM   678  N  N   . VAL A 1 90  ? 5.063   -5.692  6.131   1.00 14.40 ? 90  VAL A N   1 
ATOM   679  C  CA  . VAL A 1 90  ? 4.419   -4.637  5.319   1.00 14.65 ? 90  VAL A CA  1 
ATOM   680  C  C   . VAL A 1 90  ? 5.417   -4.126  4.334   1.00 13.26 ? 90  VAL A C   1 
ATOM   681  O  O   . VAL A 1 90  ? 6.500   -3.599  4.806   1.00 14.73 ? 90  VAL A O   1 
ATOM   682  C  CB  . VAL A 1 90  ? 3.848   -3.488  6.120   1.00 16.70 ? 90  VAL A CB  1 
ATOM   683  C  CG1 . VAL A 1 90  ? 3.200   -2.494  5.200   1.00 18.75 ? 90  VAL A CG1 1 
ATOM   684  C  CG2 . VAL A 1 90  ? 2.831   -3.964  7.125   1.00 17.20 ? 90  VAL A CG2 1 
ATOM   685  N  N   . PHE A 1 91  ? 5.219   -4.314  3.078   1.00 13.10 ? 91  PHE A N   1 
ATOM   686  C  CA  . PHE A 1 91  ? 6.206   -3.918  2.059   1.00 13.66 ? 91  PHE A CA  1 
ATOM   687  C  C   . PHE A 1 91  ? 5.607   -2.745  1.285   1.00 12.70 ? 91  PHE A C   1 
ATOM   688  O  O   . PHE A 1 91  ? 4.505   -2.887  0.656   1.00 14.47 ? 91  PHE A O   1 
ATOM   689  C  CB  . PHE A 1 91  ? 6.550   -5.094  1.140   1.00 14.27 ? 91  PHE A CB  1 
ATOM   690  C  CG  . PHE A 1 91  ? 7.792   -4.789  0.357   1.00 14.94 ? 91  PHE A CG  1 
ATOM   691  C  CD1 . PHE A 1 91  ? 7.713   -4.132  -0.860  1.00 16.24 ? 91  PHE A CD1 1 
ATOM   692  C  CD2 . PHE A 1 91  ? 9.042   -5.135  0.855   1.00 16.72 ? 91  PHE A CD2 1 
ATOM   693  C  CE1 . PHE A 1 91  ? 8.867   -3.823  -1.565  1.00 17.07 ? 91  PHE A CE1 1 
ATOM   694  C  CE2 . PHE A 1 91  ? 10.185  -4.834  0.141   1.00 17.28 ? 91  PHE A CE2 1 
ATOM   695  C  CZ  . PHE A 1 91  ? 10.103  -4.182  -1.060  1.00 17.53 ? 91  PHE A CZ  1 
ATOM   696  N  N   . ILE A 1 92  ? 6.312   -1.609  1.238   1.00 12.89 ? 92  ILE A N   1 
ATOM   697  C  CA  . ILE A 1 92  ? 5.902   -0.460  0.404   1.00 11.91 ? 92  ILE A CA  1 
ATOM   698  C  C   . ILE A 1 92  ? 6.751   -0.501  -0.833  1.00 13.45 ? 92  ILE A C   1 
ATOM   699  O  O   . ILE A 1 92  ? 8.022   -0.369  -0.720  1.00 14.85 ? 92  ILE A O   1 
ATOM   700  C  CB  . ILE A 1 92  ? 6.046   0.840   1.197   1.00 13.75 ? 92  ILE A CB  1 
ATOM   701  C  CG1 . ILE A 1 92  ? 5.096   0.872   2.375   1.00 14.29 ? 92  ILE A CG1 1 
ATOM   702  C  CG2 . ILE A 1 92  ? 5.836   2.029   0.269   1.00 14.33 ? 92  ILE A CG2 1 
ATOM   703  C  CD1 . ILE A 1 92  ? 5.419   1.941   3.402   1.00 14.58 ? 92  ILE A CD1 1 
ATOM   704  N  N   . ALA A 1 93  ? 6.151   -0.654  -1.984  1.00 13.31 ? 93  ALA A N   1 
ATOM   705  C  CA  . ALA A 1 93  ? 6.836   -0.716  -3.279  1.00 14.15 ? 93  ALA A CA  1 
ATOM   706  C  C   . ALA A 1 93  ? 6.406   0.456   -4.122  1.00 14.61 ? 93  ALA A C   1 
ATOM   707  O  O   . ALA A 1 93  ? 5.195   0.627   -4.389  1.00 14.93 ? 93  ALA A O   1 
ATOM   708  C  CB  . ALA A 1 93  ? 6.516   -2.021  -3.977  1.00 14.81 ? 93  ALA A CB  1 
ATOM   709  N  N   . THR A 1 94  ? 7.351   1.288   -4.556  1.00 16.11 ? 94  THR A N   1 
ATOM   710  C  CA  . THR A 1 94  ? 7.017   2.421   -5.462  1.00 16.56 ? 94  THR A CA  1 
ATOM   711  C  C   . THR A 1 94  ? 7.444   2.107   -6.884  1.00 16.63 ? 94  THR A C   1 
ATOM   712  O  O   . THR A 1 94  ? 8.427   1.343   -7.065  1.00 17.53 ? 94  THR A O   1 
ATOM   713  C  CB  . THR A 1 94  ? 7.708   3.712   -5.025  1.00 17.03 ? 94  THR A CB  1 
ATOM   714  O  OG1 . THR A 1 94  ? 9.118   3.469   -5.015  1.00 17.66 ? 94  THR A OG1 1 
ATOM   715  C  CG2 . THR A 1 94  ? 7.285   4.155   -3.658  1.00 18.14 ? 94  THR A CG2 1 
ATOM   716  N  N   . GLY A 1 95  ? 6.751   2.632   -7.861  1.00 16.48 ? 95  GLY A N   1 
ATOM   717  C  CA  . GLY A 1 95  ? 7.177   2.544   -9.248  1.00 17.42 ? 95  GLY A CA  1 
ATOM   718  C  C   . GLY A 1 95  ? 8.487   3.300   -9.429  1.00 18.41 ? 95  GLY A C   1 
ATOM   719  O  O   . GLY A 1 95  ? 8.879   4.161   -8.575  1.00 19.06 ? 95  GLY A O   1 
ATOM   720  N  N   . TYR A 1 96  ? 9.157   2.986   -10.519 1.00 18.47 ? 96  TYR A N   1 
ATOM   721  C  CA  . TYR A 1 96  ? 10.451  3.628   -10.833 1.00 18.41 ? 96  TYR A CA  1 
ATOM   722  C  C   . TYR A 1 96  ? 10.297  5.136   -10.880 1.00 19.94 ? 96  TYR A C   1 
ATOM   723  O  O   . TYR A 1 96  ? 11.279  5.831   -10.482 1.00 19.09 ? 96  TYR A O   1 
ATOM   724  C  CB  . TYR A 1 96  ? 10.993  3.155   -12.177 1.00 20.20 ? 96  TYR A CB  1 
ATOM   725  C  CG  . TYR A 1 96  ? 11.504  1.753   -12.163 1.00 20.40 ? 96  TYR A CG  1 
ATOM   726  C  CD1 . TYR A 1 96  ? 12.562  1.370   -11.351 1.00 21.83 ? 96  TYR A CD1 1 
ATOM   727  C  CD2 . TYR A 1 96  ? 10.883  0.798   -12.952 1.00 24.67 ? 96  TYR A CD2 1 
ATOM   728  C  CE1 . TYR A 1 96  ? 13.029  0.067   -11.367 1.00 24.22 ? 96  TYR A CE1 1 
ATOM   729  C  CE2 . TYR A 1 96  ? 11.337  -0.508  -12.969 1.00 26.18 ? 96  TYR A CE2 1 
ATOM   730  C  CZ  . TYR A 1 96  ? 12.400  -0.875  -12.170 1.00 23.96 ? 96  TYR A CZ  1 
ATOM   731  O  OH  . TYR A 1 96  ? 12.867  -2.161  -12.183 1.00 27.08 ? 96  TYR A OH  1 
ATOM   732  N  N   . GLY A 1 97  ? 9.208   5.657   -11.425 1.00 18.67 ? 97  GLY A N   1 
ATOM   733  C  CA  . GLY A 1 97  ? 8.936   7.088   -11.496 1.00 18.58 ? 97  GLY A CA  1 
ATOM   734  C  C   . GLY A 1 97  ? 9.098   7.770   -10.152 1.00 19.12 ? 97  GLY A C   1 
ATOM   735  O  O   . GLY A 1 97  ? 9.446   8.997   -10.090 1.00 23.37 ? 97  GLY A O   1 
ATOM   736  N  N   . LEU A 1 98  ? 8.810   7.072   -9.058  1.00 17.94 ? 98  LEU A N   1 
ATOM   737  C  CA  . LEU A 1 98  ? 8.859   7.658   -7.704  1.00 17.14 ? 98  LEU A CA  1 
ATOM   738  C  C   . LEU A 1 98  ? 10.148  7.299   -6.984  1.00 17.54 ? 98  LEU A C   1 
ATOM   739  O  O   . LEU A 1 98  ? 10.229  7.464   -5.794  1.00 18.60 ? 98  LEU A O   1 
ATOM   740  C  CB  . LEU A 1 98  ? 7.624   7.176   -6.928  1.00 16.54 ? 98  LEU A CB  1 
ATOM   741  C  CG  . LEU A 1 98  ? 6.327   7.895   -7.229  1.00 17.25 ? 98  LEU A CG  1 
ATOM   742  C  CD1 . LEU A 1 98  ? 5.136   7.173   -6.579  1.00 16.29 ? 98  LEU A CD1 1 
ATOM   743  C  CD2 . LEU A 1 98  ? 6.402   9.354   -6.801  1.00 22.75 ? 98  LEU A CD2 1 
ATOM   744  N  N   . GLU A 1 99  ? 11.172  6.787   -7.696  1.00 18.19 ? 99  GLU A N   1 
ATOM   745  C  CA  . GLU A 1 99  ? 12.495  6.490   -7.102  1.00 19.61 ? 99  GLU A CA  1 
ATOM   746  C  C   . GLU A 1 99  ? 12.985  7.740   -6.370  1.00 18.09 ? 99  GLU A C   1 
ATOM   747  O  O   . GLU A 1 99  ? 12.944  8.820   -6.961  1.00 19.35 ? 99  GLU A O   1 
ATOM   748  C  CB  . GLU A 1 99  ? 13.484  6.037   -8.173  1.00 21.02 ? 99  GLU A CB  1 
ATOM   749  C  CG  . GLU A 1 99  ? 14.903  5.835   -7.671  1.00 21.72 ? 99  GLU A CG  1 
ATOM   750  C  CD  . GLU A 1 99  ? 15.164  4.815   -6.583  1.00 23.50 ? 99  GLU A CD  1 
ATOM   751  O  OE1 . GLU A 1 99  ? 14.230  4.042   -6.249  1.00 22.50 ? 99  GLU A OE1 1 
ATOM   752  O  OE2 . GLU A 1 99  ? 16.314  4.732   -6.086  1.00 25.29 ? 99  GLU A OE2 1 
ATOM   753  N  N   . GLY A 1 100 ? 13.396  7.532   -5.143  1.00 17.97 ? 100 GLY A N   1 
ATOM   754  C  CA  . GLY A 1 100 ? 13.877  8.614   -4.276  1.00 19.58 ? 100 GLY A CA  1 
ATOM   755  C  C   . GLY A 1 100 ? 12.780  9.216   -3.413  1.00 19.49 ? 100 GLY A C   1 
ATOM   756  O  O   . GLY A 1 100 ? 13.127  9.784   -2.355  1.00 20.45 ? 100 GLY A O   1 
ATOM   757  N  N   . ALA A 1 101 ? 11.499  9.132   -3.774  1.00 17.28 ? 101 ALA A N   1 
ATOM   758  C  CA  . ALA A 1 101 ? 10.434  9.775   -2.961  1.00 17.21 ? 101 ALA A CA  1 
ATOM   759  C  C   . ALA A 1 101 ? 10.278  9.052   -1.645  1.00 16.87 ? 101 ALA A C   1 
ATOM   760  O  O   . ALA A 1 101 ? 10.065  9.764   -0.647  1.00 16.43 ? 101 ALA A O   1 
ATOM   761  C  CB  . ALA A 1 101 ? 9.124   9.778   -3.713  1.00 17.74 ? 101 ALA A CB  1 
ATOM   762  N  N   . ILE A 1 102 ? 10.359  7.723   -1.602  1.00 14.17 ? 102 ILE A N   1 
ATOM   763  C  CA  . ILE A 1 102 ? 10.242  6.936   -0.348  1.00 15.73 ? 102 ILE A CA  1 
ATOM   764  C  C   . ILE A 1 102 ? 11.456  6.023   -0.258  1.00 16.50 ? 102 ILE A C   1 
ATOM   765  O  O   . ILE A 1 102 ? 11.387  4.842   -0.603  1.00 16.65 ? 102 ILE A O   1 
ATOM   766  C  CB  . ILE A 1 102 ? 8.909   6.136   -0.326  1.00 16.58 ? 102 ILE A CB  1 
ATOM   767  C  CG1 . ILE A 1 102 ? 7.767   7.064   -0.700  1.00 18.73 ? 102 ILE A CG1 1 
ATOM   768  C  CG2 . ILE A 1 102 ? 8.707   5.482   1.027   1.00 17.39 ? 102 ILE A CG2 1 
ATOM   769  C  CD1 . ILE A 1 102 ? 6.411   6.488   -0.472  1.00 20.79 ? 102 ILE A CD1 1 
ATOM   770  N  N   . PRO A 1 103 ? 12.594  6.487   0.304   1.00 16.97 ? 103 PRO A N   1 
ATOM   771  C  CA  . PRO A 1 103 ? 13.729  5.595   0.536   1.00 17.57 ? 103 PRO A CA  1 
ATOM   772  C  C   . PRO A 1 103 ? 13.397  4.497   1.557   1.00 17.89 ? 103 PRO A C   1 
ATOM   773  O  O   . PRO A 1 103 ? 12.395  4.622   2.276   1.00 17.24 ? 103 PRO A O   1 
ATOM   774  C  CB  . PRO A 1 103 ? 14.809  6.555   1.074   1.00 19.13 ? 103 PRO A CB  1 
ATOM   775  C  CG  . PRO A 1 103 ? 14.367  7.926   0.666   1.00 19.68 ? 103 PRO A CG  1 
ATOM   776  C  CD  . PRO A 1 103 ? 12.859  7.904   0.661   1.00 16.19 ? 103 PRO A CD  1 
ATOM   777  N  N   . ASP A 1 104 ? 14.266  3.492   1.664   1.00 16.56 ? 104 ASP A N   1 
ATOM   778  C  CA  . ASP A 1 104 ? 14.027  2.356   2.563   1.00 17.91 ? 104 ASP A CA  1 
ATOM   779  C  C   . ASP A 1 104 ? 13.845  2.839   3.998   1.00 16.97 ? 104 ASP A C   1 
ATOM   780  O  O   . ASP A 1 104 ? 12.972  2.317   4.696   1.00 17.96 ? 104 ASP A O   1 
ATOM   781  C  CB  . ASP A 1 104 ? 15.185  1.369   2.566   1.00 18.98 ? 104 ASP A CB  1 
ATOM   782  C  CG  . ASP A 1 104 ? 15.294  0.555   1.308   1.00 21.09 ? 104 ASP A CG  1 
ATOM   783  O  OD1 . ASP A 1 104 ? 14.476  0.706   0.366   1.00 24.49 ? 104 ASP A OD1 1 
ATOM   784  O  OD2 . ASP A 1 104 ? 16.287  -0.219  1.226   1.00 25.56 ? 104 ASP A OD2 1 
ATOM   785  N  N   . ALA A 1 105 ? 14.622  3.818   4.473   1.00 17.91 ? 105 ALA A N   1 
ATOM   786  C  CA  . ALA A 1 105 ? 14.501  4.273   5.867   1.00 17.75 ? 105 ALA A CA  1 
ATOM   787  C  C   . ALA A 1 105 ? 13.141  4.957   6.074   1.00 16.35 ? 105 ALA A C   1 
ATOM   788  O  O   . ALA A 1 105 ? 12.641  4.879   7.158   1.00 19.13 ? 105 ALA A O   1 
ATOM   789  C  CB  . ALA A 1 105 ? 15.648  5.183   6.257   1.00 19.40 ? 105 ALA A CB  1 
ATOM   790  N  N   . LEU A 1 106 ? 12.624  5.697   5.084   1.00 17.67 ? 106 LEU A N   1 
ATOM   791  C  CA  . LEU A 1 106 ? 11.302  6.345   5.259   1.00 17.02 ? 106 LEU A CA  1 
ATOM   792  C  C   . LEU A 1 106 ? 10.181  5.289   5.240   1.00 15.29 ? 106 LEU A C   1 
ATOM   793  O  O   . LEU A 1 106 ? 9.376   5.250   6.191   1.00 16.34 ? 106 LEU A O   1 
ATOM   794  C  CB  . LEU A 1 106 ? 11.136  7.376   4.157   1.00 19.62 ? 106 LEU A CB  1 
ATOM   795  C  CG  . LEU A 1 106 ? 9.810   8.114   4.188   1.00 24.35 ? 106 LEU A CG  1 
ATOM   796  C  CD1 . LEU A 1 106 ? 9.505   8.578   5.598   1.00 26.23 ? 106 LEU A CD1 1 
ATOM   797  C  CD2 . LEU A 1 106 ? 9.842   9.271   3.197   1.00 27.50 ? 106 LEU A CD2 1 
ATOM   798  N  N   . ALA A 1 107 ? 10.264  4.326   4.314   1.00 15.31 ? 107 ALA A N   1 
ATOM   799  C  CA  . ALA A 1 107 ? 9.303   3.198   4.316   1.00 14.47 ? 107 ALA A CA  1 
ATOM   800  C  C   . ALA A 1 107 ? 9.368   2.443   5.638   1.00 13.88 ? 107 ALA A C   1 
ATOM   801  O  O   . ALA A 1 107 ? 8.339   2.097   6.214   1.00 14.96 ? 107 ALA A O   1 
ATOM   802  C  CB  . ALA A 1 107 ? 9.520   2.326   3.130   1.00 15.34 ? 107 ALA A CB  1 
ATOM   803  N  N   . GLY A 1 108 ? 10.602  2.135   6.100   1.00 15.50 ? 108 GLY A N   1 
ATOM   804  C  CA  . GLY A 1 108 ? 10.740  1.361   7.325   1.00 16.34 ? 108 GLY A CA  1 
ATOM   805  C  C   . GLY A 1 108 ? 10.216  2.078   8.522   1.00 14.11 ? 108 GLY A C   1 
ATOM   806  O  O   . GLY A 1 108 ? 9.738   1.437   9.478   1.00 15.79 ? 108 GLY A O   1 
ATOM   807  N  N   . ARG A 1 109 ? 10.429  3.403   8.559   1.00 17.05 ? 109 ARG A N   1 
ATOM   808  C  CA  . ARG A 1 109 ? 9.931   4.205   9.696   1.00 17.49 ? 109 ARG A CA  1 
ATOM   809  C  C   . ARG A 1 109 ? 8.398   4.260   9.681   1.00 15.80 ? 109 ARG A C   1 
ATOM   810  O  O   . ARG A 1 109 ? 7.762   4.092   10.724  1.00 16.95 ? 109 ARG A O   1 
ATOM   811  C  CB  . ARG A 1 109 ? 10.448  5.632   9.653   1.00 21.80 ? 109 ARG A CB  1 
ATOM   812  C  CG  . ARG A 1 109 ? 10.187  6.353   10.967  1.00 22.91 ? 109 ARG A CG  1 
ATOM   813  C  CD  . ARG A 1 109 ? 10.984  7.637   11.050  1.00 30.83 ? 109 ARG A CD  1 
ATOM   814  N  NE  . ARG A 1 109 ? 10.464  8.533   10.044  1.00 34.54 ? 109 ARG A NE  1 
ATOM   815  C  CZ  . ARG A 1 109 ? 9.261   9.100   10.094  1.00 41.51 ? 109 ARG A CZ  1 
ATOM   816  N  NH1 . ARG A 1 109 ? 8.440   8.925   11.119  1.00 40.78 ? 109 ARG A NH1 1 
ATOM   817  N  NH2 . ARG A 1 109 ? 8.881   9.888   9.115   1.00 42.38 ? 109 ARG A NH2 1 
ATOM   818  N  N   . ILE A 1 110 ? 7.783   4.352   8.493   1.00 16.87 ? 110 ILE A N   1 
ATOM   819  C  CA  . ILE A 1 110 ? 6.295   4.229   8.366   1.00 17.58 ? 110 ILE A CA  1 
ATOM   820  C  C   . ILE A 1 110 ? 5.835   2.903   8.917   1.00 16.03 ? 110 ILE A C   1 
ATOM   821  O  O   . ILE A 1 110 ? 4.961   2.852   9.782   1.00 17.21 ? 110 ILE A O   1 
ATOM   822  C  CB  . ILE A 1 110 ? 5.857   4.467   6.912   1.00 16.75 ? 110 ILE A CB  1 
ATOM   823  C  CG1 . ILE A 1 110 ? 6.123   5.906   6.452   1.00 17.48 ? 110 ILE A CG1 1 
ATOM   824  C  CG2 . ILE A 1 110 ? 4.386   4.077   6.751   1.00 16.21 ? 110 ILE A CG2 1 
ATOM   825  C  CD1 . ILE A 1 110 ? 6.049   6.153   4.928   1.00 19.34 ? 110 ILE A CD1 1 
ATOM   826  N  N   . VAL A 1 111 ? 6.523   1.810   8.551   1.00 16.31 ? 111 VAL A N   1 
ATOM   827  C  CA  . VAL A 1 111 ? 6.106   0.485   9.043   1.00 15.34 ? 111 VAL A CA  1 
ATOM   828  C  C   . VAL A 1 111 ? 6.301   0.415   10.568  1.00 15.16 ? 111 VAL A C   1 
ATOM   829  O  O   . VAL A 1 111 ? 5.447   -0.035  11.286  1.00 16.95 ? 111 VAL A O   1 
ATOM   830  C  CB  . VAL A 1 111 ? 6.816   -0.610  8.223   1.00 15.49 ? 111 VAL A CB  1 
ATOM   831  C  CG1 . VAL A 1 111 ? 6.522   -1.965  8.791   1.00 16.99 ? 111 VAL A CG1 1 
ATOM   832  C  CG2 . VAL A 1 111 ? 6.368   -0.493  6.757   1.00 14.85 ? 111 VAL A CG2 1 
ATOM   833  N  N   . ARG A 1 112 ? 7.532   0.655   11.037  1.00 16.07 ? 112 ARG A N   1 
ATOM   834  C  CA  . ARG A 1 112 ? 7.915   0.410   12.451  1.00 15.18 ? 112 ARG A CA  1 
ATOM   835  C  C   . ARG A 1 112 ? 7.152   1.357   13.387  1.00 15.08 ? 112 ARG A C   1 
ATOM   836  O  O   . ARG A 1 112 ? 6.715   0.903   14.451  1.00 18.64 ? 112 ARG A O   1 
ATOM   837  C  CB  . ARG A 1 112 ? 9.405   0.646   12.646  1.00 15.86 ? 112 ARG A CB  1 
ATOM   838  C  CG  . ARG A 1 112 ? 9.890   0.243   14.031  1.00 17.46 ? 112 ARG A CG  1 
ATOM   839  C  CD  . ARG A 1 112 ? 11.369  0.460   14.169  1.00 17.31 ? 112 ARG A CD  1 
ATOM   840  N  NE  . ARG A 1 112 ? 12.089  -0.479  13.363  1.00 18.46 ? 112 ARG A NE  1 
ATOM   841  C  CZ  . ARG A 1 112 ? 13.421  -0.518  13.246  1.00 17.57 ? 112 ARG A CZ  1 
ATOM   842  N  NH1 . ARG A 1 112 ? 14.175  0.416   13.810  1.00 20.04 ? 112 ARG A NH1 1 
ATOM   843  N  NH2 . ARG A 1 112 ? 13.936  -1.428  12.458  1.00 18.56 ? 112 ARG A NH2 1 
ATOM   844  N  N   . ASP A 1 113 ? 7.052   2.604   13.000  1.00 18.03 ? 113 ASP A N   1 
ATOM   845  C  CA  . ASP A 1 113 ? 6.576   3.604   14.000  1.00 18.72 ? 113 ASP A CA  1 
ATOM   846  C  C   . ASP A 1 113 ? 5.098   3.932   13.792  1.00 20.21 ? 113 ASP A C   1 
ATOM   847  O  O   . ASP A 1 113 ? 4.487   4.431   14.748  1.00 21.58 ? 113 ASP A O   1 
ATOM   848  C  CB  . ASP A 1 113 ? 7.446   4.853   13.948  1.00 20.81 ? 113 ASP A CB  1 
ATOM   849  C  CG  . ASP A 1 113 ? 8.851   4.663   14.508  1.00 20.46 ? 113 ASP A CG  1 
ATOM   850  O  OD1 . ASP A 1 113 ? 9.151   3.582   15.017  1.00 23.10 ? 113 ASP A OD1 1 
ATOM   851  O  OD2 . ASP A 1 113 ? 9.635   5.616   14.373  1.00 24.20 ? 113 ASP A OD2 1 
ATOM   852  N  N   . ILE A 1 114 ? 4.573   3.815   12.567  1.00 18.10 ? 114 ILE A N   1 
ATOM   853  C  CA  . ILE A 1 114 ? 3.214   4.302   12.220  1.00 19.95 ? 114 ILE A CA  1 
ATOM   854  C  C   . ILE A 1 114 ? 2.292   3.090   12.181  1.00 20.17 ? 114 ILE A C   1 
ATOM   855  O  O   . ILE A 1 114 ? 1.257   3.078   12.867  1.00 22.71 ? 114 ILE A O   1 
ATOM   856  C  CB  . ILE A 1 114 ? 3.177   5.160   10.953  1.00 22.25 ? 114 ILE A CB  1 
ATOM   857  C  CG1 . ILE A 1 114 ? 3.961   6.458   11.147  1.00 24.01 ? 114 ILE A CG1 1 
ATOM   858  C  CG2 . ILE A 1 114 ? 1.724   5.453   10.570  1.00 23.80 ? 114 ILE A CG2 1 
ATOM   859  C  CD1 . ILE A 1 114 ? 4.026   7.384   9.950   1.00 26.41 ? 114 ILE A CD1 1 
ATOM   860  N  N   . ILE A 1 115 ? 2.647   2.087   11.360  1.00 17.88 ? 115 ILE A N   1 
ATOM   861  C  CA  . ILE A 1 115 ? 1.767   0.926   11.120  1.00 18.28 ? 115 ILE A CA  1 
ATOM   862  C  C   . ILE A 1 115 ? 1.785   -0.018  12.326  1.00 16.86 ? 115 ILE A C   1 
ATOM   863  O  O   . ILE A 1 115 ? 0.714   -0.366  12.824  1.00 17.44 ? 115 ILE A O   1 
ATOM   864  C  CB  . ILE A 1 115 ? 2.148   0.238   9.794   1.00 16.92 ? 115 ILE A CB  1 
ATOM   865  C  CG1 . ILE A 1 115 ? 2.001   1.218   8.632   1.00 17.26 ? 115 ILE A CG1 1 
ATOM   866  C  CG2 . ILE A 1 115 ? 1.330   -1.026  9.623   1.00 18.96 ? 115 ILE A CG2 1 
ATOM   867  C  CD1 . ILE A 1 115 ? 2.223   0.575   7.273   1.00 16.56 ? 115 ILE A CD1 1 
ATOM   868  N  N   . VAL A 1 116 ? 2.954   -0.617  12.620  1.00 18.94 ? 116 VAL A N   1 
ATOM   869  C  CA  . VAL A 1 116 ? 3.043   -1.798  13.536  1.00 18.28 ? 116 VAL A CA  1 
ATOM   870  C  C   . VAL A 1 116 ? 2.427   -1.539  14.916  1.00 16.14 ? 116 VAL A C   1 
ATOM   871  O  O   . VAL A 1 116 ? 1.664   -2.365  15.361  1.00 18.42 ? 116 VAL A O   1 
ATOM   872  C  CB  . VAL A 1 116 ? 4.492   -2.328  13.628  1.00 23.31 ? 116 VAL A CB  1 
ATOM   873  C  CG1 . VAL A 1 116 ? 4.679   -3.340  14.754  1.00 25.87 ? 116 VAL A CG1 1 
ATOM   874  C  CG2 . VAL A 1 116 ? 4.925   -2.965  12.317  1.00 23.68 ? 116 VAL A CG2 1 
ATOM   875  N  N   . PRO A 1 117 ? 2.643   -0.383  15.562  1.00 19.15 ? 117 PRO A N   1 
ATOM   876  C  CA  . PRO A 1 117 ? 2.041   -0.148  16.873  1.00 18.92 ? 117 PRO A CA  1 
ATOM   877  C  C   . PRO A 1 117 ? 0.510   -0.122  16.829  1.00 17.65 ? 117 PRO A C   1 
ATOM   878  O  O   . PRO A 1 117 ? -0.163  -0.675  17.689  1.00 20.52 ? 117 PRO A O   1 
ATOM   879  C  CB  . PRO A 1 117 ? 2.610   1.215   17.298  1.00 19.60 ? 117 PRO A CB  1 
ATOM   880  C  CG  . PRO A 1 117 ? 3.848   1.383   16.501  1.00 21.64 ? 117 PRO A CG  1 
ATOM   881  C  CD  . PRO A 1 117 ? 3.568   0.679   15.173  1.00 16.90 ? 117 PRO A CD  1 
ATOM   882  N  N   . ARG A 1 118 ? -0.058  0.440   15.724  1.00 15.94 ? 118 ARG A N   1 
ATOM   883  C  CA  . ARG A 1 118 ? -1.501  0.440   15.499  1.00 14.49 ? 118 ARG A CA  1 
ATOM   884  C  C   . ARG A 1 118 ? -1.956  -0.995  15.268  1.00 12.62 ? 118 ARG A C   1 
ATOM   885  O  O   . ARG A 1 118 ? -2.930  -1.401  15.828  1.00 14.43 ? 118 ARG A O   1 
ATOM   886  C  CB  . ARG A 1 118 ? -1.800  1.457   14.397  1.00 13.28 ? 118 ARG A CB  1 
ATOM   887  C  CG  . ARG A 1 118 ? -1.647  2.886   14.897  1.00 14.07 ? 118 ARG A CG  1 
ATOM   888  C  CD  . ARG A 1 118 ? -1.923  3.918   13.809  1.00 13.68 ? 118 ARG A CD  1 
ATOM   889  N  NE  . ARG A 1 118 ? -1.832  5.292   14.303  1.00 13.97 ? 118 ARG A NE  1 
ATOM   890  C  CZ  . ARG A 1 118 ? -2.720  5.860   15.051  1.00 12.43 ? 118 ARG A CZ  1 
ATOM   891  N  NH1 . ARG A 1 118 ? -3.913  5.345   15.209  1.00 12.76 ? 118 ARG A NH1 1 
ATOM   892  N  NH2 . ARG A 1 118 ? -2.476  7.099   15.475  1.00 13.30 ? 118 ARG A NH2 1 
ATOM   893  N  N   . PHE A 1 119 ? -1.325  -1.726  14.328  1.00 14.62 ? 119 PHE A N   1 
ATOM   894  C  CA  . PHE A 1 119 ? -1.723  -3.139  14.071  1.00 13.45 ? 119 PHE A CA  1 
ATOM   895  C  C   . PHE A 1 119 ? -1.677  -4.027  15.347  1.00 13.90 ? 119 PHE A C   1 
ATOM   896  O  O   . PHE A 1 119 ? -2.610  -4.798  15.497  1.00 16.44 ? 119 PHE A O   1 
ATOM   897  C  CB  . PHE A 1 119 ? -0.822  -3.734  12.997  1.00 14.70 ? 119 PHE A CB  1 
ATOM   898  C  CG  . PHE A 1 119 ? -1.163  -3.356  11.576  1.00 13.64 ? 119 PHE A CG  1 
ATOM   899  C  CD1 . PHE A 1 119 ? -1.886  -2.216  11.230  1.00 12.81 ? 119 PHE A CD1 1 
ATOM   900  C  CD2 . PHE A 1 119 ? -0.642  -4.112  10.558  1.00 15.31 ? 119 PHE A CD2 1 
ATOM   901  C  CE1 . PHE A 1 119 ? -2.160  -1.943  9.878   1.00 13.00 ? 119 PHE A CE1 1 
ATOM   902  C  CE2 . PHE A 1 119 ? -0.912  -3.845  9.218   1.00 15.03 ? 119 PHE A CE2 1 
ATOM   903  C  CZ  . PHE A 1 119 ? -1.636  -2.744  8.876   1.00 13.58 ? 119 PHE A CZ  1 
ATOM   904  N  N   . ARG A 1 120 ? -0.739  -3.749  16.232  1.00 16.98 ? 120 ARG A N   1 
ATOM   905  C  CA  . ARG A 1 120 ? -0.668  -4.609  17.454  1.00 18.97 ? 120 ARG A CA  1 
ATOM   906  C  C   . ARG A 1 120 ? -1.841  -4.398  18.394  1.00 20.60 ? 120 ARG A C   1 
ATOM   907  O  O   . ARG A 1 120 ? -2.076  -5.335  19.210  1.00 20.76 ? 120 ARG A O   1 
ATOM   908  C  CB  . ARG A 1 120 ? 0.665   -4.415  18.146  1.00 22.47 ? 120 ARG A CB  1 
ATOM   909  C  CG  . ARG A 1 120 ? 1.758   -5.148  17.406  1.00 27.10 ? 120 ARG A CG  1 
ATOM   910  C  CD  . ARG A 1 120 ? 2.943   -5.407  18.276  1.00 32.12 ? 120 ARG A CD  1 
ATOM   911  N  NE  . ARG A 1 120 ? 4.021   -5.869  17.430  1.00 39.88 ? 120 ARG A NE  1 
ATOM   912  C  CZ  . ARG A 1 120 ? 5.190   -6.268  17.882  1.00 41.70 ? 120 ARG A CZ  1 
ATOM   913  N  NH1 . ARG A 1 120 ? 5.406   -6.312  19.184  1.00 43.77 ? 120 ARG A NH1 1 
ATOM   914  N  NH2 . ARG A 1 120 ? 6.127   -6.640  17.031  1.00 46.88 ? 120 ARG A NH2 1 
ATOM   915  N  N   . ARG A 1 121 ? -2.548  -3.273  18.267  1.00 18.09 ? 121 ARG A N   1 
ATOM   916  C  CA  . ARG A 1 121 ? -3.763  -2.871  19.008  1.00 20.51 ? 121 ARG A CA  1 
ATOM   917  C  C   . ARG A 1 121 ? -5.006  -3.302  18.229  1.00 18.18 ? 121 ARG A C   1 
ATOM   918  O  O   . ARG A 1 121 ? -6.115  -2.990  18.657  1.00 19.45 ? 121 ARG A O   1 
ATOM   919  C  CB  . ARG A 1 121 ? -3.821  -1.347  19.268  1.00 24.87 ? 121 ARG A CB  1 
ATOM   920  C  CG  . ARG A 1 121 ? -2.545  -0.771  19.864  1.00 28.96 ? 121 ARG A CG  1 
ATOM   921  C  CD  . ARG A 1 121 ? -2.735  0.663   20.320  1.00 32.23 ? 121 ARG A CD  1 
ATOM   922  N  NE  . ARG A 1 121 ? -1.433  1.121   20.801  1.00 37.21 ? 121 ARG A NE  1 
ATOM   923  C  CZ  . ARG A 1 121 ? -0.650  2.014   20.198  1.00 39.21 ? 121 ARG A CZ  1 
ATOM   924  N  NH1 . ARG A 1 121 ? 0.524   2.310   20.734  1.00 43.14 ? 121 ARG A NH1 1 
ATOM   925  N  NH2 . ARG A 1 121 ? -1.038  2.614   19.081  1.00 41.25 ? 121 ARG A NH2 1 
ATOM   926  N  N   . GLY A 1 122 ? -4.865  -3.866  17.006  1.00 16.97 ? 122 GLY A N   1 
ATOM   927  C  CA  . GLY A 1 122 ? -6.043  -4.201  16.193  1.00 17.01 ? 122 GLY A CA  1 
ATOM   928  C  C   . GLY A 1 122 ? -6.505  -3.005  15.356  1.00 14.03 ? 122 GLY A C   1 
ATOM   929  O  O   . GLY A 1 122 ? -7.529  -3.098  14.739  1.00 16.88 ? 122 GLY A O   1 
ATOM   930  N  N   . ASP A 1 123 ? -5.739  -1.890  15.371  1.00 14.27 ? 123 ASP A N   1 
ATOM   931  C  CA  . ASP A 1 123 ? -6.115  -0.659  14.615  1.00 12.95 ? 123 ASP A CA  1 
ATOM   932  C  C   . ASP A 1 123 ? -5.528  -0.721  13.201  1.00 12.40 ? 123 ASP A C   1 
ATOM   933  O  O   . ASP A 1 123 ? -4.639  0.058   12.825  1.00 12.16 ? 123 ASP A O   1 
ATOM   934  C  CB  . ASP A 1 123 ? -5.659  0.565   15.387  1.00 14.49 ? 123 ASP A CB  1 
ATOM   935  C  CG  . ASP A 1 123 ? -6.044  1.829   14.677  1.00 13.45 ? 123 ASP A CG  1 
ATOM   936  O  OD1 . ASP A 1 123 ? -7.009  1.781   13.907  1.00 13.45 ? 123 ASP A OD1 1 
ATOM   937  O  OD2 . ASP A 1 123 ? -5.414  2.873   14.965  1.00 13.35 ? 123 ASP A OD2 1 
ATOM   938  N  N   . PHE A 1 124 ? -6.088  -1.619  12.432  1.00 12.59 ? 124 PHE A N   1 
ATOM   939  C  CA  . PHE A 1 124 ? -5.667  -1.800  11.020  1.00 10.78 ? 124 PHE A CA  1 
ATOM   940  C  C   . PHE A 1 124 ? -6.061  -0.599  10.168  1.00 10.97 ? 124 PHE A C   1 
ATOM   941  O  O   . PHE A 1 124 ? -5.221  -0.183  9.334   1.00 11.00 ? 124 PHE A O   1 
ATOM   942  C  CB  . PHE A 1 124 ? -6.203  -3.119  10.448  1.00 12.24 ? 124 PHE A CB  1 
ATOM   943  C  CG  . PHE A 1 124 ? -5.752  -4.310  11.260  1.00 12.58 ? 124 PHE A CG  1 
ATOM   944  C  CD1 . PHE A 1 124 ? -4.465  -4.709  11.192  1.00 13.61 ? 124 PHE A CD1 1 
ATOM   945  C  CD2 . PHE A 1 124 ? -6.638  -5.005  12.055  1.00 14.28 ? 124 PHE A CD2 1 
ATOM   946  C  CE1 . PHE A 1 124 ? -4.016  -5.780  11.971  1.00 16.55 ? 124 PHE A CE1 1 
ATOM   947  C  CE2 . PHE A 1 124 ? -6.204  -6.084  12.837  1.00 15.96 ? 124 PHE A CE2 1 
ATOM   948  C  CZ  . PHE A 1 124 ? -4.893  -6.423  12.798  1.00 16.63 ? 124 PHE A CZ  1 
ATOM   949  N  N   . TYR A 1 125 ? -7.231  -0.071  10.346  1.00 10.84 ? 125 TYR A N   1 
ATOM   950  C  CA  . TYR A 1 125 ? -7.624  1.123   9.575   1.00 11.05 ? 125 TYR A CA  1 
ATOM   951  C  C   . TYR A 1 125 ? -6.699  2.275   9.901   1.00 10.83 ? 125 TYR A C   1 
ATOM   952  O  O   . TYR A 1 125 ? -6.197  2.993   9.022   1.00 11.64 ? 125 TYR A O   1 
ATOM   953  C  CB  . TYR A 1 125 ? -9.080  1.489   9.834   1.00 12.44 ? 125 TYR A CB  1 
ATOM   954  C  CG  . TYR A 1 125 ? -9.415  2.836   9.267   1.00 12.94 ? 125 TYR A CG  1 
ATOM   955  C  CD1 . TYR A 1 125 ? -9.648  3.033   7.910   1.00 12.33 ? 125 TYR A CD1 1 
ATOM   956  C  CD2 . TYR A 1 125 ? -9.306  3.967   10.068  1.00 15.62 ? 125 TYR A CD2 1 
ATOM   957  C  CE1 . TYR A 1 125 ? -9.852  4.309   7.374   1.00 13.11 ? 125 TYR A CE1 1 
ATOM   958  C  CE2 . TYR A 1 125 ? -9.452  5.227   9.551   1.00 15.84 ? 125 TYR A CE2 1 
ATOM   959  C  CZ  . TYR A 1 125 ? -9.737  5.408   8.223   1.00 14.44 ? 125 TYR A CZ  1 
ATOM   960  O  OH  . TYR A 1 125 ? -9.851  6.700   7.715   1.00 17.24 ? 125 TYR A OH  1 
ATOM   961  N  N   . GLY A 1 126 ? -6.453  2.525   11.185  1.00 10.87 ? 126 GLY A N   1 
ATOM   962  C  CA  . GLY A 1 126 ? -5.629  3.689   11.520  1.00 11.07 ? 126 GLY A CA  1 
ATOM   963  C  C   . GLY A 1 126 ? -4.212  3.543   11.022  1.00 10.04 ? 126 GLY A C   1 
ATOM   964  O  O   . GLY A 1 126 ? -3.583  4.520   10.606  1.00 10.53 ? 126 GLY A O   1 
ATOM   965  N  N   . GLY A 1 127 ? -3.638  2.344   11.151  1.00 10.36 ? 127 GLY A N   1 
ATOM   966  C  CA  . GLY A 1 127 ? -2.292  2.133   10.656  1.00 10.97 ? 127 GLY A CA  1 
ATOM   967  C  C   . GLY A 1 127 ? -2.206  2.322   9.145   1.00 10.27 ? 127 GLY A C   1 
ATOM   968  O  O   . GLY A 1 127 ? -1.282  2.983   8.672   1.00 11.03 ? 127 GLY A O   1 
ATOM   969  N  N   . LEU A 1 128 ? -3.153  1.769   8.391   1.00 9.95  ? 128 LEU A N   1 
ATOM   970  C  CA  . LEU A 1 128 ? -3.077  1.926   6.928   1.00 10.31 ? 128 LEU A CA  1 
ATOM   971  C  C   . LEU A 1 128 ? -3.413  3.354   6.531   1.00 9.91  ? 128 LEU A C   1 
ATOM   972  O  O   . LEU A 1 128 ? -2.797  3.900   5.587   1.00 10.64 ? 128 LEU A O   1 
ATOM   973  C  CB  . LEU A 1 128 ? -4.058  0.954   6.292   1.00 10.13 ? 128 LEU A CB  1 
ATOM   974  C  CG  . LEU A 1 128 ? -3.539  -0.495  6.285   1.00 10.80 ? 128 LEU A CG  1 
ATOM   975  C  CD1 . LEU A 1 128 ? -4.647  -1.456  5.951   1.00 11.15 ? 128 LEU A CD1 1 
ATOM   976  C  CD2 . LEU A 1 128 ? -2.376  -0.660  5.336   1.00 11.90 ? 128 LEU A CD2 1 
ATOM   977  N  N   . SER A 1 129 ? -4.373  4.009   7.173   1.00 9.84  ? 129 SER A N   1 
ATOM   978  C  CA  . SER A 1 129 ? -4.712  5.400   6.847   1.00 10.08 ? 129 SER A CA  1 
ATOM   979  C  C   . SER A 1 129 ? -3.501  6.301   7.051   1.00 10.68 ? 129 SER A C   1 
ATOM   980  O  O   . SER A 1 129 ? -3.217  7.154   6.192   1.00 10.57 ? 129 SER A O   1 
ATOM   981  C  CB  . SER A 1 129 ? -5.856  5.842   7.659   1.00 11.09 ? 129 SER A CB  1 
ATOM   982  O  OG  . SER A 1 129 ? -6.119  7.188   7.334   1.00 12.66 ? 129 SER A OG  1 
ATOM   983  N  N   . ALA A 1 130 ? -2.831  6.152   8.176   1.00 9.87  ? 130 ALA A N   1 
ATOM   984  C  CA  . ALA A 1 130 ? -1.654  6.962   8.470   1.00 11.01 ? 130 ALA A CA  1 
ATOM   985  C  C   . ALA A 1 130 ? -0.531  6.664   7.508   1.00 10.70 ? 130 ALA A C   1 
ATOM   986  O  O   . ALA A 1 130 ? 0.198   7.591   7.115   1.00 11.96 ? 130 ALA A O   1 
ATOM   987  C  CB  . ALA A 1 130 ? -1.228  6.796   9.890   1.00 11.67 ? 130 ALA A CB  1 
ATOM   988  N  N   . ALA A 1 131 ? -0.358  5.428   7.110   1.00 10.72 ? 131 ALA A N   1 
ATOM   989  C  CA  . ALA A 1 131 ? 0.675   5.083   6.116   1.00 11.35 ? 131 ALA A CA  1 
ATOM   990  C  C   . ALA A 1 131 ? 0.355   5.758   4.780   1.00 11.02 ? 131 ALA A C   1 
ATOM   991  O  O   . ALA A 1 131 ? 1.292   6.296   4.166   1.00 11.46 ? 131 ALA A O   1 
ATOM   992  C  CB  . ALA A 1 131 ? 0.752   3.606   5.999   1.00 12.42 ? 131 ALA A CB  1 
ATOM   993  N  N   . VAL A 1 132 ? -0.897  5.712   4.366   1.00 10.26 ? 132 VAL A N   1 
ATOM   994  C  CA  . VAL A 1 132 ? -1.276  6.385   3.110   1.00 9.93  ? 132 VAL A CA  1 
ATOM   995  C  C   . VAL A 1 132 ? -0.907  7.863   3.193   1.00 10.33 ? 132 VAL A C   1 
ATOM   996  O  O   . VAL A 1 132 ? -0.413  8.459   2.243   1.00 10.93 ? 132 VAL A O   1 
ATOM   997  C  CB  . VAL A 1 132 ? -2.752  6.153   2.765   1.00 10.60 ? 132 VAL A CB  1 
ATOM   998  C  CG1 . VAL A 1 132 ? -3.237  7.039   1.634   1.00 11.02 ? 132 VAL A CG1 1 
ATOM   999  C  CG2 . VAL A 1 132 ? -2.966  4.675   2.400   1.00 11.61 ? 132 VAL A CG2 1 
ATOM   1000 N  N   . ASP A 1 133 ? -1.311  8.493   4.295   1.00 10.16 ? 133 ASP A N   1 
ATOM   1001 C  CA  . ASP A 1 133 ? -1.055  9.934   4.445   1.00 9.94  ? 133 ASP A CA  1 
ATOM   1002 C  C   . ASP A 1 133 ? 0.441   10.223  4.384   1.00 9.92  ? 133 ASP A C   1 
ATOM   1003 O  O   . ASP A 1 133 ? 0.819   11.218  3.780   1.00 10.50 ? 133 ASP A O   1 
ATOM   1004 C  CB  . ASP A 1 133 ? -1.654  10.457  5.750   1.00 10.98 ? 133 ASP A CB  1 
ATOM   1005 C  CG  . ASP A 1 133 ? -3.164  10.439  5.747   1.00 12.09 ? 133 ASP A CG  1 
ATOM   1006 O  OD1 . ASP A 1 133 ? -3.787  10.286  4.677   1.00 13.65 ? 133 ASP A OD1 1 
ATOM   1007 O  OD2 . ASP A 1 133 ? -3.710  10.579  6.843   1.00 13.98 ? 133 ASP A OD2 1 
ATOM   1008 N  N   . ALA A 1 134 ? 1.265   9.398   5.010   1.00 10.17 ? 134 ALA A N   1 
ATOM   1009 C  CA  . ALA A 1 134 ? 2.727   9.597   4.996   1.00 10.80 ? 134 ALA A CA  1 
ATOM   1010 C  C   . ALA A 1 134 ? 3.256   9.408   3.571   1.00 11.50 ? 134 ALA A C   1 
ATOM   1011 O  O   . ALA A 1 134 ? 4.164   10.143  3.143   1.00 12.81 ? 134 ALA A O   1 
ATOM   1012 C  CB  . ALA A 1 134 ? 3.380   8.671   5.961   1.00 11.75 ? 134 ALA A CB  1 
ATOM   1013 N  N   . ILE A 1 135 ? 2.742   8.419   2.843   1.00 11.22 ? 135 ILE A N   1 
ATOM   1014 C  CA  . ILE A 1 135 ? 3.165   8.167   1.431   1.00 12.23 ? 135 ILE A CA  1 
ATOM   1015 C  C   . ILE A 1 135 ? 2.796   9.333   0.561   1.00 12.16 ? 135 ILE A C   1 
ATOM   1016 O  O   . ILE A 1 135 ? 3.627   9.795   -0.283  1.00 13.40 ? 135 ILE A O   1 
ATOM   1017 C  CB  . ILE A 1 135 ? 2.556   6.821   0.997   1.00 12.42 ? 135 ILE A CB  1 
ATOM   1018 C  CG1 . ILE A 1 135 ? 3.280   5.682   1.707   1.00 12.63 ? 135 ILE A CG1 1 
ATOM   1019 C  CG2 . ILE A 1 135 ? 2.613   6.664   -0.532  1.00 14.24 ? 135 ILE A CG2 1 
ATOM   1020 C  CD1 . ILE A 1 135 ? 2.549   4.348   1.679   1.00 13.77 ? 135 ILE A CD1 1 
ATOM   1021 N  N   . ILE A 1 136 ? 1.577   9.817   0.703   1.00 11.39 ? 136 ILE A N   1 
ATOM   1022 C  CA  . ILE A 1 136 ? 1.150   11.008  -0.073  1.00 12.70 ? 136 ILE A CA  1 
ATOM   1023 C  C   . ILE A 1 136 ? 2.017   12.208  0.255   1.00 13.07 ? 136 ILE A C   1 
ATOM   1024 O  O   . ILE A 1 136 ? 2.516   12.928  -0.664  1.00 15.16 ? 136 ILE A O   1 
ATOM   1025 C  CB  . ILE A 1 136 ? -0.339  11.273  0.146   1.00 13.08 ? 136 ILE A CB  1 
ATOM   1026 C  CG1 . ILE A 1 136 ? -1.190  10.194  -0.531  1.00 12.66 ? 136 ILE A CG1 1 
ATOM   1027 C  CG2 . ILE A 1 136 ? -0.729  12.656  -0.317  1.00 12.93 ? 136 ILE A CG2 1 
ATOM   1028 C  CD1 . ILE A 1 136 ? -2.647  10.275  -0.275  1.00 13.15 ? 136 ILE A CD1 1 
ATOM   1029 N  N   . ALA A 1 137 ? 2.285   12.456  1.511   1.00 13.14 ? 137 ALA A N   1 
ATOM   1030 C  CA  . ALA A 1 137 ? 3.164   13.575  1.903   1.00 14.45 ? 137 ALA A CA  1 
ATOM   1031 C  C   . ALA A 1 137 ? 4.528   13.387  1.246   1.00 15.47 ? 137 ALA A C   1 
ATOM   1032 O  O   . ALA A 1 137 ? 5.041   14.405  0.653   1.00 17.57 ? 137 ALA A O   1 
ATOM   1033 C  CB  . ALA A 1 137 ? 3.272   13.643  3.392   1.00 14.85 ? 137 ALA A CB  1 
ATOM   1034 N  N   . ALA A 1 138 ? 5.104   12.205  1.260   1.00 15.21 ? 138 ALA A N   1 
ATOM   1035 C  CA  . ALA A 1 138 ? 6.449   11.951  0.695   1.00 16.86 ? 138 ALA A CA  1 
ATOM   1036 C  C   . ALA A 1 138 ? 6.357   12.175  -0.811  1.00 16.43 ? 138 ALA A C   1 
ATOM   1037 O  O   . ALA A 1 138 ? 7.363   12.774  -1.375  1.00 19.07 ? 138 ALA A O   1 
ATOM   1038 C  CB  . ALA A 1 138 ? 6.869   10.568  1.061   1.00 16.61 ? 138 ALA A CB  1 
ATOM   1039 N  N   . ALA A 1 139 ? 5.321   11.725  -1.484  1.00 17.38 ? 139 ALA A N   1 
ATOM   1040 C  CA  . ALA A 1 139 ? 5.203   11.881  -2.954  1.00 18.50 ? 139 ALA A CA  1 
ATOM   1041 C  C   . ALA A 1 139 ? 5.092   13.368  -3.295  1.00 20.87 ? 139 ALA A C   1 
ATOM   1042 O  O   . ALA A 1 139 ? 5.494   13.752  -4.420  1.00 23.40 ? 139 ALA A O   1 
ATOM   1043 C  CB  . ALA A 1 139 ? 4.034   11.119  -3.476  1.00 18.91 ? 139 ALA A CB  1 
ATOM   1044 N  N   . GLN A 1 140 ? 4.529   14.190  -2.403  1.00 21.77 ? 140 GLN A N   1 
ATOM   1045 C  CA  . GLN A 1 140 ? 4.300   15.648  -2.605  1.00 23.69 ? 140 GLN A CA  1 
ATOM   1046 C  C   . GLN A 1 140 ? 5.609   16.395  -2.284  1.00 25.89 ? 140 GLN A C   1 
ATOM   1047 O  O   . GLN A 1 140 ? 5.661   17.614  -2.543  1.00 33.24 ? 140 GLN A O   1 
ATOM   1048 C  CB  . GLN A 1 140 ? 3.182   16.193  -1.698  1.00 23.92 ? 140 GLN A CB  1 
ATOM   1049 C  CG  . GLN A 1 140 ? 1.787   15.636  -1.957  1.00 23.73 ? 140 GLN A CG  1 
ATOM   1050 C  CD  . GLN A 1 140 ? 0.757   16.127  -0.957  1.00 25.18 ? 140 GLN A CD  1 
ATOM   1051 O  OE1 . GLN A 1 140 ? 0.943   16.128  0.266   1.00 25.78 ? 140 GLN A OE1 1 
ATOM   1052 N  NE2 . GLN A 1 140 ? -0.354  16.604  -1.489  1.00 26.63 ? 140 GLN A NE2 1 
ATOM   1053 N  N   . GLY A 1 141 ? 6.614   15.748  -1.672  1.00 27.42 ? 141 GLY A N   1 
ATOM   1054 C  CA  . GLY A 1 141 ? 7.862   16.394  -1.203  1.00 30.67 ? 141 GLY A CA  1 
ATOM   1055 C  C   . GLY A 1 141 ? 7.680   17.127  0.119   1.00 34.20 ? 141 GLY A C   1 
ATOM   1056 O  O   . GLY A 1 141 ? 8.342   18.177  0.327   1.00 40.56 ? 141 GLY A O   1 
ATOM   1057 N  N   . GLU A 1 142 ? 6.834   16.593  1.004   1.00 35.31 ? 142 GLU A N   1 
ATOM   1058 C  CA  . GLU A 1 142 ? 6.340   17.300  2.215   1.00 39.34 ? 142 GLU A CA  1 
ATOM   1059 C  C   . GLU A 1 142 ? 6.246   16.363  3.434   1.00 36.36 ? 142 GLU A C   1 
ATOM   1060 O  O   . GLU A 1 142 ? 5.558   16.733  4.388   1.00 35.33 ? 142 GLU A O   1 
ATOM   1061 C  CB  . GLU A 1 142 ? 4.972   17.911  1.902   1.00 44.79 ? 142 GLU A CB  1 
ATOM   1062 C  CG  . GLU A 1 142 ? 4.973   18.941  0.793   1.00 49.18 ? 142 GLU A CG  1 
ATOM   1063 C  CD  . GLU A 1 142 ? 3.577   19.421  0.433   1.00 53.85 ? 142 GLU A CD  1 
ATOM   1064 O  OE1 . GLU A 1 142 ? 2.633   19.070  1.172   1.00 54.41 ? 142 GLU A OE1 1 
ATOM   1065 O  OE2 . GLU A 1 142 ? 3.436   20.139  -0.584  1.00 55.86 ? 142 GLU A OE2 1 
ATOM   1066 N  N   . PHE A 1 143 ? 6.933   15.217  3.448   1.00 33.87 ? 143 PHE A N   1 
ATOM   1067 C  CA  . PHE A 1 143 ? 6.967   14.297  4.620   1.00 36.31 ? 143 PHE A CA  1 
ATOM   1068 C  C   . PHE A 1 143 ? 8.017   14.770  5.641   1.00 38.82 ? 143 PHE A C   1 
ATOM   1069 O  O   . PHE A 1 143 ? 9.212   14.914  5.287   1.00 36.55 ? 143 PHE A O   1 
ATOM   1070 C  CB  . PHE A 1 143 ? 7.237   12.855  4.180   1.00 35.78 ? 143 PHE A CB  1 
ATOM   1071 C  CG  . PHE A 1 143 ? 7.007   11.856  5.281   1.00 39.82 ? 143 PHE A CG  1 
ATOM   1072 C  CD1 . PHE A 1 143 ? 5.763   11.708  5.863   1.00 40.29 ? 143 PHE A CD1 1 
ATOM   1073 C  CD2 . PHE A 1 143 ? 8.058   11.118  5.788   1.00 40.74 ? 143 PHE A CD2 1 
ATOM   1074 C  CE1 . PHE A 1 143 ? 5.571   10.848  6.933   1.00 41.89 ? 143 PHE A CE1 1 
ATOM   1075 C  CE2 . PHE A 1 143 ? 7.849   10.229  6.829   1.00 42.63 ? 143 PHE A CE2 1 
ATOM   1076 C  CZ  . PHE A 1 143 ? 6.607   10.092  7.400   1.00 39.33 ? 143 PHE A CZ  1 
ATOM   1077 N  N   . GLN A 1 144 ? 7.589   14.892  6.900   1.00 39.58 ? 144 GLN A N   1 
ATOM   1078 C  CA  . GLN A 1 144 ? 8.189   15.736  7.967   1.00 40.85 ? 144 GLN A CA  1 
ATOM   1079 C  C   . GLN A 1 144 ? 8.230   15.004  9.309   1.00 43.76 ? 144 GLN A C   1 
ATOM   1080 O  O   . GLN A 1 144 ? 7.733   15.523  10.313  1.00 40.15 ? 144 GLN A O   1 
ATOM   1081 C  CB  . GLN A 1 144 ? 7.312   16.977  8.129   1.00 40.51 ? 144 GLN A CB  1 
ATOM   1082 C  CG  . GLN A 1 144 ? 6.028   16.781  8.957   1.00 39.36 ? 144 GLN A CG  1 
ATOM   1083 C  CD  . GLN A 1 144 ? 5.309   15.445  9.033   1.00 40.00 ? 144 GLN A CD  1 
ATOM   1084 O  OE1 . GLN A 1 144 ? 5.208   14.791  10.108  1.00 27.61 ? 144 GLN A OE1 1 
ATOM   1085 N  NE2 . GLN A 1 144 ? 4.730   15.078  7.892   1.00 31.29 ? 144 GLN A NE2 1 
ATOM   1086 N  N   . PRO A 1 145 ? 8.839   13.803  9.391   1.00 45.03 ? 145 PRO A N   1 
ATOM   1087 C  CA  . PRO A 1 145 ? 8.875   13.027  10.634  1.00 48.08 ? 145 PRO A CA  1 
ATOM   1088 C  C   . PRO A 1 145 ? 9.407   13.743  11.881  1.00 49.85 ? 145 PRO A C   1 
ATOM   1089 O  O   . PRO A 1 145 ? 9.306   13.172  12.974  1.00 47.45 ? 145 PRO A O   1 
ATOM   1090 C  CB  . PRO A 1 145 ? 9.925   11.939  10.379  1.00 50.31 ? 145 PRO A CB  1 
ATOM   1091 C  CG  . PRO A 1 145 ? 10.610  12.342  9.082   1.00 50.89 ? 145 PRO A CG  1 
ATOM   1092 C  CD  . PRO A 1 145 ? 9.590   13.152  8.309   1.00 49.81 ? 145 PRO A CD  1 
ATOM   1093 O  OXT . PRO A 1 145 ? 9.948   14.849  11.793  1.00 54.80 ? 145 PRO A OXT 1 
HETATM 1094 C  C1  . B3P B 2 .   ? 10.896  -1.240  0.721   1.00 16.66 ? 201 B3P A C1  1 
HETATM 1095 C  C2  . B3P B 2 .   ? 11.046  0.081   0.057   1.00 17.08 ? 201 B3P A C2  1 
HETATM 1096 C  C3  . B3P B 2 .   ? 11.153  -1.139  2.193   1.00 17.18 ? 201 B3P A C3  1 
HETATM 1097 N  N1  . B3P B 2 .   ? 10.815  -2.366  2.915   1.00 16.96 ? 201 B3P A N1  1 
HETATM 1098 C  C4  . B3P B 2 .   ? 10.462  -2.275  4.356   1.00 17.65 ? 201 B3P A C4  1 
HETATM 1099 C  C5  . B3P B 2 .   ? 9.251   -1.355  4.547   1.00 15.84 ? 201 B3P A C5  1 
HETATM 1100 C  C6  . B3P B 2 .   ? 11.647  -1.706  5.153   1.00 19.13 ? 201 B3P A C6  1 
HETATM 1101 C  C7  . B3P B 2 .   ? 10.141  -3.710  4.784   1.00 18.33 ? 201 B3P A C7  1 
HETATM 1102 N  N2  . B3P B 2 .   ? 10.907  0.017   -1.389  1.00 16.92 ? 201 B3P A N2  1 
HETATM 1103 C  C8  . B3P B 2 .   ? 11.094  1.296   -2.113  1.00 17.45 ? 201 B3P A C8  1 
HETATM 1104 C  C9  . B3P B 2 .   ? 12.426  1.983   -1.772  1.00 18.30 ? 201 B3P A C9  1 
HETATM 1105 C  C10 . B3P B 2 .   ? 9.923   2.263   -1.877  1.00 18.03 ? 201 B3P A C10 1 
HETATM 1106 C  C11 . B3P B 2 .   ? 11.081  0.956   -3.606  1.00 16.65 ? 201 B3P A C11 1 
HETATM 1107 O  O1  . B3P B 2 .   ? 13.529  1.143   -2.079  1.00 18.92 ? 201 B3P A O1  1 
HETATM 1108 O  O2  . B3P B 2 .   ? 9.789   2.697   -0.529  1.00 20.06 ? 201 B3P A O2  1 
HETATM 1109 O  O3  . B3P B 2 .   ? 9.921   0.187   -3.926  1.00 18.22 ? 201 B3P A O3  1 
HETATM 1110 O  O4  . B3P B 2 .   ? 8.159   -1.642  3.639   1.00 15.66 ? 201 B3P A O4  1 
HETATM 1111 O  O5  . B3P B 2 .   ? 12.829  -2.410  4.788   1.00 20.92 ? 201 B3P A O5  1 
HETATM 1112 O  O6  . B3P B 2 .   ? 9.643   -3.721  6.098   1.00 20.50 ? 201 B3P A O6  1 
HETATM 1113 MG MG  . MG  C 3 .   ? -12.615 -6.511  4.704   1.00 14.90 ? 202 MG  A MG  1 
HETATM 1114 O  O   . HOH D 4 .   ? 16.758  2.892   -4.604  1.00 41.66 ? 301 HOH A O   1 
HETATM 1115 O  O   . HOH D 4 .   ? 7.289   -8.123  18.575  1.00 36.55 ? 302 HOH A O   1 
HETATM 1116 O  O   . HOH D 4 .   ? -12.252 0.117   -5.212  1.00 23.21 ? 303 HOH A O   1 
HETATM 1117 O  O   . HOH D 4 .   ? 9.799   -11.034 2.954   1.00 28.45 ? 304 HOH A O   1 
HETATM 1118 O  O   . HOH D 4 .   ? -2.346  4.658   18.530  1.00 41.33 ? 305 HOH A O   1 
HETATM 1119 O  O   . HOH D 4 .   ? -9.461  7.301   5.329   1.00 22.94 ? 306 HOH A O   1 
HETATM 1120 O  O   . HOH D 4 .   ? -9.325  4.328   -12.251 1.00 37.81 ? 307 HOH A O   1 
HETATM 1121 O  O   . HOH D 4 .   ? 10.189  -1.842  -5.435  1.00 30.54 ? 308 HOH A O   1 
HETATM 1122 O  O   . HOH D 4 .   ? 12.140  -8.271  -5.374  1.00 42.00 ? 309 HOH A O   1 
HETATM 1123 O  O   . HOH D 4 .   ? -10.683 -3.163  11.337  1.00 19.45 ? 310 HOH A O   1 
HETATM 1124 O  O   . HOH D 4 .   ? 7.662   -14.737 2.750   1.00 27.90 ? 311 HOH A O   1 
HETATM 1125 O  O   . HOH D 4 .   ? 0.682   6.024   14.062  1.00 33.72 ? 312 HOH A O   1 
HETATM 1126 O  O   . HOH D 4 .   ? 2.741   -16.235 -2.462  1.00 28.89 ? 313 HOH A O   1 
HETATM 1127 O  O   . HOH D 4 .   ? 15.450  10.505  -1.317  1.00 31.42 ? 314 HOH A O   1 
HETATM 1128 O  O   . HOH D 4 .   ? 10.532  5.750   -3.792  1.00 18.90 ? 315 HOH A O   1 
HETATM 1129 O  O   . HOH D 4 .   ? 5.352   -5.936  10.913  1.00 23.99 ? 316 HOH A O   1 
HETATM 1130 O  O   . HOH D 4 .   ? -3.571  -1.110  -14.217 1.00 30.11 ? 317 HOH A O   1 
HETATM 1131 O  O   . HOH D 4 .   ? 2.128   12.006  -6.703  1.00 32.02 ? 318 HOH A O   1 
HETATM 1132 O  O   . HOH D 4 .   ? 8.528   7.939   13.710  1.00 33.69 ? 319 HOH A O   1 
HETATM 1133 O  O   . HOH D 4 .   ? 5.880   -16.808 3.881   1.00 30.06 ? 320 HOH A O   1 
HETATM 1134 O  O   . HOH D 4 .   ? -7.949  8.336   8.893   1.00 15.16 ? 321 HOH A O   1 
HETATM 1135 O  O   . HOH D 4 .   ? -1.313  -14.911 -3.165  1.00 19.23 ? 322 HOH A O   1 
HETATM 1136 O  O   . HOH D 4 .   ? 13.221  4.941   -3.949  1.00 24.46 ? 323 HOH A O   1 
HETATM 1137 O  O   . HOH D 4 .   ? 0.456   20.463  1.840   1.00 31.88 ? 324 HOH A O   1 
HETATM 1138 O  O   . HOH D 4 .   ? -3.379  12.090  2.738   1.00 17.38 ? 325 HOH A O   1 
HETATM 1139 O  O   . HOH D 4 .   ? 11.303  11.722  0.704   1.00 40.95 ? 326 HOH A O   1 
HETATM 1140 O  O   . HOH D 4 .   ? -10.598 8.696   3.462   1.00 22.80 ? 327 HOH A O   1 
HETATM 1141 O  O   . HOH D 4 .   ? -15.853 -9.782  8.362   1.00 24.34 ? 328 HOH A O   1 
HETATM 1142 O  O   . HOH D 4 .   ? -12.401 -1.362  -11.063 1.00 19.66 ? 329 HOH A O   1 
HETATM 1143 O  O   . HOH D 4 .   ? -11.463 -0.508  -3.144  1.00 17.20 ? 330 HOH A O   1 
HETATM 1144 O  O   . HOH D 4 .   ? -5.833  -3.185  -4.117  1.00 10.23 ? 331 HOH A O   1 
HETATM 1145 O  O   . HOH D 4 .   ? 2.435   12.321  -17.505 1.00 38.09 ? 332 HOH A O   1 
HETATM 1146 O  O   . HOH D 4 .   ? -12.496 -2.619  -1.169  1.00 21.18 ? 333 HOH A O   1 
HETATM 1147 O  O   . HOH D 4 .   ? 13.841  2.116   15.881  1.00 29.42 ? 334 HOH A O   1 
HETATM 1148 O  O   . HOH D 4 .   ? 7.832   -5.462  7.095   1.00 17.22 ? 335 HOH A O   1 
HETATM 1149 O  O   . HOH D 4 .   ? 1.720   10.992  -10.802 1.00 23.73 ? 336 HOH A O   1 
HETATM 1150 O  O   . HOH D 4 .   ? -12.213 -8.081  -7.839  1.00 30.65 ? 337 HOH A O   1 
HETATM 1151 O  O   . HOH D 4 .   ? -11.428 -6.110  -0.362  1.00 21.54 ? 338 HOH A O   1 
HETATM 1152 O  O   . HOH D 4 .   ? -3.394  1.543   -13.655 1.00 23.09 ? 339 HOH A O   1 
HETATM 1153 O  O   . HOH D 4 .   ? -20.774 -0.695  6.446   1.00 35.52 ? 340 HOH A O   1 
HETATM 1154 O  O   . HOH D 4 .   ? -2.718  -7.601  15.587  1.00 29.24 ? 341 HOH A O   1 
HETATM 1155 O  O   . HOH D 4 .   ? 17.435  7.042   -5.148  1.00 21.51 ? 342 HOH A O   1 
HETATM 1156 O  O   . HOH D 4 .   ? 7.124   -1.105  16.262  1.00 39.52 ? 343 HOH A O   1 
HETATM 1157 O  O   . HOH D 4 .   ? -2.578  -15.183 8.363   1.00 23.59 ? 344 HOH A O   1 
HETATM 1158 O  O   . HOH D 4 .   ? -5.017  -3.571  -12.231 1.00 17.94 ? 345 HOH A O   1 
HETATM 1159 O  O   . HOH D 4 .   ? -16.177 0.311   10.661  1.00 26.80 ? 346 HOH A O   1 
HETATM 1160 O  O   . HOH D 4 .   ? 4.127   8.803   -17.156 1.00 29.82 ? 347 HOH A O   1 
HETATM 1161 O  O   . HOH D 4 .   ? -2.720  -15.813 1.238   1.00 18.53 ? 348 HOH A O   1 
HETATM 1162 O  O   . HOH D 4 .   ? -8.863  -10.412 -12.502 1.00 25.04 ? 349 HOH A O   1 
HETATM 1163 O  O   . HOH D 4 .   ? 1.182   -0.475  20.095  1.00 36.63 ? 350 HOH A O   1 
HETATM 1164 O  O   . HOH D 4 .   ? 8.047   -9.504  10.621  1.00 26.28 ? 351 HOH A O   1 
HETATM 1165 O  O   . HOH D 4 .   ? 8.164   -9.369  -11.110 1.00 25.27 ? 352 HOH A O   1 
HETATM 1166 O  O   . HOH D 4 .   ? 1.375   5.627   -17.710 1.00 26.76 ? 353 HOH A O   1 
HETATM 1167 O  O   . HOH D 4 .   ? 9.056   -9.977  -8.498  1.00 25.00 ? 354 HOH A O   1 
HETATM 1168 O  O   . HOH D 4 .   ? -12.326 -8.257  3.158   1.00 20.28 ? 355 HOH A O   1 
HETATM 1169 O  O   . HOH D 4 .   ? -6.356  -1.869  -8.212  1.00 17.27 ? 356 HOH A O   1 
HETATM 1170 O  O   . HOH D 4 .   ? -0.955  13.359  3.532   1.00 14.82 ? 357 HOH A O   1 
HETATM 1171 O  O   . HOH D 4 .   ? -7.086  -2.898  21.275  1.00 30.47 ? 358 HOH A O   1 
HETATM 1172 O  O   . HOH D 4 .   ? -8.876  -14.434 1.381   1.00 20.67 ? 359 HOH A O   1 
HETATM 1173 O  O   . HOH D 4 .   ? -3.857  -15.927 -11.161 1.00 30.80 ? 360 HOH A O   1 
HETATM 1174 O  O   . HOH D 4 .   ? -6.719  11.939  -1.308  1.00 14.88 ? 361 HOH A O   1 
HETATM 1175 O  O   . HOH D 4 .   ? -3.790  6.810   -5.256  1.00 13.38 ? 362 HOH A O   1 
HETATM 1176 O  O   . HOH D 4 .   ? 5.864   5.369   -10.002 1.00 20.01 ? 363 HOH A O   1 
HETATM 1177 O  O   . HOH D 4 .   ? 12.981  -3.915  1.996   1.00 25.81 ? 364 HOH A O   1 
HETATM 1178 O  O   . HOH D 4 .   ? 4.871   12.819  -7.010  1.00 33.05 ? 365 HOH A O   1 
HETATM 1179 O  O   . HOH D 4 .   ? 0.366   4.618   17.656  1.00 36.78 ? 366 HOH A O   1 
HETATM 1180 O  O   . HOH D 4 .   ? 10.786  10.661  -6.853  1.00 26.01 ? 367 HOH A O   1 
HETATM 1181 O  O   . HOH D 4 .   ? 16.577  3.457   0.013   1.00 22.15 ? 368 HOH A O   1 
HETATM 1182 O  O   . HOH D 4 .   ? 5.505   -13.745 11.589  1.00 30.45 ? 369 HOH A O   1 
HETATM 1183 O  O   . HOH D 4 .   ? -6.085  -11.585 8.992   1.00 24.76 ? 370 HOH A O   1 
HETATM 1184 O  O   . HOH D 4 .   ? 12.642  -2.015  -2.380  1.00 21.33 ? 371 HOH A O   1 
HETATM 1185 O  O   . HOH D 4 .   ? -6.717  1.058   -8.429  1.00 17.55 ? 372 HOH A O   1 
HETATM 1186 O  O   . HOH D 4 .   ? 10.966  -9.037  1.142   1.00 23.04 ? 373 HOH A O   1 
HETATM 1187 O  O   . HOH D 4 .   ? -9.445  -5.222  14.564  1.00 29.34 ? 374 HOH A O   1 
HETATM 1188 O  O   . HOH D 4 .   ? -4.090  2.886   17.508  1.00 24.76 ? 375 HOH A O   1 
HETATM 1189 O  O   . HOH D 4 .   ? -7.471  -10.484 -6.572  1.00 25.60 ? 376 HOH A O   1 
HETATM 1190 O  O   . HOH D 4 .   ? -7.603  12.538  -13.533 1.00 37.53 ? 377 HOH A O   1 
HETATM 1191 O  O   . HOH D 4 .   ? -6.379  -4.236  -9.836  1.00 19.07 ? 378 HOH A O   1 
HETATM 1192 O  O   . HOH D 4 .   ? -9.728  -6.658  12.032  1.00 29.05 ? 379 HOH A O   1 
HETATM 1193 O  O   . HOH D 4 .   ? -1.389  15.544  1.848   1.00 16.91 ? 380 HOH A O   1 
HETATM 1194 O  O   . HOH D 4 .   ? 0.716   9.849   8.827   1.00 24.83 ? 381 HOH A O   1 
HETATM 1195 O  O   . HOH D 4 .   ? 6.755   -3.596  -10.493 1.00 25.15 ? 382 HOH A O   1 
HETATM 1196 O  O   . HOH D 4 .   ? 0.283   -15.885 -1.274  1.00 22.32 ? 383 HOH A O   1 
HETATM 1197 O  O   . HOH D 4 .   ? 8.374   -1.545  -7.235  1.00 27.68 ? 384 HOH A O   1 
HETATM 1198 O  O   . HOH D 4 .   ? -0.146  -7.331  14.570  1.00 25.74 ? 385 HOH A O   1 
HETATM 1199 O  O   . HOH D 4 .   ? 17.103  4.654   3.220   1.00 23.35 ? 386 HOH A O   1 
HETATM 1200 O  O   . HOH D 4 .   ? 6.291   5.991   -13.971 1.00 28.43 ? 387 HOH A O   1 
HETATM 1201 O  O   . HOH D 4 .   ? -4.545  7.213   11.124  1.00 15.38 ? 388 HOH A O   1 
HETATM 1202 O  O   . HOH D 4 .   ? 1.840   -13.364 -11.171 1.00 25.20 ? 389 HOH A O   1 
HETATM 1203 O  O   . HOH D 4 .   ? -12.021 4.549   -8.885  1.00 37.89 ? 390 HOH A O   1 
HETATM 1204 O  O   . HOH D 4 .   ? -0.822  -16.237 -5.495  1.00 36.02 ? 391 HOH A O   1 
HETATM 1205 O  O   . HOH D 4 .   ? -11.567 2.713   12.655  1.00 24.45 ? 392 HOH A O   1 
HETATM 1206 O  O   . HOH D 4 .   ? -9.204  -1.111  12.272  1.00 23.58 ? 393 HOH A O   1 
HETATM 1207 O  O   . HOH D 4 .   ? -5.146  -0.801  -12.021 1.00 26.83 ? 394 HOH A O   1 
HETATM 1208 O  O   . HOH D 4 .   ? 12.803  7.741   8.350   1.00 37.30 ? 395 HOH A O   1 
HETATM 1209 O  O   . HOH D 4 .   ? -14.947 -7.036  4.547   1.00 32.69 ? 396 HOH A O   1 
HETATM 1210 O  O   . HOH D 4 .   ? 7.682   -11.837 11.667  1.00 36.27 ? 397 HOH A O   1 
HETATM 1211 O  O   . HOH D 4 .   ? 6.882   4.043   -12.451 1.00 31.14 ? 398 HOH A O   1 
HETATM 1212 O  O   . HOH D 4 .   ? -3.347  -5.746  -15.804 1.00 30.93 ? 399 HOH A O   1 
HETATM 1213 O  O   . HOH D 4 .   ? -9.516  0.231   14.616  1.00 34.15 ? 400 HOH A O   1 
HETATM 1214 O  O   . HOH D 4 .   ? -5.422  -15.779 -13.832 1.00 33.36 ? 401 HOH A O   1 
HETATM 1215 O  O   . HOH D 4 .   ? 7.371   1.701   -12.626 1.00 31.48 ? 402 HOH A O   1 
HETATM 1216 O  O   . HOH D 4 .   ? -16.112 -1.547  0.837   1.00 33.19 ? 403 HOH A O   1 
HETATM 1217 O  O   . HOH D 4 .   ? -2.986  4.802   -21.303 1.00 28.70 ? 404 HOH A O   1 
HETATM 1218 O  O   . HOH D 4 .   ? -5.573  2.179   -14.987 1.00 26.52 ? 405 HOH A O   1 
HETATM 1219 O  O   . HOH D 4 .   ? -3.051  -16.391 -8.077  1.00 40.55 ? 406 HOH A O   1 
HETATM 1220 O  O   . HOH D 4 .   ? -14.080 -0.262  -0.762  1.00 22.81 ? 407 HOH A O   1 
HETATM 1221 O  O   . HOH D 4 .   ? 8.724   -7.087  4.337   1.00 33.81 ? 408 HOH A O   1 
HETATM 1222 O  O   . HOH D 4 .   ? -18.753 -1.548  8.061   1.00 27.58 ? 409 HOH A O   1 
HETATM 1223 O  O   . HOH D 4 .   ? -12.932 -7.089  9.307   1.00 31.14 ? 410 HOH A O   1 
HETATM 1224 O  O   . HOH D 4 .   ? 14.386  8.310   4.199   1.00 34.72 ? 411 HOH A O   1 
HETATM 1225 O  O   . HOH D 4 .   ? -9.102  0.866   -9.660  1.00 29.90 ? 412 HOH A O   1 
HETATM 1226 O  O   . HOH D 4 .   ? -6.166  13.851  -3.260  1.00 25.74 ? 413 HOH A O   1 
HETATM 1227 O  O   . HOH D 4 .   ? 4.339   -0.021  -7.614  1.00 30.46 ? 414 HOH A O   1 
HETATM 1228 O  O   . HOH D 4 .   ? 1.345   -6.302  13.122  1.00 29.34 ? 415 HOH A O   1 
HETATM 1229 O  O   . HOH D 4 .   ? -1.165  -16.217 -13.824 1.00 41.97 ? 416 HOH A O   1 
HETATM 1230 O  O   . HOH D 4 .   ? -2.927  -16.171 -15.842 1.00 36.99 ? 417 HOH A O   1 
HETATM 1231 O  O   . HOH D 4 .   ? 1.267   -7.391  8.984   1.00 35.94 ? 418 HOH A O   1 
HETATM 1232 O  O   . HOH D 4 .   ? -5.439  4.933   -20.331 1.00 34.50 ? 419 HOH A O   1 
HETATM 1233 O  O   . HOH D 4 .   ? 4.705   -1.703  -9.806  1.00 28.62 ? 420 HOH A O   1 
HETATM 1234 O  O   . HOH D 4 .   ? 6.059   -6.646  13.389  1.00 27.85 ? 421 HOH A O   1 
HETATM 1235 O  O   . HOH D 4 .   ? -7.960  1.227   -18.679 1.00 30.48 ? 422 HOH A O   1 
HETATM 1236 O  O   . HOH D 4 .   ? 0.664   -14.413 -13.567 1.00 33.35 ? 423 HOH A O   1 
HETATM 1237 O  O   . HOH D 4 .   ? 9.100   -7.202  11.031  1.00 27.17 ? 424 HOH A O   1 
HETATM 1238 O  O   . HOH D 4 .   ? 15.413  4.701   -2.343  1.00 29.61 ? 425 HOH A O   1 
HETATM 1239 O  O   . HOH D 4 .   ? -15.081 1.422   -2.608  1.00 32.03 ? 426 HOH A O   1 
HETATM 1240 O  O   . HOH D 4 .   ? -5.332  -2.255  -15.920 1.00 30.68 ? 427 HOH A O   1 
HETATM 1241 O  O   . HOH D 4 .   ? 2.665   -6.084  10.708  1.00 25.84 ? 428 HOH A O   1 
HETATM 1242 O  O   . HOH D 4 .   ? 14.006  9.007   6.766   1.00 36.96 ? 429 HOH A O   1 
HETATM 1243 O  O   . HOH D 4 .   ? 5.137   -1.472  18.559  1.00 43.82 ? 430 HOH A O   1 
HETATM 1244 O  O   . HOH D 4 .   ? -10.655 2.593   -10.879 1.00 31.00 ? 431 HOH A O   1 
HETATM 1245 O  O   . HOH D 4 .   ? 11.483  -8.718  -7.961  1.00 30.43 ? 432 HOH A O   1 
HETATM 1246 O  O   . HOH D 4 .   ? -3.679  14.979  0.298   1.00 16.15 ? 433 HOH A O   1 
HETATM 1247 O  O   . HOH D 4 .   ? -4.245  15.612  -2.566  1.00 25.50 ? 434 HOH A O   1 
HETATM 1248 O  O   . HOH D 4 .   ? -3.417  -18.379 -2.349  1.00 31.77 ? 435 HOH A O   1 
HETATM 1249 O  O   . HOH D 4 .   ? -13.718 2.335   -4.719  1.00 29.95 ? 436 HOH A O   1 
HETATM 1250 O  O   . HOH D 4 .   ? 7.321   -9.122  13.558  1.00 25.12 ? 437 HOH A O   1 
HETATM 1251 O  O   . HOH D 4 .   ? -7.858  -0.172  -12.121 1.00 32.28 ? 438 HOH A O   1 
HETATM 1252 O  O   . HOH D 4 .   ? 6.255   7.837   16.902  1.00 42.31 ? 439 HOH A O   1 
HETATM 1253 O  O   . HOH D 4 .   ? 17.164  7.371   3.811   1.00 28.34 ? 440 HOH A O   1 
HETATM 1254 O  O   . HOH D 4 .   ? 16.384  3.980   15.260  1.00 32.38 ? 441 HOH A O   1 
HETATM 1255 O  O   . HOH D 4 .   ? -8.696  -2.593  -13.348 1.00 31.68 ? 442 HOH A O   1 
HETATM 1256 O  O   . HOH D 4 .   ? 11.195  -6.838  3.077   1.00 28.53 ? 443 HOH A O   1 
HETATM 1257 O  O   . HOH D 4 .   ? 13.322  -9.500  0.209   1.00 32.74 ? 444 HOH A O   1 
HETATM 1258 O  O   . HOH D 4 .   ? -6.764  0.129   -16.582 1.00 34.42 ? 445 HOH A O   1 
HETATM 1259 O  O   . HOH D 4 .   ? -11.551 0.045   -14.950 1.00 28.25 ? 446 HOH A O   1 
HETATM 1260 O  O   . HOH D 4 .   ? -5.156  12.729  0.841   1.00 16.56 ? 447 HOH A O   1 
# 
loop_
_pdbx_poly_seq_scheme.asym_id 
_pdbx_poly_seq_scheme.entity_id 
_pdbx_poly_seq_scheme.seq_id 
_pdbx_poly_seq_scheme.mon_id 
_pdbx_poly_seq_scheme.ndb_seq_num 
_pdbx_poly_seq_scheme.pdb_seq_num 
_pdbx_poly_seq_scheme.auth_seq_num 
_pdbx_poly_seq_scheme.pdb_mon_id 
_pdbx_poly_seq_scheme.auth_mon_id 
_pdbx_poly_seq_scheme.pdb_strand_id 
_pdbx_poly_seq_scheme.pdb_ins_code 
_pdbx_poly_seq_scheme.hetero 
A 1 1   GLY 1   1   ?   ?   ?   A . n 
A 1 2   MET 2   2   ?   ?   ?   A . n 
A 1 3   GLN 3   3   ?   ?   ?   A . n 
A 1 4   ILE 4   4   4   ILE ILE A . n 
A 1 5   GLU 5   5   5   GLU GLU A . n 
A 1 6   VAL 6   6   6   VAL VAL A . n 
A 1 7   ILE 7   7   7   ILE ILE A . n 
A 1 8   PRO 8   8   8   PRO PRO A . n 
A 1 9   PRO 9   9   9   PRO PRO A . n 
A 1 10  SER 10  10  10  SER SER A . n 
A 1 11  GLY 11  11  11  GLY GLY A . n 
A 1 12  GLN 12  12  12  GLN GLN A . n 
A 1 13  TRP 13  13  13  TRP TRP A . n 
A 1 14  VAL 14  14  14  VAL VAL A . n 
A 1 15  THR 15  15  15  THR THR A . n 
A 1 16  ASP 16  16  16  ASP ASP A . n 
A 1 17  LEU 17  17  17  LEU LEU A . n 
A 1 18  ALA 18  18  18  ALA ALA A . n 
A 1 19  ASP 19  19  19  ASP ASP A . n 
A 1 20  LEU 20  20  20  LEU LEU A . n 
A 1 21  LEU 21  21  21  LEU LEU A . n 
A 1 22  THR 22  22  22  THR THR A . n 
A 1 23  PRO 23  23  23  PRO PRO A . n 
A 1 24  ALA 24  24  24  ALA ALA A . n 
A 1 25  GLU 25  25  25  GLU GLU A . n 
A 1 26  GLU 26  26  26  GLU GLU A . n 
A 1 27  ARG 27  27  27  ARG ARG A . n 
A 1 28  MET 28  28  28  MET MET A . n 
A 1 29  LEU 29  29  29  LEU LEU A . n 
A 1 30  SER 30  30  30  SER SER A . n 
A 1 31  ARG 31  31  31  ARG ARG A . n 
A 1 32  LYS 32  32  32  LYS LYS A . n 
A 1 33  LEU 33  33  33  LEU LEU A . n 
A 1 34  ALA 34  34  34  ALA ALA A . n 
A 1 35  THR 35  35  35  THR THR A . n 
A 1 36  TYR 36  36  36  TYR TYR A . n 
A 1 37  ALA 37  37  37  ALA ALA A . n 
A 1 38  ASP 38  38  38  ASP ASP A . n 
A 1 39  THR 39  39  39  THR THR A . n 
A 1 40  THR 40  40  40  THR THR A . n 
A 1 41  SER 41  41  41  SER SER A . n 
A 1 42  THR 42  42  42  THR THR A . n 
A 1 43  GLN 43  43  43  GLN GLN A . n 
A 1 44  ILE 44  44  44  ILE ILE A . n 
A 1 45  VAL 45  45  45  VAL VAL A . n 
A 1 46  ILE 46  46  46  ILE ILE A . n 
A 1 47  VAL 47  47  47  VAL VAL A . n 
A 1 48  THR 48  48  48  THR THR A . n 
A 1 49  LEU 49  49  49  LEU LEU A . n 
A 1 50  PRO 50  50  50  PRO PRO A . n 
A 1 51  THR 51  51  51  THR THR A . n 
A 1 52  LEU 52  52  52  LEU LEU A . n 
A 1 53  ASN 53  53  53  ASN ASN A . n 
A 1 54  GLY 54  54  54  GLY GLY A . n 
A 1 55  VAL 55  55  55  VAL VAL A . n 
A 1 56  PRO 56  56  56  PRO PRO A . n 
A 1 57  ALA 57  57  57  ALA ALA A . n 
A 1 58  ALA 58  58  58  ALA ALA A . n 
A 1 59  ASP 59  59  59  ASP ASP A . n 
A 1 60  TYR 60  60  60  TYR TYR A . n 
A 1 61  ALA 61  61  61  ALA ALA A . n 
A 1 62  VAL 62  62  62  VAL VAL A . n 
A 1 63  GLU 63  63  63  GLU GLU A . n 
A 1 64  LEU 64  64  64  LEU LEU A . n 
A 1 65  GLY 65  65  65  GLY GLY A . n 
A 1 66  ARG 66  66  66  ARG ARG A . n 
A 1 67  ARG 67  67  67  ARG ARG A . n 
A 1 68  TRP 68  68  68  TRP TRP A . n 
A 1 69  GLY 69  69  69  GLY GLY A . n 
A 1 70  VAL 70  70  70  VAL VAL A . n 
A 1 71  GLY 71  71  71  GLY GLY A . n 
A 1 72  GLN 72  72  72  GLN GLN A . n 
A 1 73  LYS 73  73  73  LYS LYS A . n 
A 1 74  GLU 74  74  74  GLU GLU A . n 
A 1 75  TYR 75  75  75  TYR TYR A . n 
A 1 76  ASP 76  76  76  ASP ASP A . n 
A 1 77  ASN 77  77  77  ASN ASN A . n 
A 1 78  GLY 78  78  78  GLY GLY A . n 
A 1 79  VAL 79  79  79  VAL VAL A . n 
A 1 80  VAL 80  80  80  VAL VAL A . n 
A 1 81  ILE 81  81  81  ILE ILE A . n 
A 1 82  LEU 82  82  82  LEU LEU A . n 
A 1 83  VAL 83  83  83  VAL VAL A . n 
A 1 84  ALA 84  84  84  ALA ALA A . n 
A 1 85  ARG 85  85  85  ARG ARG A . n 
A 1 86  GLU 86  86  86  GLU GLU A . n 
A 1 87  GLU 87  87  87  GLU GLU A . n 
A 1 88  ARG 88  88  88  ARG ARG A . n 
A 1 89  GLU 89  89  89  GLU GLU A . n 
A 1 90  VAL 90  90  90  VAL VAL A . n 
A 1 91  PHE 91  91  91  PHE PHE A . n 
A 1 92  ILE 92  92  92  ILE ILE A . n 
A 1 93  ALA 93  93  93  ALA ALA A . n 
A 1 94  THR 94  94  94  THR THR A . n 
A 1 95  GLY 95  95  95  GLY GLY A . n 
A 1 96  TYR 96  96  96  TYR TYR A . n 
A 1 97  GLY 97  97  97  GLY GLY A . n 
A 1 98  LEU 98  98  98  LEU LEU A . n 
A 1 99  GLU 99  99  99  GLU GLU A . n 
A 1 100 GLY 100 100 100 GLY GLY A . n 
A 1 101 ALA 101 101 101 ALA ALA A . n 
A 1 102 ILE 102 102 102 ILE ILE A . n 
A 1 103 PRO 103 103 103 PRO PRO A . n 
A 1 104 ASP 104 104 104 ASP ASP A . n 
A 1 105 ALA 105 105 105 ALA ALA A . n 
A 1 106 LEU 106 106 106 LEU LEU A . n 
A 1 107 ALA 107 107 107 ALA ALA A . n 
A 1 108 GLY 108 108 108 GLY GLY A . n 
A 1 109 ARG 109 109 109 ARG ARG A . n 
A 1 110 ILE 110 110 110 ILE ILE A . n 
A 1 111 VAL 111 111 111 VAL VAL A . n 
A 1 112 ARG 112 112 112 ARG ARG A . n 
A 1 113 ASP 113 113 113 ASP ASP A . n 
A 1 114 ILE 114 114 114 ILE ILE A . n 
A 1 115 ILE 115 115 115 ILE ILE A . n 
A 1 116 VAL 116 116 116 VAL VAL A . n 
A 1 117 PRO 117 117 117 PRO PRO A . n 
A 1 118 ARG 118 118 118 ARG ARG A . n 
A 1 119 PHE 119 119 119 PHE PHE A . n 
A 1 120 ARG 120 120 120 ARG ARG A . n 
A 1 121 ARG 121 121 121 ARG ARG A . n 
A 1 122 GLY 122 122 122 GLY GLY A . n 
A 1 123 ASP 123 123 123 ASP ASP A . n 
A 1 124 PHE 124 124 124 PHE PHE A . n 
A 1 125 TYR 125 125 125 TYR TYR A . n 
A 1 126 GLY 126 126 126 GLY GLY A . n 
A 1 127 GLY 127 127 127 GLY GLY A . n 
A 1 128 LEU 128 128 128 LEU LEU A . n 
A 1 129 SER 129 129 129 SER SER A . n 
A 1 130 ALA 130 130 130 ALA ALA A . n 
A 1 131 ALA 131 131 131 ALA ALA A . n 
A 1 132 VAL 132 132 132 VAL VAL A . n 
A 1 133 ASP 133 133 133 ASP ASP A . n 
A 1 134 ALA 134 134 134 ALA ALA A . n 
A 1 135 ILE 135 135 135 ILE ILE A . n 
A 1 136 ILE 136 136 136 ILE ILE A . n 
A 1 137 ALA 137 137 137 ALA ALA A . n 
A 1 138 ALA 138 138 138 ALA ALA A . n 
A 1 139 ALA 139 139 139 ALA ALA A . n 
A 1 140 GLN 140 140 140 GLN GLN A . n 
A 1 141 GLY 141 141 141 GLY GLY A . n 
A 1 142 GLU 142 142 142 GLU GLU A . n 
A 1 143 PHE 143 143 143 PHE PHE A . n 
A 1 144 GLN 144 144 144 GLN GLN A . n 
A 1 145 PRO 145 145 145 PRO PRO A . n 
# 
_pdbx_contact_author.id                 3 
_pdbx_contact_author.email              maran@leloir.org.ar 
_pdbx_contact_author.name_first         Martin 
_pdbx_contact_author.name_last          Aran 
_pdbx_contact_author.name_mi            ? 
_pdbx_contact_author.role               'principal investigator/group leader' 
_pdbx_contact_author.identifier_ORCID   0000-0002-4004-6295 
# 
loop_
_pdbx_nonpoly_scheme.asym_id 
_pdbx_nonpoly_scheme.entity_id 
_pdbx_nonpoly_scheme.mon_id 
_pdbx_nonpoly_scheme.ndb_seq_num 
_pdbx_nonpoly_scheme.pdb_seq_num 
_pdbx_nonpoly_scheme.auth_seq_num 
_pdbx_nonpoly_scheme.pdb_mon_id 
_pdbx_nonpoly_scheme.auth_mon_id 
_pdbx_nonpoly_scheme.pdb_strand_id 
_pdbx_nonpoly_scheme.pdb_ins_code 
B 2 B3P 1   201 201 B3P B3P A . 
C 3 MG  1   202 1   MG  MG  A . 
D 4 HOH 1   301 136 HOH HOH A . 
D 4 HOH 2   302 144 HOH HOH A . 
D 4 HOH 3   303 96  HOH HOH A . 
D 4 HOH 4   304 69  HOH HOH A . 
D 4 HOH 5   305 159 HOH HOH A . 
D 4 HOH 6   306 17  HOH HOH A . 
D 4 HOH 7   307 142 HOH HOH A . 
D 4 HOH 8   308 63  HOH HOH A . 
D 4 HOH 9   309 102 HOH HOH A . 
D 4 HOH 10  310 19  HOH HOH A . 
D 4 HOH 11  311 77  HOH HOH A . 
D 4 HOH 12  312 72  HOH HOH A . 
D 4 HOH 13  313 61  HOH HOH A . 
D 4 HOH 14  314 109 HOH HOH A . 
D 4 HOH 15  315 20  HOH HOH A . 
D 4 HOH 16  316 47  HOH HOH A . 
D 4 HOH 17  317 100 HOH HOH A . 
D 4 HOH 18  318 65  HOH HOH A . 
D 4 HOH 19  319 148 HOH HOH A . 
D 4 HOH 20  320 101 HOH HOH A . 
D 4 HOH 21  321 4   HOH HOH A . 
D 4 HOH 22  322 14  HOH HOH A . 
D 4 HOH 23  323 68  HOH HOH A . 
D 4 HOH 24  324 127 HOH HOH A . 
D 4 HOH 25  325 12  HOH HOH A . 
D 4 HOH 26  326 87  HOH HOH A . 
D 4 HOH 27  327 45  HOH HOH A . 
D 4 HOH 28  328 23  HOH HOH A . 
D 4 HOH 29  329 35  HOH HOH A . 
D 4 HOH 30  330 13  HOH HOH A . 
D 4 HOH 31  331 1   HOH HOH A . 
D 4 HOH 32  332 117 HOH HOH A . 
D 4 HOH 33  333 43  HOH HOH A . 
D 4 HOH 34  334 52  HOH HOH A . 
D 4 HOH 35  335 18  HOH HOH A . 
D 4 HOH 36  336 76  HOH HOH A . 
D 4 HOH 37  337 40  HOH HOH A . 
D 4 HOH 38  338 24  HOH HOH A . 
D 4 HOH 39  339 99  HOH HOH A . 
D 4 HOH 40  340 123 HOH HOH A . 
D 4 HOH 41  341 64  HOH HOH A . 
D 4 HOH 42  342 15  HOH HOH A . 
D 4 HOH 43  343 135 HOH HOH A . 
D 4 HOH 44  344 32  HOH HOH A . 
D 4 HOH 45  345 7   HOH HOH A . 
D 4 HOH 46  346 56  HOH HOH A . 
D 4 HOH 47  347 104 HOH HOH A . 
D 4 HOH 48  348 9   HOH HOH A . 
D 4 HOH 49  349 126 HOH HOH A . 
D 4 HOH 50  350 71  HOH HOH A . 
D 4 HOH 51  351 46  HOH HOH A . 
D 4 HOH 52  352 31  HOH HOH A . 
D 4 HOH 53  353 103 HOH HOH A . 
D 4 HOH 54  354 36  HOH HOH A . 
D 4 HOH 55  355 37  HOH HOH A . 
D 4 HOH 56  356 2   HOH HOH A . 
D 4 HOH 57  357 156 HOH HOH A . 
D 4 HOH 58  358 50  HOH HOH A . 
D 4 HOH 59  359 26  HOH HOH A . 
D 4 HOH 60  360 39  HOH HOH A . 
D 4 HOH 61  361 8   HOH HOH A . 
D 4 HOH 62  362 5   HOH HOH A . 
D 4 HOH 63  363 44  HOH HOH A . 
D 4 HOH 64  364 66  HOH HOH A . 
D 4 HOH 65  365 147 HOH HOH A . 
D 4 HOH 66  366 86  HOH HOH A . 
D 4 HOH 67  367 48  HOH HOH A . 
D 4 HOH 68  368 22  HOH HOH A . 
D 4 HOH 69  369 138 HOH HOH A . 
D 4 HOH 70  370 53  HOH HOH A . 
D 4 HOH 71  371 33  HOH HOH A . 
D 4 HOH 72  372 16  HOH HOH A . 
D 4 HOH 73  373 34  HOH HOH A . 
D 4 HOH 74  374 131 HOH HOH A . 
D 4 HOH 75  375 158 HOH HOH A . 
D 4 HOH 76  376 81  HOH HOH A . 
D 4 HOH 77  377 149 HOH HOH A . 
D 4 HOH 78  378 3   HOH HOH A . 
D 4 HOH 79  379 57  HOH HOH A . 
D 4 HOH 80  380 157 HOH HOH A . 
D 4 HOH 81  381 143 HOH HOH A . 
D 4 HOH 82  382 84  HOH HOH A . 
D 4 HOH 83  383 51  HOH HOH A . 
D 4 HOH 84  384 27  HOH HOH A . 
D 4 HOH 85  385 41  HOH HOH A . 
D 4 HOH 86  386 29  HOH HOH A . 
D 4 HOH 87  387 154 HOH HOH A . 
D 4 HOH 88  388 10  HOH HOH A . 
D 4 HOH 89  389 55  HOH HOH A . 
D 4 HOH 90  390 120 HOH HOH A . 
D 4 HOH 91  391 128 HOH HOH A . 
D 4 HOH 92  392 79  HOH HOH A . 
D 4 HOH 93  393 30  HOH HOH A . 
D 4 HOH 94  394 62  HOH HOH A . 
D 4 HOH 95  395 111 HOH HOH A . 
D 4 HOH 96  396 98  HOH HOH A . 
D 4 HOH 97  397 137 HOH HOH A . 
D 4 HOH 98  398 105 HOH HOH A . 
D 4 HOH 99  399 94  HOH HOH A . 
D 4 HOH 100 400 150 HOH HOH A . 
D 4 HOH 101 401 70  HOH HOH A . 
D 4 HOH 102 402 106 HOH HOH A . 
D 4 HOH 103 403 97  HOH HOH A . 
D 4 HOH 104 404 145 HOH HOH A . 
D 4 HOH 105 405 38  HOH HOH A . 
D 4 HOH 106 406 129 HOH HOH A . 
D 4 HOH 107 407 25  HOH HOH A . 
D 4 HOH 108 408 122 HOH HOH A . 
D 4 HOH 109 409 73  HOH HOH A . 
D 4 HOH 110 410 78  HOH HOH A . 
D 4 HOH 111 411 114 HOH HOH A . 
D 4 HOH 112 412 59  HOH HOH A . 
D 4 HOH 113 413 83  HOH HOH A . 
D 4 HOH 114 414 152 HOH HOH A . 
D 4 HOH 115 415 92  HOH HOH A . 
D 4 HOH 116 416 133 HOH HOH A . 
D 4 HOH 117 417 132 HOH HOH A . 
D 4 HOH 118 418 108 HOH HOH A . 
D 4 HOH 119 419 146 HOH HOH A . 
D 4 HOH 120 420 153 HOH HOH A . 
D 4 HOH 121 421 60  HOH HOH A . 
D 4 HOH 122 422 139 HOH HOH A . 
D 4 HOH 123 423 134 HOH HOH A . 
D 4 HOH 124 424 118 HOH HOH A . 
D 4 HOH 125 425 113 HOH HOH A . 
D 4 HOH 126 426 58  HOH HOH A . 
D 4 HOH 127 427 141 HOH HOH A . 
D 4 HOH 128 428 90  HOH HOH A . 
D 4 HOH 129 429 112 HOH HOH A . 
D 4 HOH 130 430 116 HOH HOH A . 
D 4 HOH 131 431 119 HOH HOH A . 
D 4 HOH 132 432 75  HOH HOH A . 
D 4 HOH 133 433 88  HOH HOH A . 
D 4 HOH 134 434 93  HOH HOH A . 
D 4 HOH 135 435 130 HOH HOH A . 
D 4 HOH 136 436 74  HOH HOH A . 
D 4 HOH 137 437 54  HOH HOH A . 
D 4 HOH 138 438 155 HOH HOH A . 
D 4 HOH 139 439 115 HOH HOH A . 
D 4 HOH 140 440 110 HOH HOH A . 
D 4 HOH 141 441 107 HOH HOH A . 
D 4 HOH 142 442 95  HOH HOH A . 
D 4 HOH 143 443 67  HOH HOH A . 
D 4 HOH 144 444 85  HOH HOH A . 
D 4 HOH 145 445 140 HOH HOH A . 
D 4 HOH 146 446 121 HOH HOH A . 
D 4 HOH 147 447 11  HOH HOH A . 
# 
_pdbx_struct_assembly.id                   1 
_pdbx_struct_assembly.details              author_defined_assembly 
_pdbx_struct_assembly.method_details       ? 
_pdbx_struct_assembly.oligomeric_details   monomeric 
_pdbx_struct_assembly.oligomeric_count     1 
# 
_pdbx_struct_assembly_gen.assembly_id       1 
_pdbx_struct_assembly_gen.oper_expression   1 
_pdbx_struct_assembly_gen.asym_id_list      A,B,C,D 
# 
_pdbx_struct_oper_list.id                   1 
_pdbx_struct_oper_list.type                 'identity operation' 
_pdbx_struct_oper_list.name                 1_555 
_pdbx_struct_oper_list.symmetry_operation   x,y,z 
_pdbx_struct_oper_list.matrix[1][1]         1.0000000000 
_pdbx_struct_oper_list.matrix[1][2]         0.0000000000 
_pdbx_struct_oper_list.matrix[1][3]         0.0000000000 
_pdbx_struct_oper_list.vector[1]            0.0000000000 
_pdbx_struct_oper_list.matrix[2][1]         0.0000000000 
_pdbx_struct_oper_list.matrix[2][2]         1.0000000000 
_pdbx_struct_oper_list.matrix[2][3]         0.0000000000 
_pdbx_struct_oper_list.vector[2]            0.0000000000 
_pdbx_struct_oper_list.matrix[3][1]         0.0000000000 
_pdbx_struct_oper_list.matrix[3][2]         0.0000000000 
_pdbx_struct_oper_list.matrix[3][3]         1.0000000000 
_pdbx_struct_oper_list.vector[3]            0.0000000000 
# 
loop_
_pdbx_struct_conn_angle.id 
_pdbx_struct_conn_angle.ptnr1_label_atom_id 
_pdbx_struct_conn_angle.ptnr1_label_alt_id 
_pdbx_struct_conn_angle.ptnr1_label_asym_id 
_pdbx_struct_conn_angle.ptnr1_label_comp_id 
_pdbx_struct_conn_angle.ptnr1_label_seq_id 
_pdbx_struct_conn_angle.ptnr1_auth_atom_id 
_pdbx_struct_conn_angle.ptnr1_auth_asym_id 
_pdbx_struct_conn_angle.ptnr1_auth_comp_id 
_pdbx_struct_conn_angle.ptnr1_auth_seq_id 
_pdbx_struct_conn_angle.ptnr1_PDB_ins_code 
_pdbx_struct_conn_angle.ptnr1_symmetry 
_pdbx_struct_conn_angle.ptnr2_label_atom_id 
_pdbx_struct_conn_angle.ptnr2_label_alt_id 
_pdbx_struct_conn_angle.ptnr2_label_asym_id 
_pdbx_struct_conn_angle.ptnr2_label_comp_id 
_pdbx_struct_conn_angle.ptnr2_label_seq_id 
_pdbx_struct_conn_angle.ptnr2_auth_atom_id 
_pdbx_struct_conn_angle.ptnr2_auth_asym_id 
_pdbx_struct_conn_angle.ptnr2_auth_comp_id 
_pdbx_struct_conn_angle.ptnr2_auth_seq_id 
_pdbx_struct_conn_angle.ptnr2_PDB_ins_code 
_pdbx_struct_conn_angle.ptnr2_symmetry 
_pdbx_struct_conn_angle.ptnr3_label_atom_id 
_pdbx_struct_conn_angle.ptnr3_label_alt_id 
_pdbx_struct_conn_angle.ptnr3_label_asym_id 
_pdbx_struct_conn_angle.ptnr3_label_comp_id 
_pdbx_struct_conn_angle.ptnr3_label_seq_id 
_pdbx_struct_conn_angle.ptnr3_auth_atom_id 
_pdbx_struct_conn_angle.ptnr3_auth_asym_id 
_pdbx_struct_conn_angle.ptnr3_auth_comp_id 
_pdbx_struct_conn_angle.ptnr3_auth_seq_id 
_pdbx_struct_conn_angle.ptnr3_PDB_ins_code 
_pdbx_struct_conn_angle.ptnr3_symmetry 
_pdbx_struct_conn_angle.value 
_pdbx_struct_conn_angle.value_esd 
1  OD2 ? A ASP 16 ? A ASP 16  ? 1_555 MG ? C MG . ? A MG 202 ? 1_555 OD1 ? A ASP 19 ? A ASP 19  ? 1_555 99.9  ? 
2  OD2 ? A ASP 16 ? A ASP 16  ? 1_555 MG ? C MG . ? A MG 202 ? 1_555 O   ? A LEU 21 ? A LEU 21  ? 1_555 84.5  ? 
3  OD1 ? A ASP 19 ? A ASP 19  ? 1_555 MG ? C MG . ? A MG 202 ? 1_555 O   ? A LEU 21 ? A LEU 21  ? 1_555 86.2  ? 
4  OD2 ? A ASP 16 ? A ASP 16  ? 1_555 MG ? C MG . ? A MG 202 ? 1_555 OE2 ? A GLU 26 ? A GLU 26  ? 1_555 91.2  ? 
5  OD1 ? A ASP 19 ? A ASP 19  ? 1_555 MG ? C MG . ? A MG 202 ? 1_555 OE2 ? A GLU 26 ? A GLU 26  ? 1_555 166.6 ? 
6  O   ? A LEU 21 ? A LEU 21  ? 1_555 MG ? C MG . ? A MG 202 ? 1_555 OE2 ? A GLU 26 ? A GLU 26  ? 1_555 102.5 ? 
7  OD2 ? A ASP 16 ? A ASP 16  ? 1_555 MG ? C MG . ? A MG 202 ? 1_555 O   ? D HOH .  ? A HOH 355 ? 1_555 92.8  ? 
8  OD1 ? A ASP 19 ? A ASP 19  ? 1_555 MG ? C MG . ? A MG 202 ? 1_555 O   ? D HOH .  ? A HOH 355 ? 1_555 80.5  ? 
9  O   ? A LEU 21 ? A LEU 21  ? 1_555 MG ? C MG . ? A MG 202 ? 1_555 O   ? D HOH .  ? A HOH 355 ? 1_555 165.8 ? 
10 OE2 ? A GLU 26 ? A GLU 26  ? 1_555 MG ? C MG . ? A MG 202 ? 1_555 O   ? D HOH .  ? A HOH 355 ? 1_555 91.5  ? 
11 OD2 ? A ASP 16 ? A ASP 16  ? 1_555 MG ? C MG . ? A MG 202 ? 1_555 O   ? D HOH .  ? A HOH 396 ? 1_555 177.2 ? 
12 OD1 ? A ASP 19 ? A ASP 19  ? 1_555 MG ? C MG . ? A MG 202 ? 1_555 O   ? D HOH .  ? A HOH 396 ? 1_555 78.0  ? 
13 O   ? A LEU 21 ? A LEU 21  ? 1_555 MG ? C MG . ? A MG 202 ? 1_555 O   ? D HOH .  ? A HOH 396 ? 1_555 97.1  ? 
14 OE2 ? A GLU 26 ? A GLU 26  ? 1_555 MG ? C MG . ? A MG 202 ? 1_555 O   ? D HOH .  ? A HOH 396 ? 1_555 90.7  ? 
15 O   ? D HOH .  ? A HOH 355 ? 1_555 MG ? C MG . ? A MG 202 ? 1_555 O   ? D HOH .  ? A HOH 396 ? 1_555 85.1  ? 
# 
loop_
_pdbx_audit_revision_history.ordinal 
_pdbx_audit_revision_history.data_content_type 
_pdbx_audit_revision_history.major_revision 
_pdbx_audit_revision_history.minor_revision 
_pdbx_audit_revision_history.revision_date 
1 'Structure model' 1 0 2023-01-25 
2 'Structure model' 1 1 2023-10-25 
# 
_pdbx_audit_revision_details.ordinal             1 
_pdbx_audit_revision_details.revision_ordinal    1 
_pdbx_audit_revision_details.data_content_type   'Structure model' 
_pdbx_audit_revision_details.provider            repository 
_pdbx_audit_revision_details.type                'Initial release' 
_pdbx_audit_revision_details.description         ? 
_pdbx_audit_revision_details.details             ? 
# 
loop_
_pdbx_audit_revision_group.ordinal 
_pdbx_audit_revision_group.revision_ordinal 
_pdbx_audit_revision_group.data_content_type 
_pdbx_audit_revision_group.group 
1 2 'Structure model' 'Data collection'        
2 2 'Structure model' 'Refinement description' 
# 
loop_
_pdbx_audit_revision_category.ordinal 
_pdbx_audit_revision_category.revision_ordinal 
_pdbx_audit_revision_category.data_content_type 
_pdbx_audit_revision_category.category 
1 2 'Structure model' chem_comp_atom                
2 2 'Structure model' chem_comp_bond                
3 2 'Structure model' pdbx_initial_refinement_model 
# 
loop_
_software.citation_id 
_software.classification 
_software.compiler_name 
_software.compiler_version 
_software.contact_author 
_software.contact_author_email 
_software.date 
_software.description 
_software.dependencies 
_software.hardware 
_software.language 
_software.location 
_software.mods 
_software.name 
_software.os 
_software.os_version 
_software.type 
_software.version 
_software.pdbx_ordinal 
? refinement        ? ? ? ? ? ? ? ? ? ? ? REFMAC   ? ? ? 5.8.0258 1 
? 'data collection' ? ? ? ? ? ? ? ? ? ? ? MxCuBE   ? ? ? .        2 
? 'data scaling'    ? ? ? ? ? ? ? ? ? ? ? XDS      ? ? ? .        3 
? 'data reduction'  ? ? ? ? ? ? ? ? ? ? ? XDS      ? ? ? .        4 
? phasing           ? ? ? ? ? ? ? ? ? ? ? MoRDa    ? ? ? .        5 
? 'model building'  ? ? ? ? ? ? ? ? ? ? ? ARP/wARP ? ? ? .        6 
? 'model building'  ? ? ? ? ? ? ? ? ? ? ? Coot     ? ? ? .        7 
# 
_pdbx_entry_details.entry_id                 7TBR 
_pdbx_entry_details.has_ligand_of_interest   Y 
_pdbx_entry_details.compound_details         ? 
_pdbx_entry_details.source_details           ? 
_pdbx_entry_details.nonpolymer_details       ? 
_pdbx_entry_details.sequence_details         ? 
# 
loop_
_pdbx_validate_symm_contact.id 
_pdbx_validate_symm_contact.PDB_model_num 
_pdbx_validate_symm_contact.auth_atom_id_1 
_pdbx_validate_symm_contact.auth_asym_id_1 
_pdbx_validate_symm_contact.auth_comp_id_1 
_pdbx_validate_symm_contact.auth_seq_id_1 
_pdbx_validate_symm_contact.PDB_ins_code_1 
_pdbx_validate_symm_contact.label_alt_id_1 
_pdbx_validate_symm_contact.site_symmetry_1 
_pdbx_validate_symm_contact.auth_atom_id_2 
_pdbx_validate_symm_contact.auth_asym_id_2 
_pdbx_validate_symm_contact.auth_comp_id_2 
_pdbx_validate_symm_contact.auth_seq_id_2 
_pdbx_validate_symm_contact.PDB_ins_code_2 
_pdbx_validate_symm_contact.label_alt_id_2 
_pdbx_validate_symm_contact.site_symmetry_2 
_pdbx_validate_symm_contact.dist 
1 1 O  A HOH 349 ? ? 1_555 O A HOH 370 ? ? 4_445 1.92 
2 1 NE A ARG 31  ? ? 1_555 O A GLU 142 ? ? 2_556 2.19 
# 
loop_
_pdbx_validate_torsion.id 
_pdbx_validate_torsion.PDB_model_num 
_pdbx_validate_torsion.auth_comp_id 
_pdbx_validate_torsion.auth_asym_id 
_pdbx_validate_torsion.auth_seq_id 
_pdbx_validate_torsion.PDB_ins_code 
_pdbx_validate_torsion.label_alt_id 
_pdbx_validate_torsion.phi 
_pdbx_validate_torsion.psi 
1 1 ASP A 16  ? ? -101.03 71.10   
2 1 LYS A 73  ? ? 62.91   -118.79 
3 1 GLU A 142 ? ? -140.91 19.48   
# 
loop_
_pdbx_unobs_or_zero_occ_residues.id 
_pdbx_unobs_or_zero_occ_residues.PDB_model_num 
_pdbx_unobs_or_zero_occ_residues.polymer_flag 
_pdbx_unobs_or_zero_occ_residues.occupancy_flag 
_pdbx_unobs_or_zero_occ_residues.auth_asym_id 
_pdbx_unobs_or_zero_occ_residues.auth_comp_id 
_pdbx_unobs_or_zero_occ_residues.auth_seq_id 
_pdbx_unobs_or_zero_occ_residues.PDB_ins_code 
_pdbx_unobs_or_zero_occ_residues.label_asym_id 
_pdbx_unobs_or_zero_occ_residues.label_comp_id 
_pdbx_unobs_or_zero_occ_residues.label_seq_id 
1 1 Y 1 A GLY 1 ? A GLY 1 
2 1 Y 1 A MET 2 ? A MET 2 
3 1 Y 1 A GLN 3 ? A GLN 3 
# 
loop_
_chem_comp_atom.comp_id 
_chem_comp_atom.atom_id 
_chem_comp_atom.type_symbol 
_chem_comp_atom.pdbx_aromatic_flag 
_chem_comp_atom.pdbx_stereo_config 
_chem_comp_atom.pdbx_ordinal 
ALA N    N  N N 1   
ALA CA   C  N S 2   
ALA C    C  N N 3   
ALA O    O  N N 4   
ALA CB   C  N N 5   
ALA OXT  O  N N 6   
ALA H    H  N N 7   
ALA H2   H  N N 8   
ALA HA   H  N N 9   
ALA HB1  H  N N 10  
ALA HB2  H  N N 11  
ALA HB3  H  N N 12  
ALA HXT  H  N N 13  
ARG N    N  N N 14  
ARG CA   C  N S 15  
ARG C    C  N N 16  
ARG O    O  N N 17  
ARG CB   C  N N 18  
ARG CG   C  N N 19  
ARG CD   C  N N 20  
ARG NE   N  N N 21  
ARG CZ   C  N N 22  
ARG NH1  N  N N 23  
ARG NH2  N  N N 24  
ARG OXT  O  N N 25  
ARG H    H  N N 26  
ARG H2   H  N N 27  
ARG HA   H  N N 28  
ARG HB2  H  N N 29  
ARG HB3  H  N N 30  
ARG HG2  H  N N 31  
ARG HG3  H  N N 32  
ARG HD2  H  N N 33  
ARG HD3  H  N N 34  
ARG HE   H  N N 35  
ARG HH11 H  N N 36  
ARG HH12 H  N N 37  
ARG HH21 H  N N 38  
ARG HH22 H  N N 39  
ARG HXT  H  N N 40  
ASN N    N  N N 41  
ASN CA   C  N S 42  
ASN C    C  N N 43  
ASN O    O  N N 44  
ASN CB   C  N N 45  
ASN CG   C  N N 46  
ASN OD1  O  N N 47  
ASN ND2  N  N N 48  
ASN OXT  O  N N 49  
ASN H    H  N N 50  
ASN H2   H  N N 51  
ASN HA   H  N N 52  
ASN HB2  H  N N 53  
ASN HB3  H  N N 54  
ASN HD21 H  N N 55  
ASN HD22 H  N N 56  
ASN HXT  H  N N 57  
ASP N    N  N N 58  
ASP CA   C  N S 59  
ASP C    C  N N 60  
ASP O    O  N N 61  
ASP CB   C  N N 62  
ASP CG   C  N N 63  
ASP OD1  O  N N 64  
ASP OD2  O  N N 65  
ASP OXT  O  N N 66  
ASP H    H  N N 67  
ASP H2   H  N N 68  
ASP HA   H  N N 69  
ASP HB2  H  N N 70  
ASP HB3  H  N N 71  
ASP HD2  H  N N 72  
ASP HXT  H  N N 73  
B3P C1   C  N N 74  
B3P C2   C  N N 75  
B3P C3   C  N N 76  
B3P N1   N  N N 77  
B3P C4   C  N N 78  
B3P C5   C  N N 79  
B3P C6   C  N N 80  
B3P C7   C  N N 81  
B3P N2   N  N N 82  
B3P C8   C  N N 83  
B3P C9   C  N N 84  
B3P C10  C  N N 85  
B3P C11  C  N N 86  
B3P O1   O  N N 87  
B3P O2   O  N N 88  
B3P O3   O  N N 89  
B3P O4   O  N N 90  
B3P O5   O  N N 91  
B3P O6   O  N N 92  
B3P H11  H  N N 93  
B3P H12  H  N N 94  
B3P H21  H  N N 95  
B3P H22  H  N N 96  
B3P H31  H  N N 97  
B3P H32  H  N N 98  
B3P HN1  H  N N 99  
B3P H51  H  N N 100 
B3P H52  H  N N 101 
B3P H61  H  N N 102 
B3P H62  H  N N 103 
B3P H71  H  N N 104 
B3P H72  H  N N 105 
B3P HN2  H  N N 106 
B3P H91  H  N N 107 
B3P H92  H  N N 108 
B3P H101 H  N N 109 
B3P H102 H  N N 110 
B3P H111 H  N N 111 
B3P H112 H  N N 112 
B3P HO1  H  N N 113 
B3P HO2  H  N N 114 
B3P HO3  H  N N 115 
B3P HO4  H  N N 116 
B3P HO5  H  N N 117 
B3P HO6  H  N N 118 
GLN N    N  N N 119 
GLN CA   C  N S 120 
GLN C    C  N N 121 
GLN O    O  N N 122 
GLN CB   C  N N 123 
GLN CG   C  N N 124 
GLN CD   C  N N 125 
GLN OE1  O  N N 126 
GLN NE2  N  N N 127 
GLN OXT  O  N N 128 
GLN H    H  N N 129 
GLN H2   H  N N 130 
GLN HA   H  N N 131 
GLN HB2  H  N N 132 
GLN HB3  H  N N 133 
GLN HG2  H  N N 134 
GLN HG3  H  N N 135 
GLN HE21 H  N N 136 
GLN HE22 H  N N 137 
GLN HXT  H  N N 138 
GLU N    N  N N 139 
GLU CA   C  N S 140 
GLU C    C  N N 141 
GLU O    O  N N 142 
GLU CB   C  N N 143 
GLU CG   C  N N 144 
GLU CD   C  N N 145 
GLU OE1  O  N N 146 
GLU OE2  O  N N 147 
GLU OXT  O  N N 148 
GLU H    H  N N 149 
GLU H2   H  N N 150 
GLU HA   H  N N 151 
GLU HB2  H  N N 152 
GLU HB3  H  N N 153 
GLU HG2  H  N N 154 
GLU HG3  H  N N 155 
GLU HE2  H  N N 156 
GLU HXT  H  N N 157 
GLY N    N  N N 158 
GLY CA   C  N N 159 
GLY C    C  N N 160 
GLY O    O  N N 161 
GLY OXT  O  N N 162 
GLY H    H  N N 163 
GLY H2   H  N N 164 
GLY HA2  H  N N 165 
GLY HA3  H  N N 166 
GLY HXT  H  N N 167 
HOH O    O  N N 168 
HOH H1   H  N N 169 
HOH H2   H  N N 170 
ILE N    N  N N 171 
ILE CA   C  N S 172 
ILE C    C  N N 173 
ILE O    O  N N 174 
ILE CB   C  N S 175 
ILE CG1  C  N N 176 
ILE CG2  C  N N 177 
ILE CD1  C  N N 178 
ILE OXT  O  N N 179 
ILE H    H  N N 180 
ILE H2   H  N N 181 
ILE HA   H  N N 182 
ILE HB   H  N N 183 
ILE HG12 H  N N 184 
ILE HG13 H  N N 185 
ILE HG21 H  N N 186 
ILE HG22 H  N N 187 
ILE HG23 H  N N 188 
ILE HD11 H  N N 189 
ILE HD12 H  N N 190 
ILE HD13 H  N N 191 
ILE HXT  H  N N 192 
LEU N    N  N N 193 
LEU CA   C  N S 194 
LEU C    C  N N 195 
LEU O    O  N N 196 
LEU CB   C  N N 197 
LEU CG   C  N N 198 
LEU CD1  C  N N 199 
LEU CD2  C  N N 200 
LEU OXT  O  N N 201 
LEU H    H  N N 202 
LEU H2   H  N N 203 
LEU HA   H  N N 204 
LEU HB2  H  N N 205 
LEU HB3  H  N N 206 
LEU HG   H  N N 207 
LEU HD11 H  N N 208 
LEU HD12 H  N N 209 
LEU HD13 H  N N 210 
LEU HD21 H  N N 211 
LEU HD22 H  N N 212 
LEU HD23 H  N N 213 
LEU HXT  H  N N 214 
LYS N    N  N N 215 
LYS CA   C  N S 216 
LYS C    C  N N 217 
LYS O    O  N N 218 
LYS CB   C  N N 219 
LYS CG   C  N N 220 
LYS CD   C  N N 221 
LYS CE   C  N N 222 
LYS NZ   N  N N 223 
LYS OXT  O  N N 224 
LYS H    H  N N 225 
LYS H2   H  N N 226 
LYS HA   H  N N 227 
LYS HB2  H  N N 228 
LYS HB3  H  N N 229 
LYS HG2  H  N N 230 
LYS HG3  H  N N 231 
LYS HD2  H  N N 232 
LYS HD3  H  N N 233 
LYS HE2  H  N N 234 
LYS HE3  H  N N 235 
LYS HZ1  H  N N 236 
LYS HZ2  H  N N 237 
LYS HZ3  H  N N 238 
LYS HXT  H  N N 239 
MET N    N  N N 240 
MET CA   C  N S 241 
MET C    C  N N 242 
MET O    O  N N 243 
MET CB   C  N N 244 
MET CG   C  N N 245 
MET SD   S  N N 246 
MET CE   C  N N 247 
MET OXT  O  N N 248 
MET H    H  N N 249 
MET H2   H  N N 250 
MET HA   H  N N 251 
MET HB2  H  N N 252 
MET HB3  H  N N 253 
MET HG2  H  N N 254 
MET HG3  H  N N 255 
MET HE1  H  N N 256 
MET HE2  H  N N 257 
MET HE3  H  N N 258 
MET HXT  H  N N 259 
MG  MG   MG N N 260 
PHE N    N  N N 261 
PHE CA   C  N S 262 
PHE C    C  N N 263 
PHE O    O  N N 264 
PHE CB   C  N N 265 
PHE CG   C  Y N 266 
PHE CD1  C  Y N 267 
PHE CD2  C  Y N 268 
PHE CE1  C  Y N 269 
PHE CE2  C  Y N 270 
PHE CZ   C  Y N 271 
PHE OXT  O  N N 272 
PHE H    H  N N 273 
PHE H2   H  N N 274 
PHE HA   H  N N 275 
PHE HB2  H  N N 276 
PHE HB3  H  N N 277 
PHE HD1  H  N N 278 
PHE HD2  H  N N 279 
PHE HE1  H  N N 280 
PHE HE2  H  N N 281 
PHE HZ   H  N N 282 
PHE HXT  H  N N 283 
PRO N    N  N N 284 
PRO CA   C  N S 285 
PRO C    C  N N 286 
PRO O    O  N N 287 
PRO CB   C  N N 288 
PRO CG   C  N N 289 
PRO CD   C  N N 290 
PRO OXT  O  N N 291 
PRO H    H  N N 292 
PRO HA   H  N N 293 
PRO HB2  H  N N 294 
PRO HB3  H  N N 295 
PRO HG2  H  N N 296 
PRO HG3  H  N N 297 
PRO HD2  H  N N 298 
PRO HD3  H  N N 299 
PRO HXT  H  N N 300 
SER N    N  N N 301 
SER CA   C  N S 302 
SER C    C  N N 303 
SER O    O  N N 304 
SER CB   C  N N 305 
SER OG   O  N N 306 
SER OXT  O  N N 307 
SER H    H  N N 308 
SER H2   H  N N 309 
SER HA   H  N N 310 
SER HB2  H  N N 311 
SER HB3  H  N N 312 
SER HG   H  N N 313 
SER HXT  H  N N 314 
THR N    N  N N 315 
THR CA   C  N S 316 
THR C    C  N N 317 
THR O    O  N N 318 
THR CB   C  N R 319 
THR OG1  O  N N 320 
THR CG2  C  N N 321 
THR OXT  O  N N 322 
THR H    H  N N 323 
THR H2   H  N N 324 
THR HA   H  N N 325 
THR HB   H  N N 326 
THR HG1  H  N N 327 
THR HG21 H  N N 328 
THR HG22 H  N N 329 
THR HG23 H  N N 330 
THR HXT  H  N N 331 
TRP N    N  N N 332 
TRP CA   C  N S 333 
TRP C    C  N N 334 
TRP O    O  N N 335 
TRP CB   C  N N 336 
TRP CG   C  Y N 337 
TRP CD1  C  Y N 338 
TRP CD2  C  Y N 339 
TRP NE1  N  Y N 340 
TRP CE2  C  Y N 341 
TRP CE3  C  Y N 342 
TRP CZ2  C  Y N 343 
TRP CZ3  C  Y N 344 
TRP CH2  C  Y N 345 
TRP OXT  O  N N 346 
TRP H    H  N N 347 
TRP H2   H  N N 348 
TRP HA   H  N N 349 
TRP HB2  H  N N 350 
TRP HB3  H  N N 351 
TRP HD1  H  N N 352 
TRP HE1  H  N N 353 
TRP HE3  H  N N 354 
TRP HZ2  H  N N 355 
TRP HZ3  H  N N 356 
TRP HH2  H  N N 357 
TRP HXT  H  N N 358 
TYR N    N  N N 359 
TYR CA   C  N S 360 
TYR C    C  N N 361 
TYR O    O  N N 362 
TYR CB   C  N N 363 
TYR CG   C  Y N 364 
TYR CD1  C  Y N 365 
TYR CD2  C  Y N 366 
TYR CE1  C  Y N 367 
TYR CE2  C  Y N 368 
TYR CZ   C  Y N 369 
TYR OH   O  N N 370 
TYR OXT  O  N N 371 
TYR H    H  N N 372 
TYR H2   H  N N 373 
TYR HA   H  N N 374 
TYR HB2  H  N N 375 
TYR HB3  H  N N 376 
TYR HD1  H  N N 377 
TYR HD2  H  N N 378 
TYR HE1  H  N N 379 
TYR HE2  H  N N 380 
TYR HH   H  N N 381 
TYR HXT  H  N N 382 
VAL N    N  N N 383 
VAL CA   C  N S 384 
VAL C    C  N N 385 
VAL O    O  N N 386 
VAL CB   C  N N 387 
VAL CG1  C  N N 388 
VAL CG2  C  N N 389 
VAL OXT  O  N N 390 
VAL H    H  N N 391 
VAL H2   H  N N 392 
VAL HA   H  N N 393 
VAL HB   H  N N 394 
VAL HG11 H  N N 395 
VAL HG12 H  N N 396 
VAL HG13 H  N N 397 
VAL HG21 H  N N 398 
VAL HG22 H  N N 399 
VAL HG23 H  N N 400 
VAL HXT  H  N N 401 
# 
loop_
_chem_comp_bond.comp_id 
_chem_comp_bond.atom_id_1 
_chem_comp_bond.atom_id_2 
_chem_comp_bond.value_order 
_chem_comp_bond.pdbx_aromatic_flag 
_chem_comp_bond.pdbx_stereo_config 
_chem_comp_bond.pdbx_ordinal 
ALA N   CA   sing N N 1   
ALA N   H    sing N N 2   
ALA N   H2   sing N N 3   
ALA CA  C    sing N N 4   
ALA CA  CB   sing N N 5   
ALA CA  HA   sing N N 6   
ALA C   O    doub N N 7   
ALA C   OXT  sing N N 8   
ALA CB  HB1  sing N N 9   
ALA CB  HB2  sing N N 10  
ALA CB  HB3  sing N N 11  
ALA OXT HXT  sing N N 12  
ARG N   CA   sing N N 13  
ARG N   H    sing N N 14  
ARG N   H2   sing N N 15  
ARG CA  C    sing N N 16  
ARG CA  CB   sing N N 17  
ARG CA  HA   sing N N 18  
ARG C   O    doub N N 19  
ARG C   OXT  sing N N 20  
ARG CB  CG   sing N N 21  
ARG CB  HB2  sing N N 22  
ARG CB  HB3  sing N N 23  
ARG CG  CD   sing N N 24  
ARG CG  HG2  sing N N 25  
ARG CG  HG3  sing N N 26  
ARG CD  NE   sing N N 27  
ARG CD  HD2  sing N N 28  
ARG CD  HD3  sing N N 29  
ARG NE  CZ   sing N N 30  
ARG NE  HE   sing N N 31  
ARG CZ  NH1  sing N N 32  
ARG CZ  NH2  doub N N 33  
ARG NH1 HH11 sing N N 34  
ARG NH1 HH12 sing N N 35  
ARG NH2 HH21 sing N N 36  
ARG NH2 HH22 sing N N 37  
ARG OXT HXT  sing N N 38  
ASN N   CA   sing N N 39  
ASN N   H    sing N N 40  
ASN N   H2   sing N N 41  
ASN CA  C    sing N N 42  
ASN CA  CB   sing N N 43  
ASN CA  HA   sing N N 44  
ASN C   O    doub N N 45  
ASN C   OXT  sing N N 46  
ASN CB  CG   sing N N 47  
ASN CB  HB2  sing N N 48  
ASN CB  HB3  sing N N 49  
ASN CG  OD1  doub N N 50  
ASN CG  ND2  sing N N 51  
ASN ND2 HD21 sing N N 52  
ASN ND2 HD22 sing N N 53  
ASN OXT HXT  sing N N 54  
ASP N   CA   sing N N 55  
ASP N   H    sing N N 56  
ASP N   H2   sing N N 57  
ASP CA  C    sing N N 58  
ASP CA  CB   sing N N 59  
ASP CA  HA   sing N N 60  
ASP C   O    doub N N 61  
ASP C   OXT  sing N N 62  
ASP CB  CG   sing N N 63  
ASP CB  HB2  sing N N 64  
ASP CB  HB3  sing N N 65  
ASP CG  OD1  doub N N 66  
ASP CG  OD2  sing N N 67  
ASP OD2 HD2  sing N N 68  
ASP OXT HXT  sing N N 69  
B3P C1  C2   sing N N 70  
B3P C1  C3   sing N N 71  
B3P C1  H11  sing N N 72  
B3P C1  H12  sing N N 73  
B3P C2  N2   sing N N 74  
B3P C2  H21  sing N N 75  
B3P C2  H22  sing N N 76  
B3P C3  N1   sing N N 77  
B3P C3  H31  sing N N 78  
B3P C3  H32  sing N N 79  
B3P N1  C4   sing N N 80  
B3P N1  HN1  sing N N 81  
B3P C4  C5   sing N N 82  
B3P C4  C6   sing N N 83  
B3P C4  C7   sing N N 84  
B3P C5  O4   sing N N 85  
B3P C5  H51  sing N N 86  
B3P C5  H52  sing N N 87  
B3P C6  O5   sing N N 88  
B3P C6  H61  sing N N 89  
B3P C6  H62  sing N N 90  
B3P C7  O6   sing N N 91  
B3P C7  H71  sing N N 92  
B3P C7  H72  sing N N 93  
B3P N2  C8   sing N N 94  
B3P N2  HN2  sing N N 95  
B3P C8  C9   sing N N 96  
B3P C8  C10  sing N N 97  
B3P C8  C11  sing N N 98  
B3P C9  O1   sing N N 99  
B3P C9  H91  sing N N 100 
B3P C9  H92  sing N N 101 
B3P C10 O2   sing N N 102 
B3P C10 H101 sing N N 103 
B3P C10 H102 sing N N 104 
B3P C11 O3   sing N N 105 
B3P C11 H111 sing N N 106 
B3P C11 H112 sing N N 107 
B3P O1  HO1  sing N N 108 
B3P O2  HO2  sing N N 109 
B3P O3  HO3  sing N N 110 
B3P O4  HO4  sing N N 111 
B3P O5  HO5  sing N N 112 
B3P O6  HO6  sing N N 113 
GLN N   CA   sing N N 114 
GLN N   H    sing N N 115 
GLN N   H2   sing N N 116 
GLN CA  C    sing N N 117 
GLN CA  CB   sing N N 118 
GLN CA  HA   sing N N 119 
GLN C   O    doub N N 120 
GLN C   OXT  sing N N 121 
GLN CB  CG   sing N N 122 
GLN CB  HB2  sing N N 123 
GLN CB  HB3  sing N N 124 
GLN CG  CD   sing N N 125 
GLN CG  HG2  sing N N 126 
GLN CG  HG3  sing N N 127 
GLN CD  OE1  doub N N 128 
GLN CD  NE2  sing N N 129 
GLN NE2 HE21 sing N N 130 
GLN NE2 HE22 sing N N 131 
GLN OXT HXT  sing N N 132 
GLU N   CA   sing N N 133 
GLU N   H    sing N N 134 
GLU N   H2   sing N N 135 
GLU CA  C    sing N N 136 
GLU CA  CB   sing N N 137 
GLU CA  HA   sing N N 138 
GLU C   O    doub N N 139 
GLU C   OXT  sing N N 140 
GLU CB  CG   sing N N 141 
GLU CB  HB2  sing N N 142 
GLU CB  HB3  sing N N 143 
GLU CG  CD   sing N N 144 
GLU CG  HG2  sing N N 145 
GLU CG  HG3  sing N N 146 
GLU CD  OE1  doub N N 147 
GLU CD  OE2  sing N N 148 
GLU OE2 HE2  sing N N 149 
GLU OXT HXT  sing N N 150 
GLY N   CA   sing N N 151 
GLY N   H    sing N N 152 
GLY N   H2   sing N N 153 
GLY CA  C    sing N N 154 
GLY CA  HA2  sing N N 155 
GLY CA  HA3  sing N N 156 
GLY C   O    doub N N 157 
GLY C   OXT  sing N N 158 
GLY OXT HXT  sing N N 159 
HOH O   H1   sing N N 160 
HOH O   H2   sing N N 161 
ILE N   CA   sing N N 162 
ILE N   H    sing N N 163 
ILE N   H2   sing N N 164 
ILE CA  C    sing N N 165 
ILE CA  CB   sing N N 166 
ILE CA  HA   sing N N 167 
ILE C   O    doub N N 168 
ILE C   OXT  sing N N 169 
ILE CB  CG1  sing N N 170 
ILE CB  CG2  sing N N 171 
ILE CB  HB   sing N N 172 
ILE CG1 CD1  sing N N 173 
ILE CG1 HG12 sing N N 174 
ILE CG1 HG13 sing N N 175 
ILE CG2 HG21 sing N N 176 
ILE CG2 HG22 sing N N 177 
ILE CG2 HG23 sing N N 178 
ILE CD1 HD11 sing N N 179 
ILE CD1 HD12 sing N N 180 
ILE CD1 HD13 sing N N 181 
ILE OXT HXT  sing N N 182 
LEU N   CA   sing N N 183 
LEU N   H    sing N N 184 
LEU N   H2   sing N N 185 
LEU CA  C    sing N N 186 
LEU CA  CB   sing N N 187 
LEU CA  HA   sing N N 188 
LEU C   O    doub N N 189 
LEU C   OXT  sing N N 190 
LEU CB  CG   sing N N 191 
LEU CB  HB2  sing N N 192 
LEU CB  HB3  sing N N 193 
LEU CG  CD1  sing N N 194 
LEU CG  CD2  sing N N 195 
LEU CG  HG   sing N N 196 
LEU CD1 HD11 sing N N 197 
LEU CD1 HD12 sing N N 198 
LEU CD1 HD13 sing N N 199 
LEU CD2 HD21 sing N N 200 
LEU CD2 HD22 sing N N 201 
LEU CD2 HD23 sing N N 202 
LEU OXT HXT  sing N N 203 
LYS N   CA   sing N N 204 
LYS N   H    sing N N 205 
LYS N   H2   sing N N 206 
LYS CA  C    sing N N 207 
LYS CA  CB   sing N N 208 
LYS CA  HA   sing N N 209 
LYS C   O    doub N N 210 
LYS C   OXT  sing N N 211 
LYS CB  CG   sing N N 212 
LYS CB  HB2  sing N N 213 
LYS CB  HB3  sing N N 214 
LYS CG  CD   sing N N 215 
LYS CG  HG2  sing N N 216 
LYS CG  HG3  sing N N 217 
LYS CD  CE   sing N N 218 
LYS CD  HD2  sing N N 219 
LYS CD  HD3  sing N N 220 
LYS CE  NZ   sing N N 221 
LYS CE  HE2  sing N N 222 
LYS CE  HE3  sing N N 223 
LYS NZ  HZ1  sing N N 224 
LYS NZ  HZ2  sing N N 225 
LYS NZ  HZ3  sing N N 226 
LYS OXT HXT  sing N N 227 
MET N   CA   sing N N 228 
MET N   H    sing N N 229 
MET N   H2   sing N N 230 
MET CA  C    sing N N 231 
MET CA  CB   sing N N 232 
MET CA  HA   sing N N 233 
MET C   O    doub N N 234 
MET C   OXT  sing N N 235 
MET CB  CG   sing N N 236 
MET CB  HB2  sing N N 237 
MET CB  HB3  sing N N 238 
MET CG  SD   sing N N 239 
MET CG  HG2  sing N N 240 
MET CG  HG3  sing N N 241 
MET SD  CE   sing N N 242 
MET CE  HE1  sing N N 243 
MET CE  HE2  sing N N 244 
MET CE  HE3  sing N N 245 
MET OXT HXT  sing N N 246 
PHE N   CA   sing N N 247 
PHE N   H    sing N N 248 
PHE N   H2   sing N N 249 
PHE CA  C    sing N N 250 
PHE CA  CB   sing N N 251 
PHE CA  HA   sing N N 252 
PHE C   O    doub N N 253 
PHE C   OXT  sing N N 254 
PHE CB  CG   sing N N 255 
PHE CB  HB2  sing N N 256 
PHE CB  HB3  sing N N 257 
PHE CG  CD1  doub Y N 258 
PHE CG  CD2  sing Y N 259 
PHE CD1 CE1  sing Y N 260 
PHE CD1 HD1  sing N N 261 
PHE CD2 CE2  doub Y N 262 
PHE CD2 HD2  sing N N 263 
PHE CE1 CZ   doub Y N 264 
PHE CE1 HE1  sing N N 265 
PHE CE2 CZ   sing Y N 266 
PHE CE2 HE2  sing N N 267 
PHE CZ  HZ   sing N N 268 
PHE OXT HXT  sing N N 269 
PRO N   CA   sing N N 270 
PRO N   CD   sing N N 271 
PRO N   H    sing N N 272 
PRO CA  C    sing N N 273 
PRO CA  CB   sing N N 274 
PRO CA  HA   sing N N 275 
PRO C   O    doub N N 276 
PRO C   OXT  sing N N 277 
PRO CB  CG   sing N N 278 
PRO CB  HB2  sing N N 279 
PRO CB  HB3  sing N N 280 
PRO CG  CD   sing N N 281 
PRO CG  HG2  sing N N 282 
PRO CG  HG3  sing N N 283 
PRO CD  HD2  sing N N 284 
PRO CD  HD3  sing N N 285 
PRO OXT HXT  sing N N 286 
SER N   CA   sing N N 287 
SER N   H    sing N N 288 
SER N   H2   sing N N 289 
SER CA  C    sing N N 290 
SER CA  CB   sing N N 291 
SER CA  HA   sing N N 292 
SER C   O    doub N N 293 
SER C   OXT  sing N N 294 
SER CB  OG   sing N N 295 
SER CB  HB2  sing N N 296 
SER CB  HB3  sing N N 297 
SER OG  HG   sing N N 298 
SER OXT HXT  sing N N 299 
THR N   CA   sing N N 300 
THR N   H    sing N N 301 
THR N   H2   sing N N 302 
THR CA  C    sing N N 303 
THR CA  CB   sing N N 304 
THR CA  HA   sing N N 305 
THR C   O    doub N N 306 
THR C   OXT  sing N N 307 
THR CB  OG1  sing N N 308 
THR CB  CG2  sing N N 309 
THR CB  HB   sing N N 310 
THR OG1 HG1  sing N N 311 
THR CG2 HG21 sing N N 312 
THR CG2 HG22 sing N N 313 
THR CG2 HG23 sing N N 314 
THR OXT HXT  sing N N 315 
TRP N   CA   sing N N 316 
TRP N   H    sing N N 317 
TRP N   H2   sing N N 318 
TRP CA  C    sing N N 319 
TRP CA  CB   sing N N 320 
TRP CA  HA   sing N N 321 
TRP C   O    doub N N 322 
TRP C   OXT  sing N N 323 
TRP CB  CG   sing N N 324 
TRP CB  HB2  sing N N 325 
TRP CB  HB3  sing N N 326 
TRP CG  CD1  doub Y N 327 
TRP CG  CD2  sing Y N 328 
TRP CD1 NE1  sing Y N 329 
TRP CD1 HD1  sing N N 330 
TRP CD2 CE2  doub Y N 331 
TRP CD2 CE3  sing Y N 332 
TRP NE1 CE2  sing Y N 333 
TRP NE1 HE1  sing N N 334 
TRP CE2 CZ2  sing Y N 335 
TRP CE3 CZ3  doub Y N 336 
TRP CE3 HE3  sing N N 337 
TRP CZ2 CH2  doub Y N 338 
TRP CZ2 HZ2  sing N N 339 
TRP CZ3 CH2  sing Y N 340 
TRP CZ3 HZ3  sing N N 341 
TRP CH2 HH2  sing N N 342 
TRP OXT HXT  sing N N 343 
TYR N   CA   sing N N 344 
TYR N   H    sing N N 345 
TYR N   H2   sing N N 346 
TYR CA  C    sing N N 347 
TYR CA  CB   sing N N 348 
TYR CA  HA   sing N N 349 
TYR C   O    doub N N 350 
TYR C   OXT  sing N N 351 
TYR CB  CG   sing N N 352 
TYR CB  HB2  sing N N 353 
TYR CB  HB3  sing N N 354 
TYR CG  CD1  doub Y N 355 
TYR CG  CD2  sing Y N 356 
TYR CD1 CE1  sing Y N 357 
TYR CD1 HD1  sing N N 358 
TYR CD2 CE2  doub Y N 359 
TYR CD2 HD2  sing N N 360 
TYR CE1 CZ   doub Y N 361 
TYR CE1 HE1  sing N N 362 
TYR CE2 CZ   sing Y N 363 
TYR CE2 HE2  sing N N 364 
TYR CZ  OH   sing N N 365 
TYR OH  HH   sing N N 366 
TYR OXT HXT  sing N N 367 
VAL N   CA   sing N N 368 
VAL N   H    sing N N 369 
VAL N   H2   sing N N 370 
VAL CA  C    sing N N 371 
VAL CA  CB   sing N N 372 
VAL CA  HA   sing N N 373 
VAL C   O    doub N N 374 
VAL C   OXT  sing N N 375 
VAL CB  CG1  sing N N 376 
VAL CB  CG2  sing N N 377 
VAL CB  HB   sing N N 378 
VAL CG1 HG11 sing N N 379 
VAL CG1 HG12 sing N N 380 
VAL CG1 HG13 sing N N 381 
VAL CG2 HG21 sing N N 382 
VAL CG2 HG22 sing N N 383 
VAL CG2 HG23 sing N N 384 
VAL OXT HXT  sing N N 385 
# 
loop_
_pdbx_audit_support.funding_organization 
_pdbx_audit_support.country 
_pdbx_audit_support.grant_number 
_pdbx_audit_support.ordinal 
'Agencia Nacional de Promocion Cientifica y Tecnologica (FONCYT)' Argentina PICT-2017-1873 1 
'Agencia Nacional de Promocion Cientifica y Tecnologica (FONCYT)' Argentina PICT-2019-0033 2 
# 
_pdbx_entity_instance_feature.ordinal        1 
_pdbx_entity_instance_feature.comp_id        MG 
_pdbx_entity_instance_feature.asym_id        ? 
_pdbx_entity_instance_feature.seq_num        ? 
_pdbx_entity_instance_feature.auth_comp_id   MG 
_pdbx_entity_instance_feature.auth_asym_id   ? 
_pdbx_entity_instance_feature.auth_seq_num   ? 
_pdbx_entity_instance_feature.feature_type   'SUBJECT OF INVESTIGATION' 
_pdbx_entity_instance_feature.details        ? 
# 
loop_
_pdbx_entity_nonpoly.entity_id 
_pdbx_entity_nonpoly.name 
_pdbx_entity_nonpoly.comp_id 
2 '2-[3-(2-HYDROXY-1,1-DIHYDROXYMETHYL-ETHYLAMINO)-PROPYLAMINO]-2-HYDROXYMETHYL-PROPANE-1,3-DIOL' B3P 
3 'MAGNESIUM ION'                                                                                 MG  
4 water                                                                                           HOH 
# 
_pdbx_initial_refinement_model.id               1 
_pdbx_initial_refinement_model.entity_id_list   ? 
_pdbx_initial_refinement_model.type             'experimental model' 
_pdbx_initial_refinement_model.source_name      PDB 
_pdbx_initial_refinement_model.accession_code   5ANP 
_pdbx_initial_refinement_model.details          ? 
# 
_pdbx_struct_assembly_auth_evidence.id                     1 
_pdbx_struct_assembly_auth_evidence.assembly_id            1 
_pdbx_struct_assembly_auth_evidence.experimental_support   'gel filtration' 
_pdbx_struct_assembly_auth_evidence.details                ? 
# 
